data_7ZCC
#
_entry.id   7ZCC
#
_cell.length_a   109.733
_cell.length_b   109.733
_cell.length_c   192.191
_cell.angle_alpha   90.000
_cell.angle_beta   90.000
_cell.angle_gamma   120.000
#
_symmetry.space_group_name_H-M   'P 31 1 2'
#
loop_
_entity.id
_entity.type
_entity.pdbx_description
1 polymer 'Uncharacterized protein YxbC'
2 non-polymer 'MANGANESE (II) ION'
3 non-polymer N-OXALYLGLYCINE
4 non-polymer GLYCEROL
5 non-polymer 'SULFATE ION'
6 water water
#
_entity_poly.entity_id   1
_entity_poly.type   'polypeptide(L)'
_entity_poly.pdbx_seq_one_letter_code
;GSDKIHHHHHHMSAVTESVLESIISPVTMSEFLEEYWPVKPLVARGEVERFTSIPGFEKVRTLENVLAIYNNPVMVVGDA
VIEESEGITDRFLVSPAEALEWYEKGAALEFDFTDLFIPQVRRWIEKLKAELRLPAGTSSKAIVYAAKNGGGFKAHFDAY
TNLIFQIQGEKTWKLAKNENVSNPMQHYDLSEAPYYPDDLQSYWKGDPPKEDLPDAEIVNLTPGTMLYLPRGLWHSTKSD
QATLALNITFGQPAWLDLMLAALRKKLISDNRFRELAVNHQSLHESSKSELNGYLESLIQTLSENAETLTPEQIFQSQDS
DFDPYQSTQLVFRQLLTSYKF
;
_entity_poly.pdbx_strand_id   A,B,C,D
#
# COMPACT_ATOMS: atom_id res chain seq x y z
N GLU A 17 -35.77 -22.42 -19.20
CA GLU A 17 -34.81 -23.40 -19.65
C GLU A 17 -34.46 -23.23 -21.13
N SER A 18 -34.71 -22.06 -21.69
CA SER A 18 -34.62 -21.87 -23.14
C SER A 18 -33.59 -20.85 -23.58
N VAL A 19 -33.39 -19.78 -22.82
CA VAL A 19 -32.67 -18.59 -23.30
C VAL A 19 -31.30 -18.94 -23.93
N LEU A 20 -30.56 -19.82 -23.30
CA LEU A 20 -29.22 -20.13 -23.77
C LEU A 20 -29.16 -21.17 -24.89
N GLU A 21 -30.27 -21.87 -25.09
CA GLU A 21 -30.32 -23.09 -25.89
C GLU A 21 -29.71 -22.87 -27.25
N SER A 22 -30.17 -21.86 -28.00
CA SER A 22 -29.70 -21.70 -29.36
C SER A 22 -28.22 -21.33 -29.44
N ILE A 23 -27.67 -20.77 -28.39
CA ILE A 23 -26.26 -20.38 -28.37
C ILE A 23 -25.35 -21.53 -27.98
N ILE A 24 -25.74 -22.39 -27.03
CA ILE A 24 -24.84 -23.46 -26.63
C ILE A 24 -25.11 -24.76 -27.38
N SER A 25 -26.12 -24.79 -28.23
CA SER A 25 -26.43 -25.97 -29.01
C SER A 25 -25.17 -26.43 -29.74
N PRO A 26 -24.90 -27.75 -29.80
CA PRO A 26 -25.72 -28.89 -29.38
C PRO A 26 -25.76 -29.24 -27.89
N VAL A 27 -25.06 -28.49 -27.03
CA VAL A 27 -25.23 -28.71 -25.59
C VAL A 27 -26.63 -28.29 -25.19
N THR A 28 -27.30 -29.11 -24.39
CA THR A 28 -28.63 -28.80 -23.87
C THR A 28 -28.55 -28.07 -22.53
N MET A 29 -29.62 -27.36 -22.20
CA MET A 29 -29.63 -26.63 -20.93
C MET A 29 -29.48 -27.61 -19.75
N SER A 30 -30.11 -28.78 -19.84
CA SER A 30 -29.97 -29.77 -18.77
C SER A 30 -28.52 -30.22 -18.63
N GLU A 31 -27.86 -30.51 -19.75
CA GLU A 31 -26.44 -30.84 -19.68
C GLU A 31 -25.64 -29.69 -19.09
N PHE A 32 -25.96 -28.45 -19.48
CA PHE A 32 -25.20 -27.32 -18.94
C PHE A 32 -25.37 -27.25 -17.41
N LEU A 33 -26.58 -27.41 -16.92
CA LEU A 33 -26.83 -27.25 -15.49
C LEU A 33 -26.25 -28.39 -14.71
N GLU A 34 -26.26 -29.61 -15.25
CA GLU A 34 -25.74 -30.78 -14.54
C GLU A 34 -24.23 -30.99 -14.67
N GLU A 35 -23.63 -30.65 -15.79
CA GLU A 35 -22.26 -31.04 -16.08
C GLU A 35 -21.26 -29.89 -16.00
N TYR A 36 -21.71 -28.65 -16.15
CA TYR A 36 -20.80 -27.52 -16.24
C TYR A 36 -21.07 -26.51 -15.14
N TRP A 37 -22.22 -25.88 -15.14
CA TRP A 37 -22.61 -24.95 -14.08
C TRP A 37 -22.59 -25.65 -12.72
N PRO A 38 -22.04 -25.00 -11.66
CA PRO A 38 -21.37 -23.71 -11.62
C PRO A 38 -19.88 -23.87 -11.49
N VAL A 39 -19.27 -24.93 -12.01
CA VAL A 39 -17.89 -25.22 -11.66
C VAL A 39 -16.90 -25.39 -12.81
N LYS A 40 -17.38 -25.81 -13.98
CA LYS A 40 -16.48 -26.14 -15.06
C LYS A 40 -16.78 -25.31 -16.30
N PRO A 41 -15.75 -24.84 -17.00
CA PRO A 41 -15.95 -24.02 -18.20
C PRO A 41 -16.51 -24.79 -19.38
N LEU A 42 -17.22 -24.03 -20.22
CA LEU A 42 -17.72 -24.54 -21.49
C LEU A 42 -17.44 -23.58 -22.63
N VAL A 43 -17.01 -24.10 -23.78
CA VAL A 43 -16.75 -23.30 -24.98
C VAL A 43 -17.71 -23.74 -26.07
N ALA A 44 -18.55 -22.85 -26.55
CA ALA A 44 -19.54 -23.18 -27.58
C ALA A 44 -19.28 -22.33 -28.82
N ARG A 45 -18.89 -22.97 -29.91
CA ARG A 45 -18.54 -22.23 -31.12
C ARG A 45 -19.73 -22.27 -32.07
N GLY A 46 -19.86 -21.24 -32.91
CA GLY A 46 -20.93 -21.21 -33.90
C GLY A 46 -20.95 -19.88 -34.62
N GLU A 47 -22.01 -19.66 -35.39
CA GLU A 47 -22.13 -18.39 -36.13
C GLU A 47 -22.55 -17.24 -35.22
N VAL A 48 -21.97 -16.05 -35.43
CA VAL A 48 -22.25 -14.94 -34.52
C VAL A 48 -23.69 -14.44 -34.66
N GLU A 49 -24.37 -14.75 -35.78
CA GLU A 49 -25.79 -14.38 -35.87
C GLU A 49 -26.65 -15.07 -34.80
N ARG A 50 -26.25 -16.23 -34.28
CA ARG A 50 -26.83 -16.75 -33.05
C ARG A 50 -27.13 -15.65 -32.04
N PHE A 51 -26.12 -14.81 -31.77
CA PHE A 51 -26.21 -13.83 -30.71
C PHE A 51 -27.29 -12.79 -30.96
N THR A 52 -27.83 -12.69 -32.18
CA THR A 52 -28.92 -11.74 -32.41
C THR A 52 -30.09 -12.00 -31.46
N SER A 53 -30.16 -13.22 -30.89
CA SER A 53 -31.26 -13.52 -29.97
C SER A 53 -31.21 -12.67 -28.70
N ILE A 54 -30.04 -12.14 -28.32
CA ILE A 54 -29.93 -11.33 -27.10
C ILE A 54 -30.51 -9.93 -27.31
N PRO A 55 -31.50 -9.48 -26.55
CA PRO A 55 -32.05 -8.14 -26.81
C PRO A 55 -30.93 -7.11 -26.79
N GLY A 56 -30.96 -6.19 -27.73
CA GLY A 56 -30.02 -5.11 -27.74
C GLY A 56 -28.66 -5.47 -28.26
N PHE A 57 -28.46 -6.70 -28.75
CA PHE A 57 -27.17 -7.09 -29.28
C PHE A 57 -26.71 -6.21 -30.44
N GLU A 58 -27.63 -5.86 -31.35
CA GLU A 58 -27.26 -4.93 -32.42
C GLU A 58 -26.64 -3.64 -31.91
N LYS A 59 -27.09 -3.16 -30.75
CA LYS A 59 -26.59 -1.90 -30.24
C LYS A 59 -25.19 -2.03 -29.64
N VAL A 60 -24.66 -3.24 -29.39
CA VAL A 60 -23.29 -3.38 -28.87
C VAL A 60 -22.39 -4.19 -29.81
N ARG A 61 -22.73 -4.27 -31.09
CA ARG A 61 -22.07 -5.16 -32.02
C ARG A 61 -20.76 -4.61 -32.55
N THR A 62 -20.53 -3.31 -32.44
CA THR A 62 -19.25 -2.69 -32.73
C THR A 62 -18.84 -1.72 -31.61
N LEU A 63 -17.54 -1.41 -31.53
CA LEU A 63 -17.10 -0.44 -30.54
C LEU A 63 -17.68 0.95 -30.78
N GLU A 64 -17.83 1.32 -32.07
CA GLU A 64 -18.45 2.60 -32.39
C GLU A 64 -19.86 2.67 -31.75
N ASN A 65 -20.66 1.60 -31.93
CA ASN A 65 -22.03 1.62 -31.41
C ASN A 65 -22.01 1.70 -29.90
N VAL A 66 -21.12 0.94 -29.25
CA VAL A 66 -21.08 0.95 -27.80
C VAL A 66 -20.80 2.37 -27.32
N LEU A 67 -19.83 3.01 -27.96
CA LEU A 67 -19.43 4.34 -27.54
C LEU A 67 -20.55 5.32 -27.81
N ALA A 68 -21.34 5.09 -28.86
CA ALA A 68 -22.45 5.98 -29.14
C ALA A 68 -23.46 5.95 -28.01
N ILE A 69 -23.73 4.76 -27.43
CA ILE A 69 -24.85 4.66 -26.49
C ILE A 69 -24.42 4.71 -25.03
N TYR A 70 -23.15 4.48 -24.72
CA TYR A 70 -22.71 4.27 -23.35
C TYR A 70 -22.39 5.61 -22.71
N ASN A 71 -23.33 6.16 -21.91
CA ASN A 71 -23.18 7.50 -21.32
C ASN A 71 -22.86 7.33 -19.83
N ASN A 72 -21.59 6.98 -19.53
CA ASN A 72 -21.18 6.66 -18.17
C ASN A 72 -19.67 6.63 -18.16
N PRO A 73 -19.06 6.68 -16.98
CA PRO A 73 -17.60 6.42 -16.87
C PRO A 73 -17.20 5.07 -17.42
N VAL A 74 -16.07 5.05 -18.13
CA VAL A 74 -15.50 3.91 -18.78
C VAL A 74 -14.24 3.59 -18.02
N MET A 75 -14.03 2.31 -17.66
CA MET A 75 -12.80 1.89 -16.99
C MET A 75 -11.74 1.56 -18.04
N VAL A 76 -10.54 2.12 -17.86
CA VAL A 76 -9.40 1.81 -18.72
C VAL A 76 -8.31 1.17 -17.88
N VAL A 77 -7.69 0.12 -18.43
CA VAL A 77 -6.85 -0.80 -17.66
C VAL A 77 -5.59 -1.14 -18.47
N GLY A 78 -4.41 -0.85 -17.91
CA GLY A 78 -3.21 -1.40 -18.53
C GLY A 78 -1.96 -0.56 -18.34
N ASP A 79 -0.94 -0.97 -19.11
CA ASP A 79 0.38 -0.40 -18.97
C ASP A 79 0.36 1.09 -19.14
N ALA A 80 -0.48 1.60 -20.05
CA ALA A 80 -0.55 3.04 -20.29
C ALA A 80 -1.02 3.79 -19.05
N VAL A 81 -1.91 3.17 -18.26
CA VAL A 81 -2.39 3.77 -17.02
C VAL A 81 -1.32 3.71 -15.93
N ILE A 82 -0.60 2.58 -15.83
CA ILE A 82 0.54 2.48 -14.90
C ILE A 82 1.51 3.61 -15.18
N GLU A 83 1.76 3.89 -16.45
CA GLU A 83 2.71 4.93 -16.80
C GLU A 83 2.18 6.29 -16.40
N GLU A 84 0.95 6.59 -16.80
CA GLU A 84 0.36 7.90 -16.54
C GLU A 84 0.25 8.20 -15.07
N SER A 85 -0.04 7.18 -14.25
CA SER A 85 -0.17 7.36 -12.81
C SER A 85 1.14 7.21 -12.06
N GLU A 86 2.26 7.11 -12.76
CA GLU A 86 3.58 6.95 -12.15
C GLU A 86 3.63 5.75 -11.22
N GLY A 87 2.94 4.67 -11.61
CA GLY A 87 3.05 3.42 -10.91
C GLY A 87 1.98 3.17 -9.88
N ILE A 88 1.06 4.13 -9.67
CA ILE A 88 0.13 4.08 -8.55
C ILE A 88 -1.00 3.12 -8.84
N THR A 89 -1.48 3.10 -10.06
CA THR A 89 -2.61 2.23 -10.36
C THR A 89 -2.52 1.79 -11.82
N ASP A 90 -3.23 0.70 -12.14
CA ASP A 90 -3.32 0.21 -13.51
C ASP A 90 -4.69 0.50 -14.11
N ARG A 91 -5.53 1.24 -13.41
CA ARG A 91 -6.86 1.51 -13.93
C ARG A 91 -7.42 2.82 -13.40
N PHE A 92 -8.21 3.44 -14.25
CA PHE A 92 -9.07 4.48 -13.70
C PHE A 92 -10.27 4.67 -14.63
N LEU A 93 -11.21 5.52 -14.20
CA LEU A 93 -12.43 5.80 -14.96
C LEU A 93 -12.27 7.13 -15.70
N VAL A 94 -12.71 7.14 -16.95
CA VAL A 94 -12.66 8.31 -17.84
C VAL A 94 -13.97 8.48 -18.57
N SER A 95 -14.11 9.60 -19.28
CA SER A 95 -15.28 9.86 -20.10
C SER A 95 -15.31 8.97 -21.36
N PRO A 96 -16.52 8.67 -21.86
CA PRO A 96 -16.58 7.90 -23.11
C PRO A 96 -15.72 8.55 -24.20
N ALA A 97 -15.72 9.88 -24.24
CA ALA A 97 -14.95 10.64 -25.22
C ALA A 97 -13.46 10.50 -25.05
N GLU A 98 -12.98 10.21 -23.85
CA GLU A 98 -11.55 9.97 -23.66
C GLU A 98 -11.16 8.50 -23.73
N ALA A 99 -12.12 7.60 -23.67
CA ALA A 99 -11.79 6.18 -23.63
C ALA A 99 -11.04 5.70 -24.88
N LEU A 100 -11.40 6.23 -26.06
CA LEU A 100 -10.76 5.81 -27.30
C LEU A 100 -9.28 6.15 -27.32
N GLU A 101 -8.88 7.29 -26.74
CA GLU A 101 -7.45 7.57 -26.60
C GLU A 101 -6.71 6.44 -25.86
N TRP A 102 -7.28 6.01 -24.74
CA TRP A 102 -6.60 4.97 -23.97
C TRP A 102 -6.60 3.64 -24.72
N TYR A 103 -7.67 3.35 -25.43
CA TYR A 103 -7.77 2.15 -26.27
C TYR A 103 -6.66 2.12 -27.28
N GLU A 104 -6.39 3.26 -27.92
CA GLU A 104 -5.33 3.28 -28.91
C GLU A 104 -3.97 3.07 -28.25
N LYS A 105 -3.84 3.30 -26.97
CA LYS A 105 -2.60 3.00 -26.27
C LYS A 105 -2.57 1.58 -25.62
N GLY A 106 -3.53 0.74 -25.97
CA GLY A 106 -3.52 -0.63 -25.56
C GLY A 106 -4.16 -0.89 -24.24
N ALA A 107 -4.82 0.10 -23.65
CA ALA A 107 -5.61 -0.10 -22.44
C ALA A 107 -6.91 -0.84 -22.76
N ALA A 108 -7.24 -1.83 -21.95
CA ALA A 108 -8.52 -2.52 -22.09
C ALA A 108 -9.59 -1.57 -21.57
N LEU A 109 -10.71 -1.52 -22.30
CA LEU A 109 -11.87 -0.72 -21.92
C LEU A 109 -12.94 -1.64 -21.38
N GLU A 110 -13.54 -1.26 -20.26
CA GLU A 110 -14.59 -2.00 -19.58
C GLU A 110 -15.77 -1.05 -19.47
N PHE A 111 -16.85 -1.39 -20.15
CA PHE A 111 -18.09 -0.62 -20.14
C PHE A 111 -19.03 -1.36 -19.18
N ASP A 112 -18.91 -1.02 -17.91
CA ASP A 112 -19.60 -1.74 -16.83
C ASP A 112 -21.07 -1.30 -16.85
N PHE A 113 -21.96 -2.23 -16.48
CA PHE A 113 -23.41 -1.99 -16.45
C PHE A 113 -23.93 -1.44 -17.77
N THR A 114 -23.45 -2.06 -18.86
CA THR A 114 -23.91 -1.69 -20.19
C THR A 114 -25.43 -1.88 -20.31
N ASP A 115 -25.98 -2.79 -19.51
CA ASP A 115 -27.44 -2.99 -19.52
C ASP A 115 -28.21 -1.74 -19.07
N LEU A 116 -27.56 -0.71 -18.50
CA LEU A 116 -28.25 0.54 -18.23
C LEU A 116 -28.69 1.21 -19.52
N PHE A 117 -28.02 0.94 -20.62
CA PHE A 117 -28.23 1.67 -21.85
C PHE A 117 -28.88 0.80 -22.91
N ILE A 118 -28.97 -0.50 -22.63
CA ILE A 118 -29.83 -1.40 -23.38
C ILE A 118 -30.82 -2.05 -22.43
N PRO A 119 -31.74 -1.24 -21.85
CA PRO A 119 -32.71 -1.77 -20.87
C PRO A 119 -33.36 -3.06 -21.31
N GLN A 120 -33.46 -3.26 -22.63
CA GLN A 120 -34.11 -4.43 -23.17
C GLN A 120 -33.52 -5.68 -22.62
N VAL A 121 -32.21 -5.68 -22.40
CA VAL A 121 -31.58 -6.92 -21.97
C VAL A 121 -31.90 -7.32 -20.52
N ARG A 122 -32.41 -6.40 -19.68
N ARG A 122 -32.40 -6.40 -19.68
CA ARG A 122 -32.67 -6.75 -18.29
CA ARG A 122 -32.66 -6.75 -18.28
C ARG A 122 -33.63 -7.93 -18.22
C ARG A 122 -33.62 -7.93 -18.22
N ARG A 123 -34.72 -7.86 -18.97
CA ARG A 123 -35.68 -8.95 -18.96
C ARG A 123 -34.96 -10.26 -19.27
N TRP A 124 -34.11 -10.22 -20.31
CA TRP A 124 -33.33 -11.40 -20.67
C TRP A 124 -32.45 -11.88 -19.48
N ILE A 125 -31.69 -10.95 -18.91
CA ILE A 125 -30.80 -11.31 -17.81
C ILE A 125 -31.62 -11.90 -16.68
N GLU A 126 -32.81 -11.34 -16.41
CA GLU A 126 -33.63 -11.85 -15.31
C GLU A 126 -34.11 -13.26 -15.61
N LYS A 127 -34.39 -13.53 -16.88
CA LYS A 127 -34.84 -14.87 -17.23
C LYS A 127 -33.71 -15.86 -17.01
N LEU A 128 -32.51 -15.46 -17.44
CA LEU A 128 -31.34 -16.31 -17.27
C LEU A 128 -31.11 -16.58 -15.79
N LYS A 129 -31.19 -15.53 -14.97
CA LYS A 129 -31.01 -15.69 -13.53
C LYS A 129 -31.97 -16.73 -12.98
N ALA A 130 -33.23 -16.69 -13.44
CA ALA A 130 -34.23 -17.65 -13.00
C ALA A 130 -33.90 -19.06 -13.48
N GLU A 131 -33.49 -19.19 -14.74
CA GLU A 131 -33.10 -20.47 -15.32
C GLU A 131 -31.96 -21.12 -14.55
N LEU A 132 -31.02 -20.35 -14.11
CA LEU A 132 -29.86 -20.85 -13.39
C LEU A 132 -30.17 -21.09 -11.93
N ARG A 133 -31.37 -20.76 -11.49
CA ARG A 133 -31.85 -20.99 -10.12
C ARG A 133 -31.06 -20.15 -9.11
N LEU A 134 -30.61 -18.95 -9.54
CA LEU A 134 -29.90 -18.04 -8.66
C LEU A 134 -30.88 -17.35 -7.71
N PRO A 135 -30.48 -17.10 -6.47
CA PRO A 135 -31.30 -16.26 -5.58
C PRO A 135 -31.78 -15.02 -6.31
N ALA A 136 -32.99 -14.61 -5.98
CA ALA A 136 -33.57 -13.42 -6.60
C ALA A 136 -32.68 -12.15 -6.44
N GLY A 137 -32.05 -12.01 -5.29
CA GLY A 137 -31.18 -10.87 -5.01
C GLY A 137 -29.78 -10.88 -5.63
N THR A 138 -29.44 -11.94 -6.33
CA THR A 138 -28.13 -12.07 -6.95
C THR A 138 -27.84 -10.89 -7.88
N SER A 139 -26.61 -10.39 -7.80
CA SER A 139 -26.26 -9.28 -8.68
C SER A 139 -26.17 -9.77 -10.13
N SER A 140 -26.50 -8.88 -11.06
CA SER A 140 -26.49 -9.31 -12.45
C SER A 140 -26.40 -8.09 -13.33
N LYS A 141 -25.60 -8.18 -14.39
CA LYS A 141 -25.35 -7.03 -15.26
C LYS A 141 -24.75 -7.53 -16.57
N ALA A 142 -24.64 -6.59 -17.53
CA ALA A 142 -23.87 -6.79 -18.75
C ALA A 142 -22.66 -5.86 -18.73
N ILE A 143 -21.57 -6.33 -19.31
CA ILE A 143 -20.33 -5.57 -19.39
C ILE A 143 -19.80 -5.77 -20.80
N VAL A 144 -19.34 -4.72 -21.45
CA VAL A 144 -18.62 -4.88 -22.73
C VAL A 144 -17.13 -4.68 -22.51
N TYR A 145 -16.31 -5.56 -23.09
CA TYR A 145 -14.86 -5.46 -23.04
C TYR A 145 -14.29 -5.25 -24.44
N ALA A 146 -13.43 -4.24 -24.58
CA ALA A 146 -12.81 -3.92 -25.86
C ALA A 146 -11.34 -3.75 -25.63
N ALA A 147 -10.51 -4.25 -26.55
CA ALA A 147 -9.06 -4.06 -26.37
C ALA A 147 -8.40 -4.32 -27.71
N LYS A 148 -7.20 -3.80 -27.86
CA LYS A 148 -6.33 -4.07 -29.01
C LYS A 148 -4.88 -3.99 -28.55
N ASN A 149 -3.94 -4.28 -29.47
CA ASN A 149 -2.51 -3.96 -29.27
C ASN A 149 -1.95 -4.72 -28.07
N GLY A 150 -2.47 -5.91 -27.81
CA GLY A 150 -2.03 -6.74 -26.71
C GLY A 150 -2.64 -6.42 -25.36
N GLY A 151 -3.61 -5.51 -25.32
CA GLY A 151 -4.30 -5.20 -24.07
C GLY A 151 -5.18 -6.35 -23.56
N GLY A 152 -5.46 -6.28 -22.28
CA GLY A 152 -6.30 -7.29 -21.62
C GLY A 152 -6.03 -7.27 -20.13
N PHE A 153 -6.34 -8.38 -19.46
CA PHE A 153 -6.20 -8.53 -18.01
C PHE A 153 -5.25 -9.64 -17.63
N LYS A 154 -4.41 -9.37 -16.64
CA LYS A 154 -3.46 -10.38 -16.18
C LYS A 154 -4.16 -11.41 -15.30
N ALA A 155 -3.44 -12.52 -15.07
CA ALA A 155 -3.94 -13.72 -14.40
C ALA A 155 -4.61 -13.38 -13.08
N HIS A 156 -5.82 -13.89 -12.90
CA HIS A 156 -6.61 -13.62 -11.71
C HIS A 156 -7.79 -14.57 -11.69
N PHE A 157 -8.49 -14.57 -10.57
CA PHE A 157 -9.82 -15.18 -10.52
C PHE A 157 -10.78 -14.22 -9.83
N ASP A 158 -12.06 -14.39 -10.16
CA ASP A 158 -13.14 -13.54 -9.70
C ASP A 158 -14.07 -14.35 -8.79
N ALA A 159 -14.83 -13.62 -7.99
CA ALA A 159 -15.89 -14.21 -7.20
C ALA A 159 -17.20 -14.22 -7.98
N TYR A 160 -17.18 -13.81 -9.24
CA TYR A 160 -18.36 -13.74 -10.09
C TYR A 160 -18.24 -14.84 -11.15
N THR A 161 -19.34 -15.13 -11.84
CA THR A 161 -19.35 -16.02 -12.98
C THR A 161 -19.80 -15.24 -14.21
N ASN A 162 -19.36 -15.69 -15.37
CA ASN A 162 -19.57 -14.89 -16.56
C ASN A 162 -19.97 -15.77 -17.71
N LEU A 163 -20.94 -15.30 -18.53
N LEU A 163 -20.93 -15.30 -18.52
CA LEU A 163 -21.23 -15.83 -19.85
CA LEU A 163 -21.23 -15.83 -19.85
C LEU A 163 -20.67 -14.82 -20.83
C LEU A 163 -20.67 -14.82 -20.83
N ILE A 164 -19.71 -15.23 -21.66
CA ILE A 164 -18.93 -14.31 -22.47
C ILE A 164 -19.23 -14.59 -23.93
N PHE A 165 -19.61 -13.56 -24.68
CA PHE A 165 -20.02 -13.68 -26.08
C PHE A 165 -19.02 -12.90 -26.91
N GLN A 166 -18.18 -13.60 -27.66
CA GLN A 166 -17.17 -12.93 -28.46
C GLN A 166 -17.86 -12.39 -29.71
N ILE A 167 -17.80 -11.07 -29.90
CA ILE A 167 -18.49 -10.42 -31.01
C ILE A 167 -17.55 -10.12 -32.17
N GLN A 168 -16.37 -9.58 -31.87
CA GLN A 168 -15.43 -9.15 -32.88
C GLN A 168 -14.04 -9.61 -32.47
N GLY A 169 -13.27 -10.05 -33.45
CA GLY A 169 -11.86 -10.32 -33.24
C GLY A 169 -11.57 -11.66 -32.59
N GLU A 170 -10.28 -11.96 -32.53
CA GLU A 170 -9.75 -13.20 -31.96
C GLU A 170 -9.05 -12.85 -30.64
N LYS A 171 -9.56 -13.37 -29.53
CA LYS A 171 -9.06 -12.98 -28.21
C LYS A 171 -8.45 -14.20 -27.52
N THR A 172 -7.22 -14.05 -27.00
CA THR A 172 -6.52 -15.18 -26.41
C THR A 172 -6.88 -15.22 -24.93
N TRP A 173 -7.60 -16.25 -24.52
CA TRP A 173 -7.90 -16.54 -23.14
C TRP A 173 -6.94 -17.62 -22.63
N LYS A 174 -6.40 -17.41 -21.45
CA LYS A 174 -5.83 -18.51 -20.68
C LYS A 174 -6.85 -18.93 -19.61
N LEU A 175 -7.05 -20.23 -19.46
CA LEU A 175 -7.98 -20.79 -18.47
C LEU A 175 -7.23 -21.82 -17.67
N ALA A 176 -7.32 -21.78 -16.35
CA ALA A 176 -6.67 -22.77 -15.51
C ALA A 176 -7.53 -23.13 -14.30
N LYS A 177 -7.79 -24.43 -14.15
CA LYS A 177 -8.49 -24.97 -12.99
C LYS A 177 -7.88 -24.45 -11.70
N ASN A 178 -8.73 -24.02 -10.77
CA ASN A 178 -8.25 -23.52 -9.49
C ASN A 178 -8.03 -24.69 -8.52
N GLU A 179 -6.78 -24.97 -8.19
CA GLU A 179 -6.48 -26.05 -7.24
C GLU A 179 -6.25 -25.54 -5.82
N ASN A 180 -6.35 -24.23 -5.61
CA ASN A 180 -6.05 -23.60 -4.33
C ASN A 180 -7.27 -23.35 -3.46
N VAL A 181 -8.38 -22.91 -4.06
CA VAL A 181 -9.54 -22.52 -3.28
C VAL A 181 -10.78 -23.00 -4.01
N SER A 182 -11.71 -23.57 -3.25
N SER A 182 -11.72 -23.53 -3.24
CA SER A 182 -13.05 -23.86 -3.72
CA SER A 182 -13.05 -23.85 -3.73
C SER A 182 -14.03 -22.75 -3.33
C SER A 182 -14.03 -22.75 -3.32
N ASN A 183 -14.93 -22.37 -4.24
CA ASN A 183 -15.93 -21.35 -4.00
C ASN A 183 -15.37 -20.08 -3.35
N PRO A 184 -14.41 -19.45 -4.00
CA PRO A 184 -13.86 -18.20 -3.45
C PRO A 184 -14.93 -17.14 -3.39
N MET A 185 -14.84 -16.29 -2.37
CA MET A 185 -15.75 -15.20 -2.10
C MET A 185 -15.13 -13.83 -2.38
N GLN A 186 -13.93 -13.79 -2.91
CA GLN A 186 -13.38 -12.50 -3.31
C GLN A 186 -12.44 -12.69 -4.50
N HIS A 187 -12.09 -11.55 -5.11
CA HIS A 187 -11.20 -11.45 -6.26
C HIS A 187 -9.76 -11.71 -5.80
N TYR A 188 -8.95 -12.28 -6.68
CA TYR A 188 -7.52 -12.37 -6.38
C TYR A 188 -6.69 -12.28 -7.66
N ASP A 189 -5.66 -11.44 -7.63
CA ASP A 189 -4.68 -11.34 -8.71
C ASP A 189 -3.46 -12.20 -8.37
N LEU A 190 -3.09 -13.07 -9.31
CA LEU A 190 -1.94 -13.94 -9.12
C LEU A 190 -0.70 -13.13 -8.80
N SER A 191 -0.60 -11.90 -9.32
CA SER A 191 0.56 -11.05 -9.06
C SER A 191 0.71 -10.64 -7.59
N GLU A 192 -0.30 -10.83 -6.76
CA GLU A 192 -0.15 -10.44 -5.36
C GLU A 192 0.25 -11.60 -4.43
N ALA A 193 0.81 -12.66 -5.01
CA ALA A 193 1.11 -13.93 -4.36
C ALA A 193 1.88 -13.95 -3.05
N PRO A 194 2.63 -12.90 -2.69
CA PRO A 194 3.06 -12.84 -1.29
C PRO A 194 1.90 -12.67 -0.31
N TYR A 195 0.97 -11.81 -0.66
CA TYR A 195 -0.11 -11.39 0.20
C TYR A 195 -1.41 -12.14 -0.12
N TYR A 196 -2.16 -12.44 0.92
CA TYR A 196 -3.47 -13.05 0.76
C TYR A 196 -4.46 -12.37 1.69
N PRO A 197 -5.61 -11.92 1.18
CA PRO A 197 -6.69 -11.46 2.07
C PRO A 197 -7.00 -12.47 3.17
N ASP A 198 -7.34 -11.95 4.36
CA ASP A 198 -7.52 -12.79 5.55
C ASP A 198 -8.51 -13.92 5.30
N ASP A 199 -9.69 -13.57 4.75
CA ASP A 199 -10.72 -14.55 4.50
C ASP A 199 -10.22 -15.60 3.55
N LEU A 200 -9.71 -15.18 2.38
CA LEU A 200 -9.15 -16.13 1.43
C LEU A 200 -8.08 -17.01 2.09
N GLN A 201 -7.24 -16.39 2.93
CA GLN A 201 -6.20 -17.15 3.61
C GLN A 201 -6.79 -18.33 4.36
N SER A 202 -7.98 -18.14 4.96
CA SER A 202 -8.51 -19.18 5.85
C SER A 202 -8.99 -20.44 5.12
N TYR A 203 -9.01 -20.44 3.76
CA TYR A 203 -9.41 -21.65 3.03
C TYR A 203 -8.53 -21.88 1.80
N TRP A 204 -7.40 -21.17 1.67
CA TRP A 204 -6.42 -21.44 0.62
C TRP A 204 -5.57 -22.64 0.96
N LYS A 205 -5.38 -23.55 0.01
CA LYS A 205 -4.52 -24.72 0.19
C LYS A 205 -3.46 -24.78 -0.90
N GLY A 206 -2.27 -25.15 -0.53
CA GLY A 206 -1.21 -25.40 -1.50
C GLY A 206 -0.51 -24.14 -2.01
N ASP A 207 0.26 -24.34 -3.06
CA ASP A 207 1.05 -23.28 -3.69
C ASP A 207 0.28 -22.64 -4.85
N PRO A 208 0.38 -21.32 -5.02
CA PRO A 208 -0.27 -20.66 -6.16
C PRO A 208 0.23 -21.22 -7.48
N PRO A 209 -0.51 -21.04 -8.56
CA PRO A 209 -0.01 -21.46 -9.88
C PRO A 209 1.23 -20.68 -10.28
N LYS A 210 1.97 -21.27 -11.23
CA LYS A 210 3.22 -20.71 -11.72
C LYS A 210 2.97 -19.49 -12.60
N GLU A 211 4.00 -18.65 -12.72
CA GLU A 211 3.92 -17.41 -13.48
C GLU A 211 3.54 -17.67 -14.93
N ASP A 212 2.60 -16.87 -15.42
CA ASP A 212 2.10 -16.97 -16.79
C ASP A 212 1.22 -18.19 -16.99
N LEU A 213 0.79 -18.86 -15.90
CA LEU A 213 -0.04 -20.05 -15.92
C LEU A 213 0.46 -21.00 -17.01
N PRO A 214 1.64 -21.60 -16.83
CA PRO A 214 2.22 -22.42 -17.91
C PRO A 214 1.36 -23.61 -18.30
N ASP A 215 0.62 -24.16 -17.34
CA ASP A 215 -0.22 -25.34 -17.60
C ASP A 215 -1.63 -24.96 -18.04
N ALA A 216 -1.89 -23.68 -18.26
CA ALA A 216 -3.22 -23.27 -18.61
C ALA A 216 -3.64 -23.81 -19.98
N GLU A 217 -4.95 -23.95 -20.15
CA GLU A 217 -5.50 -24.15 -21.47
C GLU A 217 -5.50 -22.81 -22.18
N ILE A 218 -4.99 -22.75 -23.40
CA ILE A 218 -5.12 -21.54 -24.22
C ILE A 218 -6.34 -21.73 -25.13
N VAL A 219 -7.23 -20.76 -25.11
CA VAL A 219 -8.45 -20.83 -25.89
C VAL A 219 -8.51 -19.56 -26.70
N ASN A 220 -8.55 -19.67 -28.02
CA ASN A 220 -8.73 -18.48 -28.84
C ASN A 220 -10.21 -18.30 -29.10
N LEU A 221 -10.79 -17.22 -28.58
CA LEU A 221 -12.21 -16.94 -28.73
C LEU A 221 -12.38 -16.13 -30.01
N THR A 222 -13.15 -16.63 -30.93
CA THR A 222 -13.39 -15.98 -32.20
C THR A 222 -14.85 -15.56 -32.26
N PRO A 223 -15.23 -14.68 -33.19
CA PRO A 223 -16.63 -14.24 -33.23
C PRO A 223 -17.58 -15.42 -33.25
N GLY A 224 -18.61 -15.35 -32.41
CA GLY A 224 -19.61 -16.39 -32.26
C GLY A 224 -19.26 -17.43 -31.23
N THR A 225 -18.11 -17.32 -30.60
CA THR A 225 -17.73 -18.25 -29.55
C THR A 225 -18.27 -17.72 -28.21
N MET A 226 -18.95 -18.58 -27.46
CA MET A 226 -19.36 -18.21 -26.12
C MET A 226 -18.58 -19.04 -25.13
N LEU A 227 -18.08 -18.39 -24.09
CA LEU A 227 -17.33 -19.03 -23.04
C LEU A 227 -18.15 -18.90 -21.76
N TYR A 228 -18.42 -20.02 -21.12
CA TYR A 228 -18.89 -20.02 -19.75
C TYR A 228 -17.66 -20.07 -18.82
N LEU A 229 -17.53 -19.07 -17.96
CA LEU A 229 -16.38 -18.84 -17.11
C LEU A 229 -16.86 -18.97 -15.66
N PRO A 230 -16.64 -20.12 -15.01
CA PRO A 230 -17.12 -20.28 -13.62
C PRO A 230 -16.33 -19.44 -12.66
N ARG A 231 -16.98 -19.12 -11.55
CA ARG A 231 -16.35 -18.46 -10.44
C ARG A 231 -15.12 -19.22 -9.96
N GLY A 232 -14.05 -18.47 -9.74
CA GLY A 232 -12.84 -19.05 -9.20
C GLY A 232 -11.86 -19.60 -10.21
N LEU A 233 -12.28 -19.82 -11.45
CA LEU A 233 -11.36 -20.29 -12.48
C LEU A 233 -10.31 -19.22 -12.79
N TRP A 234 -9.04 -19.61 -12.75
CA TRP A 234 -7.96 -18.68 -13.14
C TRP A 234 -8.10 -18.31 -14.62
N HIS A 235 -7.94 -17.02 -14.92
CA HIS A 235 -7.92 -16.63 -16.32
C HIS A 235 -7.09 -15.38 -16.55
N SER A 236 -6.76 -15.19 -17.82
CA SER A 236 -6.14 -13.94 -18.29
C SER A 236 -6.45 -13.76 -19.77
N THR A 237 -6.29 -12.55 -20.28
CA THR A 237 -6.76 -12.24 -21.62
C THR A 237 -5.76 -11.35 -22.33
N LYS A 238 -5.71 -11.52 -23.63
CA LYS A 238 -4.82 -10.76 -24.49
C LYS A 238 -5.50 -10.57 -25.83
N SER A 239 -5.58 -9.32 -26.31
CA SER A 239 -6.11 -9.03 -27.65
C SER A 239 -4.96 -8.52 -28.53
N ASP A 240 -4.40 -9.39 -29.38
CA ASP A 240 -3.33 -8.95 -30.28
C ASP A 240 -3.80 -7.84 -31.20
N GLN A 241 -4.97 -8.03 -31.78
CA GLN A 241 -5.66 -7.08 -32.64
C GLN A 241 -7.01 -6.79 -32.00
N ALA A 242 -7.80 -5.91 -32.60
CA ALA A 242 -9.01 -5.41 -31.94
C ALA A 242 -9.98 -6.53 -31.62
N THR A 243 -10.54 -6.48 -30.40
CA THR A 243 -11.53 -7.45 -29.96
C THR A 243 -12.66 -6.72 -29.22
N LEU A 244 -13.83 -7.39 -29.23
CA LEU A 244 -15.06 -6.86 -28.65
C LEU A 244 -15.88 -8.02 -28.09
N ALA A 245 -16.22 -7.97 -26.82
CA ALA A 245 -16.99 -9.05 -26.22
C ALA A 245 -18.05 -8.51 -25.28
N LEU A 246 -19.13 -9.26 -25.19
CA LEU A 246 -20.23 -8.96 -24.29
C LEU A 246 -20.24 -10.00 -23.17
N ASN A 247 -20.22 -9.54 -21.92
CA ASN A 247 -20.32 -10.45 -20.78
C ASN A 247 -21.65 -10.22 -20.11
N ILE A 248 -22.23 -11.32 -19.64
CA ILE A 248 -23.34 -11.32 -18.69
C ILE A 248 -22.74 -11.90 -17.40
N THR A 249 -22.73 -11.09 -16.37
CA THR A 249 -21.96 -11.31 -15.15
C THR A 249 -22.96 -11.49 -14.02
N PHE A 250 -22.83 -12.63 -13.33
CA PHE A 250 -23.64 -12.93 -12.17
C PHE A 250 -22.83 -13.05 -10.87
N GLY A 251 -23.40 -12.49 -9.79
CA GLY A 251 -22.93 -12.83 -8.47
C GLY A 251 -23.06 -14.32 -8.20
N GLN A 252 -22.37 -14.76 -7.14
CA GLN A 252 -22.44 -16.12 -6.62
C GLN A 252 -22.65 -16.07 -5.11
N PRO A 253 -23.84 -15.63 -4.67
CA PRO A 253 -24.08 -15.56 -3.21
C PRO A 253 -24.02 -16.94 -2.63
N ALA A 254 -23.39 -17.03 -1.48
CA ALA A 254 -23.21 -18.27 -0.76
C ALA A 254 -24.34 -18.48 0.23
N TRP A 255 -24.52 -19.74 0.64
CA TRP A 255 -25.45 -20.00 1.73
C TRP A 255 -25.14 -19.10 2.92
N LEU A 256 -23.87 -18.88 3.23
CA LEU A 256 -23.49 -18.04 4.36
C LEU A 256 -24.09 -16.64 4.25
N ASP A 257 -24.10 -16.10 3.02
CA ASP A 257 -24.70 -14.78 2.77
C ASP A 257 -26.22 -14.78 3.12
N LEU A 258 -26.97 -15.78 2.64
CA LEU A 258 -28.40 -15.80 2.94
C LEU A 258 -28.62 -15.99 4.43
N MET A 259 -27.81 -16.86 5.06
CA MET A 259 -28.05 -17.17 6.46
C MET A 259 -27.73 -15.99 7.35
N LEU A 260 -26.64 -15.30 7.06
CA LEU A 260 -26.34 -14.14 7.89
C LEU A 260 -27.35 -13.04 7.65
N ALA A 261 -27.86 -12.89 6.41
CA ALA A 261 -28.97 -11.95 6.21
C ALA A 261 -30.19 -12.32 7.06
N ALA A 262 -30.56 -13.60 7.08
CA ALA A 262 -31.72 -14.03 7.84
C ALA A 262 -31.49 -13.76 9.34
N LEU A 263 -30.29 -14.06 9.82
CA LEU A 263 -30.04 -13.84 11.24
C LEU A 263 -30.05 -12.34 11.59
N ARG A 264 -29.51 -11.51 10.73
CA ARG A 264 -29.51 -10.07 10.98
C ARG A 264 -30.94 -9.55 11.05
N LYS A 265 -31.79 -10.06 10.18
CA LYS A 265 -33.18 -9.62 10.21
C LYS A 265 -33.87 -10.02 11.49
N LYS A 266 -33.52 -11.17 12.06
CA LYS A 266 -34.08 -11.53 13.36
C LYS A 266 -33.61 -10.61 14.46
N LEU A 267 -32.40 -10.11 14.38
CA LEU A 267 -31.82 -9.39 15.51
C LEU A 267 -31.95 -7.86 15.41
N ILE A 268 -32.06 -7.31 14.19
CA ILE A 268 -31.99 -5.86 13.99
C ILE A 268 -33.13 -5.19 14.70
N SER A 269 -34.20 -5.93 15.02
CA SER A 269 -35.36 -5.43 15.77
C SER A 269 -35.04 -5.14 17.23
N ASP A 270 -33.94 -5.65 17.76
CA ASP A 270 -33.60 -5.54 19.18
C ASP A 270 -32.59 -4.42 19.39
N ASN A 271 -32.97 -3.44 20.19
CA ASN A 271 -32.17 -2.23 20.31
C ASN A 271 -30.80 -2.52 20.89
N ARG A 272 -30.71 -3.54 21.74
CA ARG A 272 -29.40 -3.89 22.29
C ARG A 272 -28.39 -4.18 21.19
N PHE A 273 -28.84 -4.83 20.11
CA PHE A 273 -27.95 -5.15 19.00
C PHE A 273 -27.64 -3.95 18.11
N ARG A 274 -28.48 -2.91 18.13
CA ARG A 274 -28.24 -1.72 17.31
C ARG A 274 -27.37 -0.69 18.02
N GLU A 275 -27.11 -0.86 19.30
CA GLU A 275 -26.31 0.11 20.02
C GLU A 275 -24.89 0.18 19.46
N LEU A 276 -24.33 1.38 19.57
CA LEU A 276 -23.00 1.67 19.07
C LEU A 276 -21.95 0.82 19.74
N ALA A 277 -21.11 0.19 18.93
CA ALA A 277 -19.94 -0.55 19.35
C ALA A 277 -18.80 0.39 19.69
N VAL A 278 -17.78 -0.14 20.36
CA VAL A 278 -16.70 0.68 20.91
C VAL A 278 -15.35 0.06 20.57
N ASN A 279 -14.31 0.89 20.60
CA ASN A 279 -12.96 0.42 20.44
C ASN A 279 -12.52 -0.16 21.77
N HIS A 280 -12.16 -1.44 21.76
CA HIS A 280 -11.87 -2.21 22.97
C HIS A 280 -10.74 -1.59 23.79
N GLN A 281 -9.58 -1.39 23.17
CA GLN A 281 -8.38 -0.94 23.87
C GLN A 281 -8.33 0.57 24.06
N SER A 282 -9.46 1.26 23.89
CA SER A 282 -9.56 2.67 24.23
C SER A 282 -10.15 2.92 25.61
N LEU A 283 -10.82 1.92 26.20
CA LEU A 283 -11.59 2.12 27.42
C LEU A 283 -10.84 1.60 28.64
N HIS A 284 -11.36 1.98 29.82
CA HIS A 284 -10.70 1.73 31.09
C HIS A 284 -10.78 0.26 31.49
N GLU A 285 -10.04 -0.10 32.53
CA GLU A 285 -10.09 -1.47 33.04
C GLU A 285 -11.48 -1.79 33.58
N SER A 286 -12.06 -0.87 34.36
CA SER A 286 -13.43 -1.05 34.83
C SER A 286 -14.40 -1.16 33.65
N SER A 287 -14.28 -0.26 32.67
CA SER A 287 -15.12 -0.33 31.48
C SER A 287 -14.84 -1.61 30.68
N LYS A 288 -13.57 -2.02 30.60
CA LYS A 288 -13.23 -3.23 29.87
C LYS A 288 -13.85 -4.47 30.52
N SER A 289 -14.02 -4.46 31.83
CA SER A 289 -14.71 -5.59 32.47
C SER A 289 -16.22 -5.47 32.29
N GLU A 290 -16.75 -4.25 32.34
CA GLU A 290 -18.19 -4.04 32.19
C GLU A 290 -18.69 -4.37 30.79
N LEU A 291 -17.82 -4.31 29.78
CA LEU A 291 -18.24 -4.68 28.43
C LEU A 291 -18.36 -6.19 28.26
N ASN A 292 -17.50 -6.96 28.96
CA ASN A 292 -17.46 -8.40 28.78
C ASN A 292 -18.81 -9.04 29.11
N GLY A 293 -19.41 -8.62 30.23
CA GLY A 293 -20.67 -9.21 30.64
C GLY A 293 -21.80 -8.88 29.68
N TYR A 294 -21.87 -7.62 29.26
CA TYR A 294 -22.87 -7.21 28.27
C TYR A 294 -22.72 -8.04 27.00
N LEU A 295 -21.49 -8.18 26.49
CA LEU A 295 -21.26 -8.92 25.26
C LEU A 295 -21.55 -10.41 25.45
N GLU A 296 -21.21 -10.99 26.60
CA GLU A 296 -21.58 -12.39 26.85
C GLU A 296 -23.10 -12.59 26.80
N SER A 297 -23.85 -11.67 27.38
CA SER A 297 -25.31 -11.71 27.29
C SER A 297 -25.80 -11.60 25.84
N LEU A 298 -25.25 -10.63 25.09
CA LEU A 298 -25.67 -10.51 23.69
C LEU A 298 -25.34 -11.78 22.92
N ILE A 299 -24.21 -12.39 23.22
CA ILE A 299 -23.83 -13.61 22.51
C ILE A 299 -24.85 -14.71 22.80
N GLN A 300 -25.32 -14.79 24.05
CA GLN A 300 -26.36 -15.76 24.35
C GLN A 300 -27.60 -15.52 23.50
N THR A 301 -28.01 -14.27 23.36
CA THR A 301 -29.24 -13.98 22.63
C THR A 301 -29.06 -14.26 21.14
N LEU A 302 -27.92 -13.85 20.58
N LEU A 302 -27.91 -13.88 20.58
CA LEU A 302 -27.61 -14.20 19.19
CA LEU A 302 -27.59 -14.22 19.20
C LEU A 302 -27.70 -15.71 18.99
C LEU A 302 -27.67 -15.72 18.98
N SER A 303 -27.07 -16.50 19.87
CA SER A 303 -27.11 -17.96 19.73
C SER A 303 -28.54 -18.49 19.78
N GLU A 304 -29.36 -17.95 20.68
CA GLU A 304 -30.74 -18.42 20.80
C GLU A 304 -31.51 -18.13 19.52
N ASN A 305 -31.27 -16.97 18.91
CA ASN A 305 -31.98 -16.67 17.69
C ASN A 305 -31.44 -17.48 16.52
N ALA A 306 -30.16 -17.84 16.58
CA ALA A 306 -29.60 -18.69 15.53
C ALA A 306 -30.23 -20.07 15.57
N GLU A 307 -30.45 -20.60 16.79
CA GLU A 307 -31.11 -21.88 16.97
C GLU A 307 -32.54 -21.85 16.47
N THR A 308 -33.18 -20.69 16.37
CA THR A 308 -34.53 -20.57 15.86
C THR A 308 -34.57 -20.59 14.33
N LEU A 309 -33.42 -20.47 13.68
CA LEU A 309 -33.41 -20.28 12.24
C LEU A 309 -33.97 -21.50 11.53
N THR A 310 -34.78 -21.26 10.52
CA THR A 310 -35.36 -22.31 9.71
C THR A 310 -34.96 -22.18 8.23
N PRO A 311 -35.04 -23.30 7.49
CA PRO A 311 -34.81 -23.16 6.02
C PRO A 311 -35.71 -22.13 5.39
N GLU A 312 -36.99 -22.06 5.81
CA GLU A 312 -37.91 -21.08 5.25
C GLU A 312 -37.39 -19.65 5.41
N GLN A 313 -36.86 -19.30 6.60
CA GLN A 313 -36.31 -17.98 6.82
C GLN A 313 -35.11 -17.70 5.93
N ILE A 314 -34.27 -18.71 5.68
CA ILE A 314 -33.14 -18.53 4.76
C ILE A 314 -33.64 -18.22 3.35
N PHE A 315 -34.64 -18.96 2.89
CA PHE A 315 -35.18 -18.69 1.57
C PHE A 315 -35.90 -17.36 1.53
N GLN A 316 -36.60 -16.98 2.60
CA GLN A 316 -37.23 -15.68 2.71
C GLN A 316 -36.22 -14.55 2.66
N SER A 317 -34.94 -14.82 2.82
N SER A 317 -34.93 -14.82 2.74
CA SER A 317 -33.95 -13.76 2.66
CA SER A 317 -33.96 -13.73 2.61
C SER A 317 -33.25 -13.77 1.29
C SER A 317 -33.28 -13.73 1.26
N GLN A 318 -33.74 -14.55 0.33
CA GLN A 318 -33.03 -14.67 -0.95
C GLN A 318 -33.06 -13.40 -1.82
N ASP A 319 -33.93 -12.45 -1.47
CA ASP A 319 -34.03 -11.17 -2.14
C ASP A 319 -33.22 -10.07 -1.48
N SER A 320 -32.36 -10.39 -0.52
CA SER A 320 -31.52 -9.39 0.12
C SER A 320 -30.38 -8.98 -0.82
N ASP A 321 -29.65 -7.93 -0.37
CA ASP A 321 -28.48 -7.44 -1.09
C ASP A 321 -27.27 -8.20 -0.59
N PHE A 322 -26.73 -9.10 -1.44
CA PHE A 322 -25.54 -9.86 -1.04
C PHE A 322 -24.25 -9.28 -1.58
N ASP A 323 -24.32 -8.14 -2.24
CA ASP A 323 -23.19 -7.59 -2.98
C ASP A 323 -23.32 -6.07 -2.97
N PRO A 324 -23.05 -5.46 -1.81
CA PRO A 324 -23.14 -3.99 -1.71
C PRO A 324 -22.16 -3.26 -2.63
N TYR A 325 -21.03 -3.86 -2.96
CA TYR A 325 -20.10 -3.25 -3.90
C TYR A 325 -20.74 -3.07 -5.28
N GLN A 326 -21.45 -4.08 -5.76
CA GLN A 326 -22.13 -3.94 -7.03
C GLN A 326 -23.34 -3.01 -6.91
N SER A 327 -24.18 -3.21 -5.87
CA SER A 327 -25.41 -2.41 -5.79
C SER A 327 -25.08 -0.91 -5.67
N THR A 328 -24.05 -0.59 -4.92
CA THR A 328 -23.62 0.78 -4.75
C THR A 328 -23.16 1.36 -6.07
N GLN A 329 -22.37 0.58 -6.83
CA GLN A 329 -21.91 1.12 -8.11
C GLN A 329 -23.08 1.34 -9.05
N LEU A 330 -24.05 0.43 -9.05
CA LEU A 330 -25.22 0.60 -9.91
C LEU A 330 -25.94 1.90 -9.58
N VAL A 331 -26.18 2.15 -8.29
CA VAL A 331 -26.96 3.35 -7.97
C VAL A 331 -26.19 4.60 -8.43
N PHE A 332 -24.88 4.63 -8.13
CA PHE A 332 -24.05 5.77 -8.55
C PHE A 332 -24.13 6.00 -10.06
N ARG A 333 -23.97 4.92 -10.81
CA ARG A 333 -23.99 5.02 -12.26
C ARG A 333 -25.35 5.43 -12.78
N GLN A 334 -26.43 4.94 -12.16
CA GLN A 334 -27.77 5.37 -12.53
C GLN A 334 -27.92 6.87 -12.37
N LEU A 335 -27.34 7.43 -11.33
CA LEU A 335 -27.39 8.86 -11.18
C LEU A 335 -26.53 9.60 -12.20
N LEU A 336 -25.66 8.90 -12.93
CA LEU A 336 -24.90 9.56 -14.01
C LEU A 336 -25.35 9.29 -15.48
N THR A 337 -26.50 8.66 -15.71
CA THR A 337 -26.84 8.18 -17.06
C THR A 337 -27.10 9.32 -18.04
N SER A 338 -27.59 10.47 -17.57
CA SER A 338 -27.76 11.64 -18.44
C SER A 338 -26.72 12.72 -18.13
N TYR A 339 -25.53 12.31 -17.69
CA TYR A 339 -24.46 13.26 -17.39
C TYR A 339 -23.73 13.66 -18.67
N LYS A 340 -23.50 14.98 -18.83
CA LYS A 340 -22.85 15.52 -20.03
C LYS A 340 -21.33 15.43 -19.85
N PHE A 341 -20.75 14.32 -20.32
CA PHE A 341 -19.31 14.09 -20.22
C PHE A 341 -18.56 14.86 -21.31
N VAL B 15 -0.83 25.94 24.61
CA VAL B 15 -1.40 24.76 25.24
C VAL B 15 -1.27 23.55 24.32
N THR B 16 -0.84 22.41 24.87
CA THR B 16 -0.75 21.17 24.11
C THR B 16 -2.15 20.55 24.10
N GLU B 17 -2.90 20.87 23.05
CA GLU B 17 -4.31 20.51 22.93
C GLU B 17 -4.53 19.80 21.61
N SER B 18 -5.55 18.94 21.58
CA SER B 18 -5.95 18.32 20.32
C SER B 18 -6.74 19.33 19.50
N VAL B 19 -6.86 19.06 18.21
CA VAL B 19 -7.64 19.95 17.35
C VAL B 19 -9.08 20.03 17.85
N LEU B 20 -9.69 18.87 18.16
CA LEU B 20 -11.06 18.85 18.69
C LEU B 20 -11.17 19.67 19.99
N GLU B 21 -10.27 19.42 20.94
CA GLU B 21 -10.25 20.17 22.21
C GLU B 21 -10.15 21.66 21.94
N SER B 22 -9.22 22.06 21.06
CA SER B 22 -9.08 23.46 20.69
C SER B 22 -10.42 24.06 20.24
N ILE B 23 -11.24 23.27 19.57
CA ILE B 23 -12.47 23.80 18.99
C ILE B 23 -13.60 23.85 20.03
N ILE B 24 -13.72 22.85 20.90
CA ILE B 24 -14.86 22.90 21.82
C ILE B 24 -14.53 23.57 23.16
N SER B 25 -13.26 23.92 23.38
CA SER B 25 -12.88 24.68 24.57
C SER B 25 -13.86 25.83 24.80
N PRO B 26 -14.31 26.06 26.02
CA PRO B 26 -13.77 25.46 27.25
C PRO B 26 -14.38 24.13 27.70
N VAL B 27 -15.21 23.51 26.87
CA VAL B 27 -15.66 22.15 27.15
C VAL B 27 -14.50 21.18 26.99
N THR B 28 -14.30 20.32 27.98
CA THR B 28 -13.26 19.31 27.88
C THR B 28 -13.68 18.11 27.00
N MET B 29 -12.68 17.43 26.46
CA MET B 29 -12.98 16.19 25.73
C MET B 29 -13.70 15.16 26.61
N SER B 30 -13.34 15.09 27.90
N SER B 30 -13.35 15.08 27.90
CA SER B 30 -14.03 14.15 28.78
CA SER B 30 -14.03 14.14 28.79
C SER B 30 -15.51 14.51 28.94
C SER B 30 -15.50 14.51 28.94
N GLU B 31 -15.80 15.80 29.08
CA GLU B 31 -17.19 16.22 29.15
C GLU B 31 -17.91 15.85 27.88
N PHE B 32 -17.27 16.09 26.74
CA PHE B 32 -17.90 15.74 25.48
C PHE B 32 -18.23 14.24 25.45
N LEU B 33 -17.28 13.42 25.85
CA LEU B 33 -17.47 11.96 25.74
C LEU B 33 -18.47 11.44 26.76
N GLU B 34 -18.60 12.12 27.90
CA GLU B 34 -19.47 11.62 28.96
C GLU B 34 -20.88 12.16 28.88
N GLU B 35 -21.06 13.41 28.45
CA GLU B 35 -22.41 13.97 28.47
C GLU B 35 -23.04 14.22 27.10
N TYR B 36 -22.27 14.27 26.03
CA TYR B 36 -22.85 14.57 24.72
C TYR B 36 -22.75 13.36 23.80
N TRP B 37 -21.54 13.01 23.33
CA TRP B 37 -21.31 11.82 22.53
C TRP B 37 -21.85 10.59 23.25
N PRO B 38 -22.65 9.72 22.57
CA PRO B 38 -23.10 9.74 21.18
C PRO B 38 -24.58 10.01 21.03
N VAL B 39 -25.12 10.68 22.05
CA VAL B 39 -26.56 10.80 22.25
C VAL B 39 -27.12 12.23 22.27
N LYS B 40 -26.33 13.21 22.69
CA LYS B 40 -26.90 14.54 22.89
C LYS B 40 -26.14 15.60 22.10
N PRO B 41 -26.85 16.48 21.38
CA PRO B 41 -26.17 17.49 20.57
C PRO B 41 -25.43 18.52 21.42
N LEU B 42 -24.36 19.04 20.84
CA LEU B 42 -23.61 20.11 21.47
C LEU B 42 -23.44 21.27 20.50
N VAL B 43 -23.64 22.49 20.99
CA VAL B 43 -23.40 23.69 20.19
C VAL B 43 -22.24 24.44 20.82
N ALA B 44 -21.14 24.60 20.10
CA ALA B 44 -19.93 25.25 20.58
C ALA B 44 -19.70 26.50 19.74
N ARG B 45 -19.81 27.68 20.34
CA ARG B 45 -19.65 28.92 19.58
C ARG B 45 -18.32 29.60 19.82
N GLY B 46 -17.86 30.36 18.83
CA GLY B 46 -16.59 31.03 18.95
C GLY B 46 -16.18 31.57 17.59
N GLU B 47 -14.93 32.04 17.53
N GLU B 47 -14.92 31.98 17.53
CA GLU B 47 -14.46 32.66 16.30
CA GLU B 47 -14.36 32.60 16.34
C GLU B 47 -14.08 31.59 15.27
C GLU B 47 -14.05 31.55 15.26
N VAL B 48 -14.34 31.90 14.01
CA VAL B 48 -14.15 30.92 12.95
C VAL B 48 -12.67 30.57 12.82
N GLU B 49 -11.77 31.44 13.30
CA GLU B 49 -10.34 31.19 13.17
C GLU B 49 -9.87 29.94 13.92
N ARG B 50 -10.58 29.51 14.95
CA ARG B 50 -10.13 28.30 15.62
C ARG B 50 -10.36 27.08 14.75
N PHE B 51 -11.22 27.19 13.74
CA PHE B 51 -11.33 26.09 12.78
C PHE B 51 -10.07 25.90 11.94
N THR B 52 -9.15 26.88 11.89
CA THR B 52 -8.00 26.76 11.01
C THR B 52 -7.04 25.67 11.46
N SER B 53 -7.23 25.07 12.61
CA SER B 53 -6.40 23.92 12.96
C SER B 53 -6.89 22.63 12.33
N ILE B 54 -8.03 22.64 11.67
CA ILE B 54 -8.43 21.47 10.89
C ILE B 54 -7.56 21.40 9.65
N PRO B 55 -6.84 20.29 9.37
CA PRO B 55 -5.94 20.30 8.19
C PRO B 55 -6.76 20.44 6.92
N GLY B 56 -6.40 21.44 6.09
CA GLY B 56 -7.06 21.68 4.85
C GLY B 56 -8.18 22.69 4.95
N PHE B 57 -8.44 23.24 6.13
CA PHE B 57 -9.55 24.16 6.28
C PHE B 57 -9.48 25.33 5.31
N GLU B 58 -8.30 25.93 5.10
CA GLU B 58 -8.18 27.09 4.21
C GLU B 58 -8.66 26.78 2.80
N LYS B 59 -8.51 25.54 2.35
CA LYS B 59 -8.93 25.12 1.02
C LYS B 59 -10.44 24.95 0.89
N VAL B 60 -11.19 24.87 1.99
CA VAL B 60 -12.63 24.70 1.91
C VAL B 60 -13.36 25.83 2.61
N ARG B 61 -12.64 26.95 2.84
CA ARG B 61 -13.15 28.10 3.61
C ARG B 61 -14.17 28.98 2.89
N THR B 62 -14.21 28.88 1.59
CA THR B 62 -15.15 29.63 0.79
C THR B 62 -15.67 28.68 -0.30
N LEU B 63 -16.82 29.02 -0.85
CA LEU B 63 -17.37 28.19 -1.93
C LEU B 63 -16.46 28.17 -3.14
N GLU B 64 -15.83 29.33 -3.44
CA GLU B 64 -14.90 29.40 -4.57
C GLU B 64 -13.68 28.50 -4.34
N ASN B 65 -13.19 28.42 -3.11
CA ASN B 65 -12.08 27.51 -2.81
C ASN B 65 -12.48 26.04 -2.98
N VAL B 66 -13.66 25.67 -2.46
CA VAL B 66 -14.12 24.29 -2.60
C VAL B 66 -14.23 23.95 -4.08
N LEU B 67 -14.77 24.86 -4.86
CA LEU B 67 -14.91 24.60 -6.28
C LEU B 67 -13.58 24.48 -6.97
N ALA B 68 -12.56 25.23 -6.51
CA ALA B 68 -11.24 25.14 -7.10
C ALA B 68 -10.60 23.78 -6.88
N ILE B 69 -10.96 23.07 -5.82
CA ILE B 69 -10.28 21.80 -5.53
C ILE B 69 -11.13 20.54 -5.80
N TYR B 70 -12.46 20.68 -5.91
CA TYR B 70 -13.37 19.53 -5.83
C TYR B 70 -13.59 18.95 -7.23
N ASN B 71 -12.81 17.93 -7.57
CA ASN B 71 -12.87 17.33 -8.91
C ASN B 71 -13.67 16.02 -8.87
N ASN B 72 -14.98 16.17 -8.78
CA ASN B 72 -15.89 15.04 -8.55
C ASN B 72 -17.31 15.52 -8.83
N PRO B 73 -18.25 14.60 -9.00
CA PRO B 73 -19.67 14.97 -9.12
C PRO B 73 -20.20 15.54 -7.81
N VAL B 74 -21.15 16.45 -7.93
CA VAL B 74 -21.77 17.13 -6.81
C VAL B 74 -23.23 16.69 -6.74
N MET B 75 -23.72 16.36 -5.55
CA MET B 75 -25.16 16.10 -5.40
C MET B 75 -25.94 17.42 -5.21
N VAL B 76 -27.08 17.55 -5.90
CA VAL B 76 -27.98 18.69 -5.72
C VAL B 76 -29.33 18.16 -5.27
N VAL B 77 -29.92 18.79 -4.27
CA VAL B 77 -31.14 18.32 -3.64
C VAL B 77 -32.09 19.51 -3.44
N GLY B 78 -33.35 19.35 -3.84
CA GLY B 78 -34.34 20.31 -3.44
C GLY B 78 -35.56 20.36 -4.34
N ASP B 79 -36.46 21.31 -4.00
CA ASP B 79 -37.75 21.43 -4.67
C ASP B 79 -37.58 21.70 -6.16
N ALA B 80 -36.51 22.40 -6.55
CA ALA B 80 -36.29 22.64 -7.97
C ALA B 80 -36.04 21.34 -8.70
N VAL B 81 -35.38 20.39 -8.03
CA VAL B 81 -35.16 19.09 -8.65
C VAL B 81 -36.48 18.32 -8.74
N ILE B 82 -37.30 18.37 -7.68
CA ILE B 82 -38.59 17.71 -7.74
C ILE B 82 -39.42 18.27 -8.88
N GLU B 83 -39.40 19.60 -9.07
CA GLU B 83 -40.21 20.23 -10.11
C GLU B 83 -39.68 19.88 -11.50
N GLU B 84 -38.34 19.87 -11.68
CA GLU B 84 -37.80 19.55 -13.00
C GLU B 84 -38.01 18.08 -13.33
N SER B 85 -37.86 17.20 -12.34
CA SER B 85 -38.03 15.77 -12.58
C SER B 85 -39.49 15.35 -12.62
N GLU B 86 -40.43 16.30 -12.58
CA GLU B 86 -41.86 15.98 -12.54
C GLU B 86 -42.18 15.01 -11.40
N GLY B 87 -41.45 15.15 -10.29
CA GLY B 87 -41.73 14.43 -9.07
C GLY B 87 -41.05 13.09 -8.92
N ILE B 88 -40.20 12.69 -9.87
CA ILE B 88 -39.55 11.39 -9.75
C ILE B 88 -38.57 11.40 -8.60
N THR B 89 -37.78 12.46 -8.48
CA THR B 89 -36.73 12.48 -7.47
C THR B 89 -36.48 13.89 -6.95
N ASP B 90 -35.80 13.96 -5.81
CA ASP B 90 -35.38 15.23 -5.26
C ASP B 90 -33.88 15.45 -5.38
N ARG B 91 -33.14 14.58 -6.06
CA ARG B 91 -31.72 14.87 -6.18
C ARG B 91 -31.14 14.34 -7.48
N PHE B 92 -30.14 15.07 -7.98
CA PHE B 92 -29.32 14.62 -9.11
C PHE B 92 -27.85 14.67 -8.72
N LEU B 93 -27.01 13.87 -9.42
CA LEU B 93 -25.55 14.01 -9.37
C LEU B 93 -25.11 14.69 -10.66
N VAL B 94 -24.35 15.80 -10.57
CA VAL B 94 -24.05 16.66 -11.71
C VAL B 94 -22.61 17.15 -11.61
N SER B 95 -22.13 17.79 -12.69
CA SER B 95 -20.83 18.41 -12.64
C SER B 95 -20.85 19.59 -11.67
N PRO B 96 -19.68 19.96 -11.14
CA PRO B 96 -19.61 21.19 -10.32
C PRO B 96 -20.20 22.42 -11.00
N ALA B 97 -19.93 22.57 -12.30
CA ALA B 97 -20.48 23.72 -13.01
C ALA B 97 -22.02 23.67 -12.99
N GLU B 98 -22.60 22.51 -13.33
CA GLU B 98 -24.06 22.48 -13.37
C GLU B 98 -24.62 22.67 -11.97
N ALA B 99 -23.87 22.19 -10.99
CA ALA B 99 -24.32 22.33 -9.62
C ALA B 99 -24.53 23.78 -9.27
N LEU B 100 -23.66 24.67 -9.76
CA LEU B 100 -23.88 26.09 -9.54
C LEU B 100 -25.19 26.61 -10.16
N GLU B 101 -25.63 26.02 -11.28
CA GLU B 101 -26.91 26.42 -11.86
C GLU B 101 -28.04 26.04 -10.91
N TRP B 102 -27.95 24.83 -10.35
CA TRP B 102 -28.96 24.40 -9.36
C TRP B 102 -28.88 25.19 -8.06
N TYR B 103 -27.67 25.47 -7.59
CA TYR B 103 -27.46 26.35 -6.44
C TYR B 103 -28.25 27.65 -6.55
N GLU B 104 -28.22 28.27 -7.72
CA GLU B 104 -29.01 29.51 -7.86
C GLU B 104 -30.52 29.27 -7.77
N LYS B 105 -30.98 28.05 -8.05
CA LYS B 105 -32.39 27.74 -7.84
C LYS B 105 -32.72 27.19 -6.45
N GLY B 106 -31.82 27.37 -5.50
CA GLY B 106 -32.06 26.99 -4.14
C GLY B 106 -31.89 25.54 -3.84
N ALA B 107 -31.27 24.77 -4.73
CA ALA B 107 -30.92 23.41 -4.40
C ALA B 107 -29.74 23.39 -3.44
N ALA B 108 -29.77 22.47 -2.48
CA ALA B 108 -28.63 22.30 -1.60
C ALA B 108 -27.57 21.46 -2.31
N LEU B 109 -26.32 21.89 -2.20
CA LEU B 109 -25.18 21.21 -2.82
C LEU B 109 -24.41 20.44 -1.77
N GLU B 110 -24.07 19.20 -2.14
N GLU B 110 -24.11 19.19 -2.11
CA GLU B 110 -23.33 18.34 -1.26
CA GLU B 110 -23.34 18.30 -1.26
C GLU B 110 -22.09 17.84 -1.99
C GLU B 110 -22.10 17.83 -1.99
N PHE B 111 -20.95 18.22 -1.45
CA PHE B 111 -19.64 17.85 -1.97
C PHE B 111 -19.12 16.71 -1.10
N ASP B 112 -19.47 15.50 -1.48
CA ASP B 112 -19.20 14.32 -0.68
C ASP B 112 -17.74 13.85 -0.81
N PHE B 113 -17.21 13.27 0.26
CA PHE B 113 -15.80 12.82 0.23
C PHE B 113 -14.85 13.95 -0.20
N THR B 114 -15.12 15.11 0.37
CA THR B 114 -14.19 16.22 0.22
C THR B 114 -12.79 15.90 0.73
N ASP B 115 -12.65 14.91 1.64
CA ASP B 115 -11.34 14.44 2.08
C ASP B 115 -10.47 13.88 0.93
N LEU B 116 -11.04 13.49 -0.22
CA LEU B 116 -10.18 13.12 -1.34
C LEU B 116 -9.35 14.29 -1.85
N PHE B 117 -9.82 15.53 -1.64
CA PHE B 117 -9.23 16.72 -2.24
C PHE B 117 -8.49 17.57 -1.23
N ILE B 118 -8.71 17.38 0.07
CA ILE B 118 -7.84 17.87 1.15
C ILE B 118 -7.39 16.60 1.88
N PRO B 119 -6.56 15.76 1.26
CA PRO B 119 -6.27 14.44 1.86
C PRO B 119 -5.53 14.52 3.20
N GLN B 120 -4.90 15.68 3.50
CA GLN B 120 -4.33 15.86 4.84
C GLN B 120 -5.38 15.74 5.95
N VAL B 121 -6.67 16.00 5.67
CA VAL B 121 -7.64 15.88 6.74
C VAL B 121 -7.85 14.43 7.13
N ARG B 122 -7.52 13.46 6.26
CA ARG B 122 -7.79 12.06 6.53
C ARG B 122 -7.03 11.62 7.75
N ARG B 123 -5.79 12.09 7.90
CA ARG B 123 -4.99 11.87 9.10
C ARG B 123 -5.78 12.26 10.32
N TRP B 124 -6.31 13.49 10.27
CA TRP B 124 -6.98 14.05 11.44
C TRP B 124 -8.21 13.22 11.75
N ILE B 125 -8.97 12.86 10.71
CA ILE B 125 -10.21 12.13 10.91
C ILE B 125 -9.91 10.80 11.59
N GLU B 126 -8.80 10.14 11.17
CA GLU B 126 -8.50 8.84 11.76
C GLU B 126 -8.16 9.02 13.22
N LYS B 127 -7.44 10.12 13.53
CA LYS B 127 -7.15 10.48 14.91
C LYS B 127 -8.43 10.71 15.73
N LEU B 128 -9.34 11.52 15.19
CA LEU B 128 -10.62 11.78 15.85
C LEU B 128 -11.39 10.48 16.07
N LYS B 129 -11.35 9.58 15.07
CA LYS B 129 -12.05 8.31 15.21
C LYS B 129 -11.54 7.55 16.42
N ALA B 130 -10.21 7.51 16.59
CA ALA B 130 -9.63 6.89 17.78
C ALA B 130 -9.98 7.67 19.05
N GLU B 131 -10.03 8.99 18.97
CA GLU B 131 -10.28 9.73 20.21
C GLU B 131 -11.72 9.53 20.67
N LEU B 132 -12.62 9.33 19.74
CA LEU B 132 -13.99 8.99 20.04
C LEU B 132 -14.20 7.51 20.38
N ARG B 133 -13.17 6.69 20.35
CA ARG B 133 -13.25 5.25 20.67
C ARG B 133 -14.17 4.47 19.72
N LEU B 134 -14.24 4.91 18.50
CA LEU B 134 -14.95 4.20 17.46
C LEU B 134 -14.13 3.00 16.97
N PRO B 135 -14.78 1.90 16.59
CA PRO B 135 -14.05 0.81 15.91
C PRO B 135 -13.22 1.34 14.74
N ALA B 136 -12.04 0.76 14.56
CA ALA B 136 -11.16 1.15 13.44
C ALA B 136 -11.84 1.07 12.07
N GLY B 137 -12.70 0.11 11.87
CA GLY B 137 -13.42 -0.05 10.63
C GLY B 137 -14.53 0.92 10.38
N THR B 138 -14.84 1.79 11.32
CA THR B 138 -15.95 2.72 11.15
C THR B 138 -15.75 3.60 9.91
N SER B 139 -16.84 3.85 9.18
CA SER B 139 -16.79 4.73 8.02
C SER B 139 -16.56 6.20 8.45
N SER B 140 -15.76 6.94 7.66
CA SER B 140 -15.49 8.32 8.03
C SER B 140 -15.16 9.12 6.79
N LYS B 141 -15.62 10.35 6.78
CA LYS B 141 -15.35 11.22 5.63
C LYS B 141 -15.59 12.69 6.02
N ALA B 142 -15.15 13.59 5.12
CA ALA B 142 -15.56 14.99 5.14
C ALA B 142 -16.56 15.26 4.02
N ILE B 143 -17.53 16.15 4.29
CA ILE B 143 -18.52 16.57 3.30
C ILE B 143 -18.67 18.05 3.44
N VAL B 144 -18.81 18.79 2.32
CA VAL B 144 -19.14 20.22 2.33
C VAL B 144 -20.57 20.42 1.85
N TYR B 145 -21.33 21.25 2.56
CA TYR B 145 -22.73 21.59 2.25
C TYR B 145 -22.83 23.09 1.98
N ALA B 146 -23.43 23.44 0.84
CA ALA B 146 -23.61 24.82 0.43
C ALA B 146 -25.06 25.02 0.00
N ALA B 147 -25.63 26.14 0.40
CA ALA B 147 -27.01 26.43 -0.01
C ALA B 147 -27.31 27.90 0.14
N LYS B 148 -28.32 28.33 -0.60
CA LYS B 148 -28.85 29.69 -0.50
C LYS B 148 -30.33 29.65 -0.88
N ASN B 149 -30.96 30.83 -0.80
CA ASN B 149 -32.30 31.05 -1.33
C ASN B 149 -33.33 30.13 -0.67
N GLY B 150 -33.10 29.78 0.59
CA GLY B 150 -34.03 28.94 1.31
C GLY B 150 -33.82 27.47 1.13
N GLY B 151 -32.78 27.05 0.42
CA GLY B 151 -32.50 25.64 0.26
C GLY B 151 -31.93 24.96 1.51
N GLY B 152 -31.91 23.64 1.41
CA GLY B 152 -31.50 22.76 2.47
C GLY B 152 -32.24 21.43 2.35
N PHE B 153 -32.26 20.74 3.48
CA PHE B 153 -32.84 19.40 3.57
C PHE B 153 -34.09 19.41 4.42
N LYS B 154 -35.11 18.71 3.93
CA LYS B 154 -36.33 18.52 4.68
C LYS B 154 -36.10 17.52 5.80
N ALA B 155 -37.09 17.43 6.70
CA ALA B 155 -36.98 16.60 7.89
C ALA B 155 -36.60 15.16 7.57
N HIS B 156 -35.56 14.67 8.26
CA HIS B 156 -35.09 13.31 8.05
C HIS B 156 -34.28 12.89 9.27
N PHE B 157 -33.92 11.60 9.32
CA PHE B 157 -32.79 11.20 10.16
C PHE B 157 -31.78 10.37 9.38
N ASP B 158 -30.60 10.23 9.97
CA ASP B 158 -29.48 9.54 9.36
C ASP B 158 -29.03 8.41 10.30
N ALA B 159 -28.31 7.43 9.74
CA ALA B 159 -27.62 6.42 10.52
C ALA B 159 -26.19 6.80 10.83
N TYR B 160 -25.83 8.06 10.62
CA TYR B 160 -24.49 8.58 10.81
C TYR B 160 -24.55 9.70 11.87
N THR B 161 -23.41 10.03 12.44
CA THR B 161 -23.27 11.18 13.32
C THR B 161 -22.31 12.16 12.66
N ASN B 162 -22.47 13.42 12.99
CA ASN B 162 -21.71 14.48 12.33
C ASN B 162 -21.12 15.49 13.32
N LEU B 163 -19.91 15.94 13.04
N LEU B 163 -19.89 15.91 13.05
CA LEU B 163 -19.37 17.16 13.62
CA LEU B 163 -19.38 17.16 13.62
C LEU B 163 -19.44 18.24 12.55
C LEU B 163 -19.46 18.23 12.54
N ILE B 164 -20.21 19.29 12.80
CA ILE B 164 -20.57 20.25 11.76
C ILE B 164 -19.90 21.58 12.08
N PHE B 165 -19.11 22.11 11.15
CA PHE B 165 -18.38 23.35 11.36
C PHE B 165 -18.97 24.39 10.40
N GLN B 166 -19.70 25.36 10.94
CA GLN B 166 -20.37 26.37 10.11
C GLN B 166 -19.33 27.41 9.71
N ILE B 167 -19.14 27.61 8.40
CA ILE B 167 -18.06 28.49 7.92
C ILE B 167 -18.58 29.84 7.44
N GLN B 168 -19.61 29.85 6.62
CA GLN B 168 -20.18 31.08 6.07
C GLN B 168 -21.69 31.07 6.30
N GLY B 169 -22.21 32.26 6.61
CA GLY B 169 -23.64 32.49 6.63
C GLY B 169 -24.31 31.93 7.87
N GLU B 170 -25.59 32.24 7.98
CA GLU B 170 -26.42 31.82 9.11
C GLU B 170 -27.39 30.76 8.63
N LYS B 171 -27.33 29.60 9.26
CA LYS B 171 -28.10 28.47 8.80
C LYS B 171 -29.02 28.02 9.91
N THR B 172 -30.28 27.83 9.59
CA THR B 172 -31.29 27.41 10.56
C THR B 172 -31.47 25.90 10.55
N TRP B 173 -31.11 25.29 11.70
CA TRP B 173 -31.31 23.87 11.97
C TRP B 173 -32.53 23.67 12.85
N LYS B 174 -33.31 22.65 12.54
CA LYS B 174 -34.33 22.12 13.45
C LYS B 174 -33.85 20.75 13.92
N LEU B 175 -33.93 20.53 15.24
CA LEU B 175 -33.51 19.28 15.88
C LEU B 175 -34.61 18.76 16.77
N ALA B 176 -34.97 17.51 16.64
CA ALA B 176 -36.01 16.93 17.49
C ALA B 176 -35.61 15.52 17.90
N LYS B 177 -35.90 15.18 19.15
CA LYS B 177 -35.71 13.83 19.62
C LYS B 177 -36.55 12.87 18.78
N ASN B 178 -35.97 11.72 18.51
CA ASN B 178 -36.63 10.71 17.69
C ASN B 178 -37.33 9.75 18.63
N GLU B 179 -38.66 9.84 18.67
CA GLU B 179 -39.50 8.95 19.47
C GLU B 179 -39.88 7.68 18.70
N ASN B 180 -39.49 7.59 17.44
CA ASN B 180 -39.93 6.49 16.62
C ASN B 180 -38.89 5.40 16.50
N VAL B 181 -37.61 5.72 16.55
CA VAL B 181 -36.61 4.67 16.37
C VAL B 181 -35.42 5.05 17.22
N SER B 182 -34.96 4.10 18.03
CA SER B 182 -33.67 4.15 18.72
C SER B 182 -32.60 3.54 17.82
N ASN B 183 -31.45 4.23 17.68
CA ASN B 183 -30.29 3.67 17.00
C ASN B 183 -30.64 3.17 15.59
N PRO B 184 -31.21 4.04 14.77
CA PRO B 184 -31.54 3.63 13.40
C PRO B 184 -30.28 3.27 12.63
N MET B 185 -30.38 2.24 11.81
N MET B 185 -30.37 2.24 11.81
CA MET B 185 -29.27 1.79 11.00
CA MET B 185 -29.25 1.80 11.00
C MET B 185 -29.47 2.10 9.52
C MET B 185 -29.47 2.09 9.53
N GLN B 186 -30.43 2.94 9.17
CA GLN B 186 -30.57 3.43 7.81
C GLN B 186 -31.17 4.82 7.85
N HIS B 187 -31.09 5.52 6.73
CA HIS B 187 -31.61 6.88 6.57
C HIS B 187 -33.12 6.82 6.42
N TYR B 188 -33.78 7.89 6.84
CA TYR B 188 -35.20 7.96 6.51
C TYR B 188 -35.65 9.40 6.29
N ASP B 189 -36.41 9.64 5.22
CA ASP B 189 -36.94 10.97 4.95
C ASP B 189 -38.37 10.99 5.45
N LEU B 190 -38.73 11.99 6.24
CA LEU B 190 -40.09 12.07 6.75
C LEU B 190 -41.13 12.18 5.65
N SER B 191 -40.73 12.63 4.44
CA SER B 191 -41.63 12.67 3.29
C SER B 191 -41.98 11.30 2.73
N GLU B 192 -41.69 10.24 3.48
CA GLU B 192 -42.10 8.86 3.12
C GLU B 192 -43.27 8.38 4.00
N ALA B 193 -43.57 9.02 5.14
CA ALA B 193 -44.70 8.67 6.04
C ALA B 193 -44.80 7.15 6.29
N TYR B 195 -45.05 5.03 4.68
CA TYR B 195 -44.23 3.88 4.26
C TYR B 195 -42.85 3.89 4.93
N TYR B 196 -42.52 2.79 5.65
CA TYR B 196 -41.20 2.57 6.20
C TYR B 196 -40.48 1.42 5.48
N PRO B 197 -39.20 1.58 5.10
CA PRO B 197 -38.46 0.46 4.48
C PRO B 197 -38.34 -0.73 5.42
N ASP B 198 -37.97 -1.87 4.85
CA ASP B 198 -38.17 -3.16 5.52
C ASP B 198 -37.57 -3.31 6.92
N ASP B 199 -36.23 -3.25 6.97
CA ASP B 199 -35.57 -3.34 8.26
C ASP B 199 -36.13 -2.30 9.22
N LEU B 200 -36.27 -1.05 8.74
CA LEU B 200 -36.75 0.04 9.59
C LEU B 200 -38.14 -0.29 10.11
N GLN B 201 -39.01 -0.82 9.23
CA GLN B 201 -40.35 -1.17 9.64
C GLN B 201 -40.34 -2.13 10.83
N SER B 202 -39.33 -3.00 10.90
CA SER B 202 -39.22 -3.95 12.00
C SER B 202 -38.95 -3.30 13.37
N TYR B 203 -38.47 -2.06 13.43
CA TYR B 203 -38.25 -1.47 14.73
C TYR B 203 -38.76 -0.05 14.82
N TRP B 204 -39.56 0.40 13.85
CA TRP B 204 -40.28 1.66 14.00
C TRP B 204 -41.47 1.57 14.96
N LYS B 205 -41.55 2.49 15.91
CA LYS B 205 -42.67 2.51 16.82
C LYS B 205 -43.36 3.88 16.79
N GLY B 206 -44.70 3.85 16.79
CA GLY B 206 -45.48 5.06 16.93
C GLY B 206 -45.77 5.84 15.65
N ASP B 207 -46.29 7.04 15.87
CA ASP B 207 -46.78 7.96 14.86
C ASP B 207 -45.64 8.86 14.36
N PRO B 208 -45.52 9.11 13.08
CA PRO B 208 -44.47 10.03 12.61
C PRO B 208 -44.69 11.43 13.13
N PRO B 209 -43.64 12.23 13.22
CA PRO B 209 -43.82 13.68 13.46
C PRO B 209 -44.37 14.39 12.23
N LYS B 210 -44.90 15.58 12.47
CA LYS B 210 -45.34 16.42 11.36
C LYS B 210 -44.15 16.93 10.54
N GLU B 211 -44.41 17.24 9.26
CA GLU B 211 -43.36 17.54 8.29
C GLU B 211 -42.48 18.72 8.74
N ASP B 212 -43.07 19.70 9.40
CA ASP B 212 -42.33 20.87 9.84
C ASP B 212 -41.67 20.72 11.22
N LEU B 213 -41.70 19.53 11.79
CA LEU B 213 -41.06 19.27 13.08
C LEU B 213 -41.49 20.30 14.11
N PRO B 214 -42.78 20.43 14.39
CA PRO B 214 -43.26 21.58 15.20
C PRO B 214 -42.71 21.62 16.62
N ASP B 215 -42.32 20.49 17.19
CA ASP B 215 -41.79 20.49 18.54
C ASP B 215 -40.26 20.54 18.58
N ALA B 216 -39.63 20.83 17.45
CA ALA B 216 -38.18 20.81 17.39
C ALA B 216 -37.58 22.05 18.04
N GLU B 217 -36.33 21.91 18.50
CA GLU B 217 -35.50 23.02 18.92
C GLU B 217 -34.92 23.67 17.67
N ILE B 218 -35.00 24.99 17.58
CA ILE B 218 -34.42 25.70 16.44
C ILE B 218 -33.09 26.29 16.86
N VAL B 219 -32.04 26.01 16.10
CA VAL B 219 -30.69 26.47 16.41
C VAL B 219 -30.19 27.24 15.20
N ASN B 220 -29.78 28.48 15.40
CA ASN B 220 -29.09 29.23 14.35
C ASN B 220 -27.58 29.03 14.43
N LEU B 221 -27.05 28.36 13.42
CA LEU B 221 -25.63 28.19 13.27
C LEU B 221 -25.05 29.39 12.51
N THR B 222 -24.14 30.08 13.13
CA THR B 222 -23.35 31.14 12.53
C THR B 222 -21.88 30.75 12.34
N PRO B 223 -21.11 31.55 11.60
CA PRO B 223 -19.70 31.21 11.38
C PRO B 223 -18.98 31.02 12.70
N GLY B 224 -18.22 29.93 12.80
CA GLY B 224 -17.55 29.60 14.05
C GLY B 224 -18.36 28.74 14.97
N THR B 225 -19.59 28.42 14.61
CA THR B 225 -20.35 27.47 15.42
C THR B 225 -20.03 26.04 14.99
N MET B 226 -19.75 25.19 15.96
CA MET B 226 -19.71 23.76 15.71
C MET B 226 -20.93 23.10 16.34
N LEU B 227 -21.57 22.25 15.57
CA LEU B 227 -22.73 21.50 16.05
C LEU B 227 -22.32 20.04 16.02
N TYR B 228 -22.41 19.37 17.15
CA TYR B 228 -22.32 17.93 17.21
C TYR B 228 -23.74 17.41 17.06
N LEU B 229 -23.97 16.55 16.06
CA LEU B 229 -25.28 16.05 15.70
C LEU B 229 -25.31 14.54 15.90
N PRO B 230 -25.96 14.02 16.93
CA PRO B 230 -25.93 12.57 17.12
C PRO B 230 -26.74 11.86 16.06
N ARG B 231 -26.34 10.63 15.77
CA ARG B 231 -27.16 9.74 14.96
C ARG B 231 -28.59 9.64 15.49
N GLY B 232 -29.54 9.73 14.55
CA GLY B 232 -30.93 9.40 14.72
C GLY B 232 -31.84 10.58 15.01
N LEU B 233 -31.28 11.70 15.46
CA LEU B 233 -32.10 12.88 15.72
C LEU B 233 -32.77 13.31 14.43
N TRP B 234 -34.02 13.65 14.55
CA TRP B 234 -34.69 14.32 13.43
C TRP B 234 -34.07 15.70 13.22
N HIS B 235 -33.84 16.06 11.96
CA HIS B 235 -33.30 17.39 11.69
C HIS B 235 -33.70 17.84 10.28
N SER B 236 -33.70 19.16 10.12
CA SER B 236 -33.92 19.78 8.80
C SER B 236 -33.07 21.04 8.77
N THR B 237 -32.78 21.53 7.55
CA THR B 237 -31.94 22.72 7.41
C THR B 237 -32.52 23.71 6.42
N LYS B 238 -32.29 25.00 6.66
CA LYS B 238 -32.73 26.07 5.76
C LYS B 238 -31.67 27.16 5.79
N SER B 239 -31.30 27.60 4.60
CA SER B 239 -30.33 28.67 4.40
C SER B 239 -31.07 29.77 3.65
N ASP B 240 -31.53 30.78 4.38
CA ASP B 240 -32.18 31.93 3.74
C ASP B 240 -31.20 32.69 2.86
N GLN B 241 -30.00 32.92 3.36
CA GLN B 241 -28.88 33.45 2.62
C GLN B 241 -27.81 32.38 2.40
N ALA B 242 -26.76 32.73 1.64
CA ALA B 242 -25.72 31.77 1.28
C ALA B 242 -25.01 31.23 2.53
N THR B 243 -24.83 29.92 2.58
CA THR B 243 -24.15 29.28 3.70
C THR B 243 -23.18 28.24 3.14
N LEU B 244 -22.23 27.90 4.00
CA LEU B 244 -21.19 26.92 3.70
C LEU B 244 -20.85 26.28 5.02
N ALA B 245 -20.80 24.95 5.06
CA ALA B 245 -20.38 24.22 6.25
C ALA B 245 -19.57 22.99 5.88
N LEU B 246 -18.68 22.59 6.80
CA LEU B 246 -17.88 21.38 6.62
C LEU B 246 -18.32 20.38 7.68
N ASN B 247 -18.75 19.21 7.25
CA ASN B 247 -19.12 18.14 8.17
C ASN B 247 -18.04 17.08 8.16
N ILE B 248 -17.71 16.56 9.34
CA ILE B 248 -17.00 15.30 9.51
C ILE B 248 -18.03 14.27 9.93
N THR B 249 -18.17 13.23 9.13
CA THR B 249 -19.27 12.27 9.17
C THR B 249 -18.72 10.89 9.56
N PHE B 250 -19.27 10.33 10.65
CA PHE B 250 -18.87 9.03 11.13
C PHE B 250 -20.01 8.02 11.07
N GLY B 251 -19.66 6.83 10.62
CA GLY B 251 -20.51 5.67 10.84
C GLY B 251 -20.76 5.42 12.32
N GLN B 252 -21.78 4.61 12.57
CA GLN B 252 -22.08 4.17 13.92
C GLN B 252 -22.21 2.66 13.90
N PRO B 253 -21.10 1.90 13.80
CA PRO B 253 -21.21 0.43 13.76
C PRO B 253 -21.89 -0.11 15.01
N ALA B 254 -22.84 -1.02 14.80
CA ALA B 254 -23.61 -1.62 15.88
C ALA B 254 -22.87 -2.87 16.37
N TRP B 255 -23.15 -3.26 17.61
CA TRP B 255 -22.67 -4.55 18.09
C TRP B 255 -23.05 -5.65 17.10
N LEU B 256 -24.25 -5.58 16.54
CA LEU B 256 -24.66 -6.61 15.58
C LEU B 256 -23.67 -6.72 14.41
N ASP B 257 -23.20 -5.57 13.92
CA ASP B 257 -22.25 -5.55 12.81
C ASP B 257 -21.00 -6.35 13.20
N LEU B 258 -20.47 -6.10 14.40
CA LEU B 258 -19.21 -6.72 14.80
C LEU B 258 -19.41 -8.20 15.05
N MET B 259 -20.54 -8.54 15.64
CA MET B 259 -20.83 -9.93 15.95
C MET B 259 -21.01 -10.74 14.67
N LEU B 260 -21.74 -10.17 13.69
CA LEU B 260 -21.92 -10.93 12.45
C LEU B 260 -20.61 -11.01 11.68
N ALA B 261 -19.74 -9.99 11.78
CA ALA B 261 -18.42 -10.11 11.15
C ALA B 261 -17.61 -11.23 11.80
N ALA B 262 -17.68 -11.32 13.12
CA ALA B 262 -16.93 -12.36 13.82
C ALA B 262 -17.47 -13.76 13.50
N LEU B 263 -18.78 -13.88 13.43
CA LEU B 263 -19.40 -15.16 13.10
C LEU B 263 -19.06 -15.56 11.68
N ARG B 264 -19.04 -14.59 10.76
CA ARG B 264 -18.72 -14.92 9.39
C ARG B 264 -17.27 -15.37 9.25
N LYS B 265 -16.37 -14.74 9.99
CA LYS B 265 -14.98 -15.17 9.99
C LYS B 265 -14.85 -16.60 10.46
N LYS B 266 -15.65 -17.00 11.46
CA LYS B 266 -15.59 -18.41 11.87
C LYS B 266 -16.12 -19.39 10.81
N LEU B 267 -17.12 -18.99 10.02
CA LEU B 267 -17.83 -19.89 9.10
C LEU B 267 -17.28 -19.91 7.68
N ILE B 268 -16.66 -18.81 7.24
CA ILE B 268 -16.27 -18.69 5.85
C ILE B 268 -15.24 -19.74 5.48
N SER B 269 -14.54 -20.29 6.47
CA SER B 269 -13.56 -21.34 6.27
C SER B 269 -14.20 -22.65 5.81
N ASP B 270 -15.49 -22.84 6.04
CA ASP B 270 -16.19 -24.11 5.84
C ASP B 270 -16.81 -24.07 4.45
N ASN B 271 -16.30 -24.93 3.54
CA ASN B 271 -16.78 -24.91 2.15
C ASN B 271 -18.29 -25.14 2.07
N ARG B 272 -18.88 -25.80 3.07
CA ARG B 272 -20.34 -26.02 3.01
C ARG B 272 -21.07 -24.67 3.00
N PHE B 273 -20.50 -23.68 3.71
CA PHE B 273 -21.10 -22.35 3.82
C PHE B 273 -20.79 -21.48 2.61
N ARG B 274 -19.74 -21.82 1.84
CA ARG B 274 -19.37 -21.04 0.66
C ARG B 274 -20.08 -21.53 -0.60
N GLU B 275 -20.73 -22.69 -0.55
CA GLU B 275 -21.42 -23.17 -1.74
C GLU B 275 -22.51 -22.20 -2.22
N LEU B 276 -22.70 -22.19 -3.53
CA LEU B 276 -23.68 -21.32 -4.17
C LEU B 276 -25.09 -21.59 -3.63
N ALA B 277 -25.80 -20.55 -3.23
CA ALA B 277 -27.18 -20.66 -2.82
C ALA B 277 -28.08 -20.83 -4.02
N VAL B 278 -29.24 -21.42 -3.74
CA VAL B 278 -30.18 -21.85 -4.77
C VAL B 278 -31.54 -21.32 -4.46
N ASN B 279 -32.23 -20.72 -5.47
CA ASN B 279 -33.66 -20.43 -5.36
C ASN B 279 -34.47 -21.74 -5.36
N HIS B 280 -35.06 -22.10 -4.22
CA HIS B 280 -35.83 -23.34 -4.19
C HIS B 280 -37.15 -23.29 -4.98
N GLN B 281 -37.52 -22.13 -5.51
CA GLN B 281 -38.85 -21.98 -6.12
C GLN B 281 -39.08 -22.96 -7.29
N SER B 282 -38.08 -23.16 -8.13
CA SER B 282 -38.32 -23.97 -9.33
C SER B 282 -38.14 -25.48 -9.09
N LEU B 283 -37.79 -25.89 -7.88
CA LEU B 283 -37.43 -27.28 -7.63
C LEU B 283 -38.64 -28.17 -7.39
N HIS B 284 -38.45 -29.47 -7.62
CA HIS B 284 -39.45 -30.46 -7.26
C HIS B 284 -39.44 -30.69 -5.76
N GLU B 285 -40.56 -31.23 -5.26
CA GLU B 285 -40.78 -31.27 -3.81
C GLU B 285 -39.70 -32.07 -3.10
N SER B 286 -39.30 -33.22 -3.69
CA SER B 286 -38.24 -34.01 -3.06
C SER B 286 -36.94 -33.22 -2.99
N SER B 287 -36.59 -32.51 -4.08
CA SER B 287 -35.39 -31.66 -4.07
C SER B 287 -35.50 -30.53 -3.04
N LYS B 288 -36.67 -29.90 -2.96
CA LYS B 288 -36.88 -28.92 -1.90
C LYS B 288 -36.61 -29.50 -0.52
N SER B 289 -37.15 -30.68 -0.22
CA SER B 289 -36.94 -31.28 1.10
C SER B 289 -35.47 -31.61 1.34
N GLU B 290 -34.78 -32.14 0.33
CA GLU B 290 -33.34 -32.37 0.47
C GLU B 290 -32.59 -31.09 0.77
N LEU B 291 -32.97 -29.99 0.10
CA LEU B 291 -32.29 -28.73 0.38
C LEU B 291 -32.55 -28.29 1.80
N ASN B 292 -33.77 -28.51 2.29
CA ASN B 292 -34.07 -28.16 3.67
C ASN B 292 -33.20 -28.95 4.65
N GLY B 293 -32.99 -30.25 4.40
CA GLY B 293 -32.12 -31.03 5.28
C GLY B 293 -30.66 -30.57 5.22
N TYR B 294 -30.17 -30.23 4.02
CA TYR B 294 -28.85 -29.63 3.89
C TYR B 294 -28.74 -28.34 4.72
N LEU B 295 -29.75 -27.48 4.59
CA LEU B 295 -29.76 -26.22 5.35
C LEU B 295 -29.89 -26.45 6.86
N GLU B 296 -30.60 -27.49 7.28
CA GLU B 296 -30.64 -27.83 8.71
C GLU B 296 -29.24 -28.14 9.25
N SER B 297 -28.43 -28.82 8.43
CA SER B 297 -27.08 -29.11 8.85
C SER B 297 -26.30 -27.81 9.05
N LEU B 298 -26.43 -26.91 8.07
CA LEU B 298 -25.78 -25.60 8.18
C LEU B 298 -26.27 -24.82 9.39
N ILE B 299 -27.59 -24.81 9.63
CA ILE B 299 -28.14 -24.09 10.77
C ILE B 299 -27.54 -24.58 12.07
N GLN B 300 -27.45 -25.90 12.23
CA GLN B 300 -26.89 -26.41 13.46
C GLN B 300 -25.45 -25.96 13.65
N THR B 301 -24.64 -26.09 12.61
CA THR B 301 -23.26 -25.65 12.70
C THR B 301 -23.14 -24.14 12.93
N LEU B 302 -23.96 -23.33 12.28
CA LEU B 302 -23.94 -21.89 12.55
C LEU B 302 -24.28 -21.59 14.00
N SER B 303 -25.29 -22.28 14.55
CA SER B 303 -25.71 -22.04 15.93
C SER B 303 -24.59 -22.40 16.91
N GLU B 304 -23.90 -23.50 16.64
CA GLU B 304 -22.82 -23.93 17.53
C GLU B 304 -21.63 -22.99 17.47
N ASN B 305 -21.36 -22.40 16.30
CA ASN B 305 -20.31 -21.38 16.23
C ASN B 305 -20.74 -20.10 16.91
N ALA B 306 -22.00 -19.74 16.83
CA ALA B 306 -22.48 -18.59 17.57
C ALA B 306 -22.31 -18.83 19.06
N GLU B 307 -22.60 -20.06 19.52
CA GLU B 307 -22.54 -20.34 20.95
C GLU B 307 -21.12 -20.20 21.49
N THR B 308 -20.10 -20.36 20.66
CA THR B 308 -18.70 -20.27 21.09
C THR B 308 -18.11 -18.90 20.84
N LEU B 309 -18.95 -17.95 20.42
CA LEU B 309 -18.49 -16.58 20.25
C LEU B 309 -18.02 -16.00 21.58
N THR B 310 -16.91 -15.25 21.56
CA THR B 310 -16.39 -14.61 22.77
C THR B 310 -16.31 -13.10 22.61
N PRO B 311 -16.33 -12.34 23.69
CA PRO B 311 -16.01 -10.89 23.60
C PRO B 311 -14.72 -10.60 22.83
N GLU B 312 -13.64 -11.33 23.11
N GLU B 312 -13.64 -11.33 23.11
CA GLU B 312 -12.38 -11.05 22.42
CA GLU B 312 -12.38 -11.07 22.42
C GLU B 312 -12.52 -11.21 20.90
C GLU B 312 -12.53 -11.20 20.91
N GLN B 313 -13.28 -12.19 20.44
CA GLN B 313 -13.49 -12.34 18.99
C GLN B 313 -14.28 -11.18 18.39
N ILE B 314 -15.30 -10.71 19.13
CA ILE B 314 -16.08 -9.56 18.66
C ILE B 314 -15.17 -8.34 18.54
N PHE B 315 -14.38 -8.09 19.58
CA PHE B 315 -13.45 -6.97 19.53
C PHE B 315 -12.43 -7.16 18.41
N GLN B 316 -12.05 -8.39 18.13
CA GLN B 316 -11.07 -8.66 17.09
C GLN B 316 -11.60 -8.37 15.70
N SER B 317 -12.91 -8.22 15.55
CA SER B 317 -13.44 -7.81 14.25
C SER B 317 -13.72 -6.32 14.15
N GLN B 318 -13.16 -5.49 15.03
CA GLN B 318 -13.48 -4.07 14.97
C GLN B 318 -12.89 -3.38 13.74
N ASP B 319 -11.96 -4.03 13.04
CA ASP B 319 -11.36 -3.44 11.85
C ASP B 319 -12.00 -3.94 10.55
N SER B 320 -13.14 -4.61 10.64
CA SER B 320 -13.84 -5.04 9.45
C SER B 320 -14.57 -3.87 8.79
N ASP B 321 -15.00 -4.11 7.56
CA ASP B 321 -15.70 -3.07 6.80
C ASP B 321 -17.18 -3.16 7.14
N PHE B 322 -17.65 -2.29 8.04
CA PHE B 322 -19.06 -2.34 8.43
C PHE B 322 -19.97 -1.52 7.54
N ASP B 323 -19.44 -0.75 6.61
CA ASP B 323 -20.24 0.07 5.69
C ASP B 323 -19.67 -0.05 4.29
N PRO B 324 -19.88 -1.21 3.67
CA PRO B 324 -19.38 -1.40 2.29
C PRO B 324 -20.01 -0.43 1.27
N TYR B 325 -21.15 0.14 1.60
CA TYR B 325 -21.70 1.18 0.74
C TYR B 325 -20.80 2.42 0.74
N GLN B 326 -20.44 2.93 1.91
CA GLN B 326 -19.56 4.11 1.94
C GLN B 326 -18.20 3.80 1.32
N SER B 327 -17.62 2.63 1.66
CA SER B 327 -16.29 2.29 1.14
C SER B 327 -16.28 2.14 -0.38
N THR B 328 -17.35 1.59 -0.93
CA THR B 328 -17.42 1.47 -2.37
C THR B 328 -17.51 2.85 -3.02
N GLN B 329 -18.34 3.74 -2.44
CA GLN B 329 -18.48 5.10 -2.94
C GLN B 329 -17.18 5.88 -2.90
N LEU B 330 -16.37 5.64 -1.87
CA LEU B 330 -15.06 6.29 -1.80
C LEU B 330 -14.14 5.80 -2.92
N VAL B 331 -14.06 4.47 -3.10
CA VAL B 331 -13.23 3.90 -4.16
C VAL B 331 -13.69 4.41 -5.54
N PHE B 332 -14.99 4.36 -5.80
CA PHE B 332 -15.50 4.79 -7.09
C PHE B 332 -15.16 6.27 -7.33
N ARG B 333 -15.35 7.13 -6.33
CA ARG B 333 -15.06 8.56 -6.49
C ARG B 333 -13.58 8.84 -6.69
N GLN B 334 -12.73 8.06 -6.03
CA GLN B 334 -11.28 8.11 -6.27
C GLN B 334 -10.96 7.75 -7.72
N LEU B 335 -11.60 6.72 -8.25
CA LEU B 335 -11.36 6.33 -9.63
C LEU B 335 -11.86 7.41 -10.62
N LEU B 336 -12.89 8.13 -10.25
CA LEU B 336 -13.43 9.19 -11.10
C LEU B 336 -12.55 10.42 -11.15
N THR B 337 -11.63 10.57 -10.21
CA THR B 337 -10.81 11.78 -10.28
C THR B 337 -9.99 11.87 -11.56
N SER B 338 -9.98 10.81 -12.39
CA SER B 338 -9.23 10.84 -13.64
C SER B 338 -9.97 11.56 -14.75
N TYR B 339 -11.24 11.90 -14.52
CA TYR B 339 -11.99 12.78 -15.40
C TYR B 339 -12.00 14.18 -14.77
N LYS B 340 -11.93 15.20 -15.62
CA LYS B 340 -11.97 16.59 -15.15
C LYS B 340 -13.42 17.04 -15.15
N PHE B 341 -14.01 17.11 -13.95
CA PHE B 341 -15.41 17.47 -13.83
C PHE B 341 -15.61 18.97 -14.01
N THR C 16 39.32 9.25 26.37
CA THR C 16 38.23 9.76 25.53
C THR C 16 37.63 11.04 26.13
N GLU C 17 37.68 12.13 25.37
CA GLU C 17 37.23 13.43 25.85
C GLU C 17 35.76 13.65 25.51
N SER C 18 35.11 14.50 26.29
CA SER C 18 33.64 14.62 26.30
C SER C 18 33.23 16.08 26.34
N VAL C 19 32.76 16.60 25.19
CA VAL C 19 32.11 17.92 25.16
C VAL C 19 30.71 17.82 25.75
N LEU C 20 30.19 16.61 25.79
CA LEU C 20 28.88 16.39 26.41
C LEU C 20 28.87 16.84 27.86
N GLU C 21 29.95 16.58 28.60
CA GLU C 21 29.97 16.83 30.03
C GLU C 21 29.67 18.29 30.34
N SER C 22 30.28 19.20 29.61
CA SER C 22 29.93 20.60 29.76
C SER C 22 28.48 20.88 29.41
N ILE C 23 27.85 20.05 28.58
CA ILE C 23 26.47 20.25 28.16
C ILE C 23 25.47 19.71 29.21
N ILE C 24 25.72 18.52 29.74
CA ILE C 24 24.74 17.90 30.62
C ILE C 24 24.96 18.24 32.09
N SER C 25 25.99 19.00 32.40
CA SER C 25 26.25 19.40 33.77
C SER C 25 24.98 19.99 34.39
N PRO C 26 24.66 19.67 35.65
CA PRO C 26 25.48 18.93 36.62
C PRO C 26 25.47 17.42 36.51
N VAL C 27 24.78 16.81 35.56
CA VAL C 27 24.90 15.37 35.37
C VAL C 27 26.29 15.01 34.88
N THR C 28 26.88 13.98 35.46
CA THR C 28 28.19 13.50 35.07
C THR C 28 28.08 12.44 33.99
N MET C 29 29.16 12.29 33.23
CA MET C 29 29.17 11.30 32.19
C MET C 29 28.99 9.91 32.80
N SER C 30 29.57 9.68 33.99
CA SER C 30 29.40 8.41 34.69
C SER C 30 27.92 8.16 35.00
N GLU C 31 27.25 9.15 35.57
CA GLU C 31 25.80 9.03 35.78
C GLU C 31 25.05 8.84 34.46
N PHE C 32 25.45 9.56 33.42
CA PHE C 32 24.74 9.37 32.16
C PHE C 32 24.82 7.93 31.67
N LEU C 33 26.02 7.33 31.71
CA LEU C 33 26.23 5.99 31.18
C LEU C 33 25.62 4.93 32.07
N GLU C 34 25.57 5.14 33.38
CA GLU C 34 25.00 4.12 34.27
C GLU C 34 23.49 4.26 34.45
N GLU C 35 22.96 5.48 34.50
CA GLU C 35 21.54 5.72 34.88
C GLU C 35 20.60 6.04 33.71
N TYR C 36 21.09 6.53 32.58
CA TYR C 36 20.23 6.91 31.47
C TYR C 36 20.50 6.13 30.20
N TRP C 37 21.69 6.25 29.64
CA TRP C 37 22.07 5.49 28.46
C TRP C 37 21.95 3.99 28.73
N PRO C 38 21.40 3.21 27.79
CA PRO C 38 20.82 3.55 26.49
C PRO C 38 19.33 3.39 26.54
N VAL C 39 18.74 3.59 27.72
CA VAL C 39 17.32 3.24 27.90
C VAL C 39 16.39 4.37 28.36
N LYS C 40 16.92 5.32 29.09
CA LYS C 40 15.99 6.32 29.66
C LYS C 40 16.30 7.73 29.21
N PRO C 41 15.31 8.60 29.02
CA PRO C 41 15.57 9.95 28.53
C PRO C 41 16.17 10.87 29.58
N LEU C 42 16.91 11.86 29.10
CA LEU C 42 17.43 12.89 30.00
C LEU C 42 17.20 14.27 29.39
N VAL C 43 16.82 15.23 30.22
CA VAL C 43 16.62 16.61 29.78
C VAL C 43 17.59 17.47 30.56
N ALA C 44 18.45 18.18 29.85
CA ALA C 44 19.50 18.99 30.46
C ALA C 44 19.32 20.42 29.96
N ARG C 45 18.89 21.32 30.86
CA ARG C 45 18.61 22.70 30.48
C ARG C 45 19.82 23.57 30.83
N GLY C 46 20.03 24.62 30.06
CA GLY C 46 21.13 25.55 30.35
C GLY C 46 21.25 26.60 29.26
N GLU C 47 22.33 27.38 29.32
CA GLU C 47 22.49 28.44 28.33
C GLU C 47 22.95 27.89 26.97
N VAL C 48 22.32 28.36 25.90
CA VAL C 48 22.62 27.79 24.58
C VAL C 48 24.09 28.01 24.21
N GLU C 49 24.75 28.95 24.87
CA GLU C 49 26.16 29.22 24.57
C GLU C 49 27.06 28.00 24.83
N ARG C 50 26.69 27.11 25.74
CA ARG C 50 27.57 25.96 25.96
C ARG C 50 27.54 24.97 24.81
N PHE C 51 26.60 25.15 23.86
CA PHE C 51 26.63 24.37 22.64
C PHE C 51 27.81 24.78 21.75
N THR C 52 28.43 25.94 22.00
CA THR C 52 29.53 26.41 21.15
C THR C 52 30.68 25.42 21.14
N SER C 53 30.72 24.51 22.12
CA SER C 53 31.76 23.48 22.15
C SER C 53 31.60 22.51 21.01
N ILE C 54 30.39 22.29 20.49
CA ILE C 54 30.20 21.43 19.33
C ILE C 54 30.86 22.08 18.13
N PRO C 55 31.84 21.46 17.49
CA PRO C 55 32.45 22.12 16.32
C PRO C 55 31.39 22.42 15.28
N GLY C 56 31.56 23.53 14.58
CA GLY C 56 30.65 23.89 13.51
C GLY C 56 29.30 24.35 13.97
N PHE C 57 29.07 24.49 15.28
CA PHE C 57 27.77 24.95 15.77
C PHE C 57 27.41 26.33 15.22
N GLU C 58 28.35 27.27 15.17
CA GLU C 58 28.03 28.57 14.59
C GLU C 58 27.45 28.43 13.18
N LYS C 59 27.90 27.43 12.42
CA LYS C 59 27.48 27.30 11.03
C LYS C 59 26.07 26.74 10.89
N VAL C 60 25.47 26.20 11.97
CA VAL C 60 24.09 25.75 11.90
C VAL C 60 23.18 26.41 12.93
N ARG C 61 23.55 27.61 13.36
CA ARG C 61 22.90 28.28 14.46
C ARG C 61 21.60 28.96 14.06
N THR C 62 21.42 29.26 12.76
CA THR C 62 20.17 29.78 12.23
C THR C 62 19.75 28.98 10.99
N LEU C 63 18.46 29.03 10.65
CA LEU C 63 18.02 28.39 9.41
C LEU C 63 18.71 29.00 8.19
N GLU C 64 18.94 30.32 8.20
CA GLU C 64 19.63 30.93 7.06
C GLU C 64 21.02 30.31 6.86
N ASN C 65 21.78 30.11 7.96
CA ASN C 65 23.13 29.57 7.78
C ASN C 65 23.06 28.13 7.31
N VAL C 66 22.11 27.37 7.86
CA VAL C 66 22.01 25.97 7.43
C VAL C 66 21.77 25.95 5.92
N LEU C 67 20.82 26.77 5.48
CA LEU C 67 20.45 26.76 4.08
C LEU C 67 21.62 27.24 3.22
N ALA C 68 22.46 28.11 3.77
CA ALA C 68 23.61 28.58 3.01
C ALA C 68 24.61 27.46 2.77
N ILE C 69 24.76 26.54 3.72
CA ILE C 69 25.87 25.59 3.59
C ILE C 69 25.42 24.22 3.11
N TYR C 70 24.14 23.91 3.21
CA TYR C 70 23.67 22.55 3.03
C TYR C 70 23.38 22.33 1.54
N ASN C 71 24.30 21.67 0.82
CA ASN C 71 24.15 21.48 -0.63
C ASN C 71 23.80 20.01 -0.90
N ASN C 72 22.54 19.67 -0.65
CA ASN C 72 22.06 18.31 -0.78
C ASN C 72 20.55 18.40 -0.78
N PRO C 73 19.89 17.29 -1.11
CA PRO C 73 18.44 17.22 -1.00
C PRO C 73 17.97 17.33 0.43
N VAL C 74 16.89 18.08 0.59
CA VAL C 74 16.30 18.37 1.87
C VAL C 74 14.97 17.62 1.95
N MET C 75 14.77 16.82 3.04
CA MET C 75 13.48 16.16 3.21
C MET C 75 12.43 17.14 3.78
N VAL C 76 11.25 17.15 3.16
CA VAL C 76 10.13 17.91 3.68
C VAL C 76 8.98 16.98 4.04
N VAL C 77 8.34 17.26 5.18
CA VAL C 77 7.40 16.32 5.80
C VAL C 77 6.20 17.09 6.30
N GLY C 78 5.00 16.63 5.92
CA GLY C 78 3.81 17.18 6.54
C GLY C 78 2.60 17.25 5.64
N ASP C 79 1.56 17.90 6.20
CA ASP C 79 0.26 17.98 5.56
C ASP C 79 0.36 18.56 4.16
N ALA C 80 1.24 19.55 3.97
CA ALA C 80 1.36 20.17 2.65
C ALA C 80 1.82 19.16 1.59
N VAL C 81 2.64 18.18 2.00
CA VAL C 81 3.12 17.14 1.09
C VAL C 81 2.01 16.14 0.81
N ILE C 82 1.24 15.77 1.83
CA ILE C 82 0.09 14.89 1.66
C ILE C 82 -0.82 15.51 0.61
N GLU C 83 -1.07 16.81 0.76
CA GLU C 83 -1.94 17.49 -0.19
C GLU C 83 -1.37 17.45 -1.60
N GLU C 84 -0.13 17.88 -1.74
CA GLU C 84 0.50 17.98 -3.05
C GLU C 84 0.59 16.63 -3.75
N SER C 85 0.81 15.54 -3.01
CA SER C 85 0.92 14.22 -3.59
C SER C 85 -0.42 13.50 -3.69
N GLU C 86 -1.52 14.22 -3.51
CA GLU C 86 -2.87 13.67 -3.55
C GLU C 86 -2.97 12.46 -2.62
N GLY C 87 -2.35 12.56 -1.46
CA GLY C 87 -2.48 11.55 -0.44
C GLY C 87 -1.50 10.39 -0.49
N ILE C 88 -0.54 10.40 -1.41
CA ILE C 88 0.34 9.25 -1.64
C ILE C 88 1.47 9.19 -0.63
N THR C 89 1.99 10.34 -0.23
CA THR C 89 3.08 10.33 0.72
C THR C 89 3.01 11.60 1.55
N ASP C 90 3.64 11.59 2.71
CA ASP C 90 3.80 12.77 3.54
C ASP C 90 5.20 13.36 3.48
N ARG C 91 6.05 12.83 2.61
CA ARG C 91 7.40 13.36 2.51
C ARG C 91 8.04 13.18 1.13
N PHE C 92 8.83 14.18 0.76
CA PHE C 92 9.73 13.90 -0.34
C PHE C 92 10.94 14.83 -0.24
N LEU C 93 11.90 14.61 -1.12
CA LEU C 93 13.18 15.34 -1.15
C LEU C 93 13.11 16.45 -2.18
N VAL C 94 13.56 17.66 -1.82
CA VAL C 94 13.56 18.80 -2.72
C VAL C 94 14.89 19.51 -2.65
N SER C 95 15.08 20.47 -3.53
CA SER C 95 16.33 21.23 -3.50
C SER C 95 16.33 22.21 -2.33
N PRO C 96 17.52 22.55 -1.82
CA PRO C 96 17.57 23.53 -0.73
C PRO C 96 16.88 24.85 -1.09
N ALA C 97 16.94 25.23 -2.36
CA ALA C 97 16.24 26.41 -2.85
C ALA C 97 14.74 26.28 -2.76
N GLU C 98 14.18 25.06 -2.87
CA GLU C 98 12.73 24.88 -2.74
C GLU C 98 12.28 24.61 -1.32
N ALA C 99 13.19 24.25 -0.44
CA ALA C 99 12.80 23.78 0.89
C ALA C 99 12.11 24.90 1.70
N LEU C 100 12.51 26.15 1.51
CA LEU C 100 11.91 27.22 2.29
C LEU C 100 10.45 27.43 1.95
N GLU C 101 10.07 27.22 0.68
CA GLU C 101 8.64 27.24 0.34
C GLU C 101 7.81 26.25 1.18
N TRP C 102 8.29 25.01 1.28
CA TRP C 102 7.58 24.00 2.06
C TRP C 102 7.59 24.32 3.56
N TYR C 103 8.71 24.86 4.07
CA TYR C 103 8.75 25.36 5.44
C TYR C 103 7.65 26.37 5.68
N GLU C 104 7.43 27.27 4.73
CA GLU C 104 6.41 28.28 4.97
C GLU C 104 5.02 27.67 5.00
N LYS C 105 4.83 26.49 4.45
CA LYS C 105 3.56 25.80 4.52
C LYS C 105 3.48 24.80 5.68
N GLY C 106 4.37 24.91 6.64
CA GLY C 106 4.32 24.08 7.80
C GLY C 106 4.96 22.74 7.67
N ALA C 107 5.66 22.45 6.58
CA ALA C 107 6.35 21.17 6.44
C ALA C 107 7.61 21.20 7.29
N ALA C 108 7.88 20.12 8.02
CA ALA C 108 9.14 20.05 8.76
C ALA C 108 10.26 19.78 7.78
N LEU C 109 11.41 20.45 7.94
CA LEU C 109 12.56 20.23 7.10
C LEU C 109 13.55 19.38 7.86
N GLU C 110 14.15 18.43 7.18
CA GLU C 110 15.14 17.54 7.78
C GLU C 110 16.34 17.63 6.87
N PHE C 111 17.45 18.12 7.42
CA PHE C 111 18.70 18.30 6.70
C PHE C 111 19.59 17.15 7.17
N ASP C 112 19.47 16.02 6.47
CA ASP C 112 20.11 14.77 6.85
C ASP C 112 21.60 14.81 6.46
N PHE C 113 22.44 14.17 7.29
CA PHE C 113 23.90 14.17 7.10
C PHE C 113 24.46 15.58 6.95
N THR C 114 24.01 16.45 7.85
CA THR C 114 24.53 17.82 7.88
C THR C 114 26.04 17.81 8.13
N ASP C 115 26.53 16.78 8.80
CA ASP C 115 27.97 16.67 9.01
C ASP C 115 28.80 16.55 7.72
N LEU C 116 28.19 16.27 6.57
CA LEU C 116 28.92 16.38 5.30
C LEU C 116 29.38 17.80 5.04
N PHE C 117 28.70 18.79 5.59
CA PHE C 117 28.96 20.18 5.26
C PHE C 117 29.60 20.91 6.41
N ILE C 118 29.65 20.27 7.58
N ILE C 118 29.68 20.25 7.57
CA ILE C 118 30.43 20.72 8.71
CA ILE C 118 30.45 20.74 8.70
C ILE C 118 31.38 19.61 9.16
C ILE C 118 31.37 19.60 9.12
N PRO C 119 32.38 19.29 8.30
CA PRO C 119 33.24 18.13 8.59
C PRO C 119 33.89 18.21 9.95
N GLN C 120 34.08 19.43 10.46
CA GLN C 120 34.62 19.64 11.80
C GLN C 120 34.00 18.67 12.78
N VAL C 121 32.69 18.51 12.70
CA VAL C 121 31.93 17.80 13.71
C VAL C 121 32.19 16.29 13.69
N ARG C 122 32.76 15.73 12.62
CA ARG C 122 32.95 14.28 12.55
C ARG C 122 33.91 13.82 13.63
N ARG C 123 35.01 14.56 13.83
CA ARG C 123 35.93 14.17 14.90
C ARG C 123 35.16 14.10 16.21
N TRP C 124 34.33 15.12 16.45
CA TRP C 124 33.53 15.16 17.67
C TRP C 124 32.60 13.93 17.75
N ILE C 125 31.88 13.65 16.66
CA ILE C 125 30.93 12.55 16.68
C ILE C 125 31.65 11.24 16.95
N GLU C 126 32.86 11.09 16.37
CA GLU C 126 33.63 9.87 16.57
C GLU C 126 34.07 9.77 18.04
N LYS C 127 34.45 10.89 18.64
CA LYS C 127 34.82 10.84 20.05
C LYS C 127 33.61 10.41 20.87
N LEU C 128 32.45 10.95 20.54
CA LEU C 128 31.25 10.63 21.29
C LEU C 128 30.94 9.14 21.16
N LYS C 129 31.08 8.63 19.93
CA LYS C 129 30.83 7.22 19.65
C LYS C 129 31.74 6.36 20.51
N ALA C 130 33.01 6.78 20.66
CA ALA C 130 33.95 6.05 21.49
C ALA C 130 33.55 6.10 22.96
N GLU C 131 33.18 7.26 23.45
CA GLU C 131 32.83 7.42 24.85
C GLU C 131 31.61 6.59 25.21
N LEU C 132 30.69 6.44 24.30
CA LEU C 132 29.47 5.69 24.49
C LEU C 132 29.72 4.19 24.30
N ARG C 133 30.94 3.83 23.93
CA ARG C 133 31.37 2.42 23.77
C ARG C 133 30.56 1.74 22.66
N LEU C 134 30.17 2.50 21.66
CA LEU C 134 29.46 1.91 20.54
C LEU C 134 30.45 1.15 19.64
N PRO C 135 30.00 0.07 19.01
CA PRO C 135 30.85 -0.58 17.99
C PRO C 135 31.37 0.45 17.00
N ALA C 136 32.61 0.24 16.55
CA ALA C 136 33.25 1.13 15.58
C ALA C 136 32.41 1.34 14.30
N GLY C 137 31.75 0.28 13.82
CA GLY C 137 30.94 0.39 12.61
C GLY C 137 29.56 1.03 12.76
N THR C 138 29.20 1.41 13.97
CA THR C 138 27.91 2.04 14.23
C THR C 138 27.70 3.26 13.34
N SER C 139 26.49 3.37 12.79
CA SER C 139 26.17 4.55 11.99
C SER C 139 26.11 5.82 12.88
N SER C 140 26.56 6.93 12.30
CA SER C 140 26.55 8.14 13.08
C SER C 140 26.52 9.34 12.16
N LYS C 141 25.74 10.35 12.55
CA LYS C 141 25.56 11.51 11.69
C LYS C 141 24.97 12.66 12.49
N ALA C 142 24.94 13.84 11.86
CA ALA C 142 24.21 14.99 12.36
C ALA C 142 23.03 15.28 11.45
N ILE C 143 21.93 15.71 12.03
CA ILE C 143 20.76 16.10 11.26
C ILE C 143 20.25 17.40 11.84
N VAL C 144 19.81 18.32 10.99
CA VAL C 144 19.17 19.54 11.47
C VAL C 144 17.69 19.45 11.19
N TYR C 145 16.87 19.80 12.18
CA TYR C 145 15.41 19.87 12.03
C TYR C 145 14.89 21.29 12.18
N ALA C 146 14.11 21.74 11.23
CA ALA C 146 13.50 23.05 11.29
C ALA C 146 12.01 22.95 11.01
N ALA C 147 11.22 23.75 11.70
CA ALA C 147 9.80 23.69 11.45
C ALA C 147 9.14 24.90 12.09
N LYS C 148 7.96 25.24 11.59
CA LYS C 148 7.12 26.28 12.17
C LYS C 148 5.66 25.96 11.85
N ASN C 149 4.76 26.80 12.35
CA ASN C 149 3.35 26.76 11.94
C ASN C 149 2.71 25.44 12.32
N GLY C 150 3.18 24.81 13.38
CA GLY C 150 2.65 23.56 13.84
C GLY C 150 3.29 22.32 13.26
N GLY C 151 4.32 22.46 12.43
CA GLY C 151 4.92 21.32 11.79
C GLY C 151 5.76 20.48 12.75
N GLY C 152 5.98 19.26 12.33
CA GLY C 152 6.73 18.31 13.15
C GLY C 152 6.39 16.90 12.69
N PHE C 153 6.64 15.95 13.58
CA PHE C 153 6.50 14.53 13.26
C PHE C 153 5.50 13.87 14.17
N LYS C 154 4.66 12.98 13.63
CA LYS C 154 3.63 12.34 14.44
C LYS C 154 4.20 11.17 15.24
N ALA C 155 3.43 10.69 16.22
CA ALA C 155 3.94 9.70 17.19
C ALA C 155 4.55 8.46 16.54
N HIS C 156 5.73 8.09 17.01
CA HIS C 156 6.49 7.00 16.42
C HIS C 156 7.62 6.67 17.37
N PHE C 157 8.31 5.58 17.10
CA PHE C 157 9.61 5.31 17.67
C PHE C 157 10.57 4.92 16.55
N ASP C 158 11.86 5.11 16.85
CA ASP C 158 12.97 4.84 15.96
C ASP C 158 13.86 3.73 16.53
N ALA C 159 14.64 3.13 15.64
CA ALA C 159 15.65 2.17 16.03
C ALA C 159 16.97 2.85 16.26
N TYR C 160 16.98 4.17 16.27
CA TYR C 160 18.18 4.95 16.47
C TYR C 160 18.06 5.67 17.80
N THR C 161 19.19 6.17 18.29
CA THR C 161 19.19 7.02 19.47
C THR C 161 19.68 8.42 19.06
N ASN C 162 19.17 9.44 19.74
CA ASN C 162 19.49 10.81 19.39
C ASN C 162 19.89 11.65 20.58
N LEU C 163 20.92 12.49 20.38
CA LEU C 163 21.26 13.59 21.28
C LEU C 163 20.78 14.86 20.57
N ILE C 164 19.82 15.54 21.17
CA ILE C 164 19.12 16.63 20.50
C ILE C 164 19.44 17.93 21.19
N PHE C 165 19.86 18.94 20.41
CA PHE C 165 20.32 20.23 20.90
C PHE C 165 19.38 21.31 20.36
N GLN C 166 18.56 21.89 21.21
CA GLN C 166 17.57 22.84 20.79
C GLN C 166 18.30 24.17 20.66
N ILE C 167 18.25 24.76 19.46
CA ILE C 167 19.03 25.97 19.15
C ILE C 167 18.16 27.21 19.14
N GLN C 168 17.01 27.13 18.50
CA GLN C 168 16.11 28.26 18.38
C GLN C 168 14.71 27.76 18.69
N GLY C 169 13.91 28.58 19.37
CA GLY C 169 12.50 28.34 19.50
C GLY C 169 12.13 27.36 20.60
N GLU C 170 10.83 27.30 20.85
CA GLU C 170 10.23 26.40 21.83
C GLU C 170 9.51 25.28 21.09
N LYS C 171 9.92 24.05 21.31
CA LYS C 171 9.42 22.91 20.56
C LYS C 171 8.75 21.94 21.50
N THR C 172 7.52 21.55 21.19
CA THR C 172 6.75 20.67 22.08
C THR C 172 7.07 19.23 21.71
N TRP C 173 7.72 18.54 22.62
CA TRP C 173 8.02 17.12 22.51
C TRP C 173 7.04 16.34 23.37
N LYS C 174 6.47 15.27 22.82
CA LYS C 174 5.80 14.27 23.63
C LYS C 174 6.75 13.08 23.76
N LEU C 175 6.89 12.55 24.96
CA LEU C 175 7.81 11.45 25.24
C LEU C 175 7.00 10.40 25.96
N ALA C 176 7.05 9.15 25.54
CA ALA C 176 6.31 8.11 26.22
C ALA C 176 7.11 6.82 26.27
N LYS C 177 7.33 6.30 27.48
CA LYS C 177 7.97 5.00 27.69
C LYS C 177 7.30 3.93 26.83
N ASN C 178 8.14 3.10 26.19
CA ASN C 178 7.65 2.03 25.34
C ASN C 178 7.37 0.77 26.16
N GLU C 179 6.12 0.40 26.32
CA GLU C 179 5.75 -0.81 27.06
C GLU C 179 5.44 -1.97 26.13
N ASN C 180 5.57 -1.81 24.82
CA ASN C 180 5.27 -2.87 23.86
C ASN C 180 6.50 -3.65 23.40
N VAL C 181 7.61 -2.98 23.17
CA VAL C 181 8.79 -3.65 22.64
C VAL C 181 10.02 -3.13 23.35
N SER C 182 10.95 -4.03 23.62
N SER C 182 10.95 -4.05 23.64
CA SER C 182 12.28 -3.73 24.14
CA SER C 182 12.29 -3.72 24.14
C SER C 182 13.32 -3.86 23.01
C SER C 182 13.31 -3.85 23.01
N ASN C 183 14.23 -2.89 22.91
CA ASN C 183 15.30 -2.91 21.92
C ASN C 183 14.76 -3.18 20.51
N PRO C 184 13.83 -2.35 20.05
CA PRO C 184 13.30 -2.54 18.69
C PRO C 184 14.40 -2.30 17.69
N MET C 185 14.32 -3.04 16.57
CA MET C 185 15.31 -3.00 15.50
C MET C 185 14.77 -2.33 14.25
N GLN C 186 13.56 -1.78 14.29
CA GLN C 186 13.05 -0.99 13.18
C GLN C 186 12.17 0.15 13.67
N HIS C 187 11.87 1.05 12.74
CA HIS C 187 11.01 2.19 12.95
C HIS C 187 9.55 1.73 13.02
N TYR C 188 8.74 2.46 13.78
CA TYR C 188 7.30 2.21 13.79
C TYR C 188 6.53 3.51 14.01
N ASP C 189 5.54 3.76 13.15
CA ASP C 189 4.59 4.86 13.34
C ASP C 189 3.33 4.37 14.03
N LEU C 190 2.91 5.10 15.08
CA LEU C 190 1.73 4.70 15.84
C LEU C 190 0.50 4.61 14.94
N SER C 191 0.45 5.43 13.90
CA SER C 191 -0.71 5.39 12.99
C SER C 191 -0.81 4.08 12.22
N GLU C 192 0.26 3.28 12.21
CA GLU C 192 0.22 1.95 11.59
C GLU C 192 -0.62 0.92 12.35
N ALA C 193 -1.04 1.25 13.57
CA ALA C 193 -1.53 0.37 14.63
C ALA C 193 -2.36 -0.88 14.33
N TYR C 195 -1.48 -2.78 11.62
CA TYR C 195 -0.44 -3.60 10.99
C TYR C 195 0.92 -3.43 11.69
N TYR C 196 1.60 -4.56 11.89
CA TYR C 196 2.96 -4.59 12.40
C TYR C 196 3.83 -5.40 11.44
N PRO C 197 5.00 -4.88 11.06
CA PRO C 197 5.92 -5.71 10.26
C PRO C 197 6.39 -6.96 11.02
N ASP C 198 6.86 -7.95 10.25
CA ASP C 198 6.94 -9.32 10.76
C ASP C 198 7.91 -9.45 11.94
N ASP C 199 9.13 -8.91 11.79
CA ASP C 199 10.09 -9.02 12.88
C ASP C 199 9.53 -8.33 14.10
N LEU C 200 9.04 -7.10 13.96
CA LEU C 200 8.49 -6.38 15.12
C LEU C 200 7.39 -7.19 15.79
N GLN C 201 6.53 -7.82 14.99
CA GLN C 201 5.47 -8.64 15.55
C GLN C 201 6.04 -9.72 16.45
N SER C 202 7.20 -10.30 16.06
CA SER C 202 7.76 -11.42 16.82
C SER C 202 8.03 -11.06 18.29
N TYR C 203 8.25 -9.79 18.61
CA TYR C 203 8.60 -9.43 19.98
C TYR C 203 7.73 -8.31 20.55
N TRP C 204 6.60 -8.04 19.90
CA TRP C 204 5.63 -7.07 20.40
C TRP C 204 4.70 -7.70 21.42
N LYS C 205 4.45 -6.99 22.52
CA LYS C 205 3.48 -7.44 23.52
C LYS C 205 2.49 -6.32 23.87
N GLY C 206 1.24 -6.68 24.02
CA GLY C 206 0.24 -5.74 24.48
C GLY C 206 -0.33 -4.84 23.40
N ASP C 207 -1.20 -3.89 23.85
CA ASP C 207 -1.84 -2.92 22.98
C ASP C 207 -0.99 -1.64 22.83
N PRO C 208 -1.03 -1.02 21.65
CA PRO C 208 -0.26 0.22 21.43
C PRO C 208 -0.71 1.34 22.34
N PRO C 209 0.13 2.38 22.52
CA PRO C 209 -0.33 3.59 23.23
C PRO C 209 -1.60 4.15 22.59
N LYS C 210 -2.36 4.89 23.42
CA LYS C 210 -3.60 5.48 22.97
C LYS C 210 -3.30 6.67 22.05
N GLU C 211 -4.31 7.01 21.24
CA GLU C 211 -4.17 8.09 20.27
C GLU C 211 -3.81 9.39 20.96
N ASP C 212 -2.84 10.10 20.39
CA ASP C 212 -2.32 11.37 20.92
C ASP C 212 -1.41 11.14 22.11
N LEU C 213 -1.04 9.86 22.42
CA LEU C 213 -0.21 9.53 23.57
C LEU C 213 -0.72 10.32 24.79
N PRO C 214 -1.95 10.00 25.26
CA PRO C 214 -2.51 10.81 26.34
C PRO C 214 -1.67 10.84 27.61
N ASP C 215 -0.99 9.73 27.92
CA ASP C 215 -0.19 9.59 29.12
C ASP C 215 1.24 10.06 28.93
N ALA C 216 1.55 10.68 27.81
CA ALA C 216 2.93 11.07 27.53
C ALA C 216 3.36 12.22 28.44
N GLU C 217 4.66 12.29 28.66
CA GLU C 217 5.28 13.47 29.22
C GLU C 217 5.36 14.53 28.14
N ILE C 218 4.92 15.74 28.43
CA ILE C 218 5.04 16.86 27.49
C ILE C 218 6.27 17.65 27.96
N VAL C 219 7.22 17.86 27.07
CA VAL C 219 8.45 18.55 27.40
C VAL C 219 8.59 19.69 26.40
N ASN C 220 8.62 20.92 26.89
CA ASN C 220 8.90 22.07 26.05
C ASN C 220 10.41 22.25 25.97
N LEU C 221 10.97 22.01 24.79
CA LEU C 221 12.39 22.18 24.58
C LEU C 221 12.66 23.62 24.17
N THR C 222 13.40 24.35 24.97
CA THR C 222 13.75 25.73 24.67
C THR C 222 15.24 25.85 24.34
N PRO C 223 15.68 26.98 23.81
CA PRO C 223 17.08 27.07 23.39
C PRO C 223 18.02 26.73 24.54
N GLY C 224 19.01 25.88 24.24
CA GLY C 224 19.96 25.46 25.23
C GLY C 224 19.60 24.19 25.93
N THR C 225 18.42 23.65 25.67
CA THR C 225 18.01 22.36 26.21
C THR C 225 18.59 21.23 25.35
N MET C 226 19.17 20.23 26.00
CA MET C 226 19.54 19.02 25.30
C MET C 226 18.66 17.89 25.80
N LEU C 227 18.06 17.16 24.87
CA LEU C 227 17.32 15.94 25.14
C LEU C 227 18.13 14.73 24.65
N TYR C 228 18.32 13.79 25.55
CA TYR C 228 18.71 12.44 25.18
C TYR C 228 17.45 11.60 24.95
N LEU C 229 17.33 11.08 23.74
CA LEU C 229 16.19 10.33 23.25
C LEU C 229 16.65 8.89 23.01
N PRO C 230 16.34 7.97 23.91
CA PRO C 230 16.79 6.59 23.69
C PRO C 230 16.02 5.91 22.56
N ARG C 231 16.66 4.93 21.96
CA ARG C 231 16.01 4.06 21.00
C ARG C 231 14.74 3.46 21.57
N GLY C 232 13.70 3.48 20.78
CA GLY C 232 12.43 2.86 21.11
C GLY C 232 11.46 3.75 21.90
N LEU C 233 11.90 4.86 22.47
CA LEU C 233 10.98 5.73 23.19
C LEU C 233 9.98 6.34 22.22
N TRP C 234 8.69 6.27 22.54
CA TRP C 234 7.68 6.95 21.72
C TRP C 234 7.87 8.46 21.77
N HIS C 235 7.76 9.13 20.63
CA HIS C 235 7.83 10.59 20.66
C HIS C 235 7.06 11.18 19.48
N SER C 236 6.73 12.46 19.66
CA SER C 236 6.16 13.27 18.57
C SER C 236 6.56 14.72 18.79
N THR C 237 6.51 15.53 17.74
CA THR C 237 6.99 16.90 17.87
C THR C 237 6.06 17.88 17.18
N LYS C 238 6.02 19.08 17.73
CA LYS C 238 5.18 20.14 17.21
C LYS C 238 5.93 21.46 17.43
N SER C 239 6.09 22.25 16.36
CA SER C 239 6.63 23.60 16.49
C SER C 239 5.56 24.66 16.18
N ASP C 240 5.00 25.26 17.24
CA ASP C 240 3.97 26.29 17.01
C ASP C 240 4.58 27.47 16.27
N GLN C 241 5.76 27.87 16.72
CA GLN C 241 6.55 28.95 16.13
C GLN C 241 7.81 28.31 15.59
N ALA C 242 8.66 29.12 14.97
CA ALA C 242 9.85 28.60 14.32
C ALA C 242 10.75 27.91 15.33
N THR C 243 11.27 26.76 14.94
CA THR C 243 12.20 26.03 15.79
C THR C 243 13.35 25.50 14.95
N LEU C 244 14.49 25.31 15.63
CA LEU C 244 15.70 24.82 15.00
C LEU C 244 16.45 23.94 15.98
N ALA C 245 16.75 22.72 15.56
CA ALA C 245 17.43 21.81 16.45
C ALA C 245 18.50 21.03 15.71
N LEU C 246 19.55 20.66 16.43
CA LEU C 246 20.63 19.85 15.89
C LEU C 246 20.57 18.52 16.59
N ASN C 247 20.58 17.43 15.81
CA ASN C 247 20.59 16.08 16.34
C ASN C 247 21.90 15.42 15.98
N ILE C 248 22.44 14.67 16.92
CA ILE C 248 23.51 13.71 16.70
C ILE C 248 22.84 12.34 16.85
N THR C 249 22.84 11.55 15.79
CA THR C 249 22.03 10.34 15.65
C THR C 249 22.97 9.17 15.53
N PHE C 250 22.77 8.19 16.43
CA PHE C 250 23.55 6.97 16.42
C PHE C 250 22.71 5.74 16.15
N GLY C 251 23.24 4.85 15.32
CA GLY C 251 22.68 3.51 15.25
C GLY C 251 22.76 2.83 16.61
N GLN C 252 22.06 1.70 16.69
CA GLN C 252 22.09 0.81 17.85
C GLN C 252 22.26 -0.63 17.36
N PRO C 253 23.44 -0.99 16.87
CA PRO C 253 23.64 -2.36 16.40
C PRO C 253 23.49 -3.31 17.56
N ALA C 254 22.78 -4.40 17.32
CA ALA C 254 22.54 -5.45 18.30
C ALA C 254 23.61 -6.51 18.26
N TRP C 255 23.73 -7.27 19.37
CA TRP C 255 24.64 -8.41 19.31
C TRP C 255 24.35 -9.29 18.09
N LEU C 256 23.06 -9.48 17.78
CA LEU C 256 22.67 -10.28 16.63
C LEU C 256 23.37 -9.81 15.38
N ASP C 257 23.40 -8.48 15.16
CA ASP C 257 24.06 -7.90 13.98
C ASP C 257 25.54 -8.32 13.91
N LEU C 258 26.28 -8.19 15.03
CA LEU C 258 27.70 -8.51 15.00
C LEU C 258 27.89 -10.01 14.81
N MET C 259 27.06 -10.82 15.46
CA MET C 259 27.23 -12.27 15.37
C MET C 259 26.94 -12.79 13.97
N LEU C 260 25.89 -12.26 13.34
CA LEU C 260 25.60 -12.71 12.00
C LEU C 260 26.65 -12.21 11.04
N ALA C 261 27.20 -11.01 11.26
CA ALA C 261 28.35 -10.58 10.45
C ALA C 261 29.54 -11.52 10.59
N ALA C 262 29.88 -11.92 11.83
CA ALA C 262 30.99 -12.85 12.04
C ALA C 262 30.74 -14.19 11.34
N LEU C 263 29.51 -14.71 11.46
CA LEU C 263 29.21 -16.02 10.86
C LEU C 263 29.21 -15.93 9.35
N ARG C 264 28.71 -14.85 8.79
CA ARG C 264 28.80 -14.65 7.34
C ARG C 264 30.26 -14.63 6.87
N LYS C 265 31.13 -13.97 7.62
CA LYS C 265 32.52 -13.95 7.21
C LYS C 265 33.13 -15.34 7.20
N LYS C 266 32.71 -16.18 8.13
CA LYS C 266 33.19 -17.55 8.16
C LYS C 266 32.72 -18.35 6.96
N LEU C 267 31.55 -18.06 6.45
CA LEU C 267 30.97 -18.93 5.42
C LEU C 267 31.16 -18.42 3.99
N ILE C 268 31.41 -17.12 3.83
CA ILE C 268 31.41 -16.53 2.49
C ILE C 268 32.58 -17.03 1.65
N SER C 269 33.60 -17.56 2.29
CA SER C 269 34.74 -18.17 1.63
C SER C 269 34.36 -19.47 0.93
N ASP C 270 33.26 -20.11 1.28
CA ASP C 270 32.86 -21.42 0.77
C ASP C 270 31.90 -21.26 -0.41
N ASN C 271 32.28 -21.80 -1.57
CA ASN C 271 31.54 -21.51 -2.77
C ASN C 271 30.13 -22.06 -2.68
N ARG C 272 29.96 -23.16 -1.95
CA ARG C 272 28.63 -23.77 -1.81
C ARG C 272 27.64 -22.73 -1.27
N PHE C 273 28.08 -21.93 -0.30
CA PHE C 273 27.20 -20.93 0.30
C PHE C 273 26.98 -19.73 -0.61
N ARG C 274 27.87 -19.49 -1.58
CA ARG C 274 27.72 -18.36 -2.50
C ARG C 274 26.86 -18.68 -3.72
N GLU C 275 26.54 -19.94 -3.94
CA GLU C 275 25.79 -20.34 -5.11
C GLU C 275 24.38 -19.74 -5.10
N LEU C 276 23.85 -19.49 -6.29
CA LEU C 276 22.55 -18.86 -6.45
C LEU C 276 21.45 -19.69 -5.81
N ALA C 277 20.61 -19.05 -5.02
CA ALA C 277 19.40 -19.63 -4.47
C ALA C 277 18.28 -19.63 -5.50
N VAL C 278 17.27 -20.44 -5.21
CA VAL C 278 16.18 -20.68 -6.16
C VAL C 278 14.83 -20.52 -5.46
N ASN C 279 13.80 -20.35 -6.29
CA ASN C 279 12.44 -20.33 -5.79
C ASN C 279 11.97 -21.78 -5.59
N HIS C 280 11.29 -22.00 -4.46
CA HIS C 280 10.91 -23.34 -4.03
C HIS C 280 9.84 -23.96 -4.95
N GLN C 281 8.71 -23.26 -5.12
CA GLN C 281 7.57 -23.86 -5.79
C GLN C 281 7.79 -23.99 -7.29
N SER C 282 8.64 -23.15 -7.86
CA SER C 282 8.96 -23.24 -9.27
C SER C 282 9.50 -24.61 -9.69
N LEU C 283 9.95 -25.41 -8.73
CA LEU C 283 10.71 -26.62 -9.02
C LEU C 283 9.80 -27.81 -9.30
N HIS C 284 10.35 -28.79 -10.03
CA HIS C 284 9.68 -30.05 -10.31
C HIS C 284 9.76 -30.96 -9.09
N GLU C 285 9.07 -32.10 -9.16
CA GLU C 285 9.14 -33.10 -8.11
C GLU C 285 10.59 -33.50 -7.85
N SER C 286 11.24 -34.02 -8.89
CA SER C 286 12.62 -34.48 -8.82
C SER C 286 13.52 -33.49 -8.10
N SER C 287 13.59 -32.26 -8.62
CA SER C 287 14.56 -31.30 -8.13
C SER C 287 14.14 -30.67 -6.80
N LYS C 288 12.82 -30.54 -6.56
CA LYS C 288 12.37 -30.08 -5.25
C LYS C 288 12.87 -31.01 -4.14
N SER C 289 12.88 -32.32 -4.40
CA SER C 289 13.49 -33.20 -3.39
C SER C 289 15.02 -33.19 -3.48
N GLU C 290 15.59 -32.99 -4.67
CA GLU C 290 17.05 -32.88 -4.77
C GLU C 290 17.60 -31.75 -3.90
N LEU C 291 16.85 -30.65 -3.81
CA LEU C 291 17.38 -29.47 -3.14
C LEU C 291 17.38 -29.63 -1.63
N ASN C 292 16.43 -30.36 -1.06
CA ASN C 292 16.35 -30.48 0.39
C ASN C 292 17.57 -31.21 0.94
N GLY C 293 18.13 -32.18 0.20
CA GLY C 293 19.33 -32.85 0.69
C GLY C 293 20.55 -31.95 0.70
N TYR C 294 20.76 -31.21 -0.39
CA TYR C 294 21.87 -30.27 -0.46
C TYR C 294 21.74 -29.21 0.61
N LEU C 295 20.52 -28.67 0.81
CA LEU C 295 20.30 -27.70 1.87
C LEU C 295 20.50 -28.34 3.25
N GLU C 296 20.15 -29.61 3.43
CA GLU C 296 20.43 -30.26 4.71
C GLU C 296 21.92 -30.31 5.01
N SER C 297 22.72 -30.63 3.98
CA SER C 297 24.17 -30.57 4.14
C SER C 297 24.68 -29.16 4.46
N LEU C 298 24.20 -28.15 3.73
CA LEU C 298 24.63 -26.79 4.04
C LEU C 298 24.21 -26.37 5.46
N ILE C 299 23.04 -26.80 5.91
CA ILE C 299 22.64 -26.48 7.27
C ILE C 299 23.61 -27.10 8.26
N GLN C 300 24.05 -28.34 8.00
CA GLN C 300 25.04 -28.95 8.90
C GLN C 300 26.31 -28.12 8.94
N THR C 301 26.77 -27.67 7.77
CA THR C 301 28.03 -26.92 7.71
C THR C 301 27.89 -25.56 8.41
N LEU C 302 26.80 -24.85 8.15
CA LEU C 302 26.52 -23.61 8.86
C LEU C 302 26.53 -23.84 10.37
N SER C 303 25.87 -24.92 10.83
CA SER C 303 25.83 -25.23 12.26
C SER C 303 27.24 -25.42 12.80
N GLU C 304 28.06 -26.22 12.10
CA GLU C 304 29.41 -26.48 12.57
C GLU C 304 30.22 -25.19 12.68
N ASN C 305 30.03 -24.28 11.74
CA ASN C 305 30.77 -23.02 11.80
C ASN C 305 30.24 -22.09 12.88
N ALA C 306 28.93 -22.13 13.15
CA ALA C 306 28.41 -21.38 14.30
C ALA C 306 29.00 -21.87 15.60
N GLU C 307 29.16 -23.20 15.74
CA GLU C 307 29.71 -23.75 16.97
C GLU C 307 31.16 -23.34 17.18
N THR C 308 31.89 -23.00 16.12
CA THR C 308 33.26 -22.52 16.25
C THR C 308 33.32 -21.03 16.61
N LEU C 309 32.21 -20.33 16.59
CA LEU C 309 32.24 -18.88 16.81
C LEU C 309 32.82 -18.58 18.20
N THR C 310 33.67 -17.56 18.28
CA THR C 310 34.29 -17.09 19.51
C THR C 310 33.87 -15.66 19.86
N PRO C 311 33.93 -15.27 21.13
CA PRO C 311 33.72 -13.83 21.43
C PRO C 311 34.67 -12.93 20.67
N GLU C 312 35.93 -13.36 20.53
CA GLU C 312 36.91 -12.58 19.77
C GLU C 312 36.45 -12.33 18.33
N GLN C 313 35.89 -13.36 17.65
CA GLN C 313 35.42 -13.19 16.27
C GLN C 313 34.25 -12.22 16.20
N ILE C 314 33.41 -12.20 17.23
CA ILE C 314 32.32 -11.24 17.28
C ILE C 314 32.86 -9.81 17.37
N PHE C 315 33.85 -9.60 18.25
CA PHE C 315 34.44 -8.28 18.37
C PHE C 315 35.23 -7.90 17.13
N GLN C 316 35.87 -8.85 16.49
CA GLN C 316 36.57 -8.60 15.24
C GLN C 316 35.61 -8.20 14.13
N SER C 317 34.32 -8.37 14.31
N SER C 317 34.31 -8.25 14.33
CA SER C 317 33.39 -7.86 13.30
CA SER C 317 33.39 -7.81 13.30
C SER C 317 32.71 -6.54 13.70
C SER C 317 32.73 -6.48 13.67
N GLN C 318 33.23 -5.82 14.70
CA GLN C 318 32.54 -4.62 15.17
C GLN C 318 32.63 -3.44 14.20
N ASP C 319 33.47 -3.55 13.18
CA ASP C 319 33.59 -2.48 12.19
C ASP C 319 32.87 -2.83 10.90
N SER C 320 31.99 -3.81 10.92
CA SER C 320 31.18 -4.10 9.74
C SER C 320 30.08 -3.05 9.56
N ASP C 321 29.38 -3.14 8.44
CA ASP C 321 28.24 -2.26 8.18
C ASP C 321 27.01 -2.94 8.70
N PHE C 322 26.47 -2.39 9.78
CA PHE C 322 25.25 -2.92 10.37
C PHE C 322 24.01 -2.18 9.92
N ASP C 323 24.14 -1.22 9.01
CA ASP C 323 23.03 -0.33 8.68
C ASP C 323 23.20 0.09 7.23
N PRO C 324 22.96 -0.83 6.30
CA PRO C 324 23.09 -0.48 4.86
C PRO C 324 22.15 0.61 4.38
N TYR C 325 21.02 0.78 5.02
CA TYR C 325 20.15 1.90 4.71
C TYR C 325 20.87 3.23 4.91
N GLN C 326 21.55 3.39 6.02
CA GLN C 326 22.25 4.65 6.28
C GLN C 326 23.49 4.75 5.42
N SER C 327 24.26 3.66 5.31
CA SER C 327 25.52 3.75 4.56
C SER C 327 25.27 4.03 3.08
N THR C 328 24.21 3.44 2.54
CA THR C 328 23.84 3.70 1.15
C THR C 328 23.48 5.16 0.96
N GLN C 329 22.72 5.72 1.92
CA GLN C 329 22.28 7.10 1.71
C GLN C 329 23.46 8.04 1.82
N LEU C 330 24.41 7.73 2.70
CA LEU C 330 25.61 8.54 2.85
C LEU C 330 26.39 8.57 1.56
N VAL C 331 26.58 7.41 0.93
CA VAL C 331 27.36 7.40 -0.31
C VAL C 331 26.66 8.21 -1.41
N PHE C 332 25.35 8.00 -1.56
CA PHE C 332 24.58 8.75 -2.56
C PHE C 332 24.73 10.26 -2.36
N ARG C 333 24.60 10.66 -1.09
CA ARG C 333 24.63 12.07 -0.76
C ARG C 333 25.99 12.66 -0.96
N GLN C 334 27.04 11.86 -0.71
CA GLN C 334 28.42 12.30 -0.96
C GLN C 334 28.60 12.60 -2.43
N LEU C 335 27.99 11.78 -3.27
CA LEU C 335 28.14 12.01 -4.70
C LEU C 335 27.37 13.22 -5.12
N LEU C 336 26.49 13.76 -4.27
CA LEU C 336 25.77 15.00 -4.62
C LEU C 336 26.25 16.30 -3.91
N THR C 337 27.39 16.32 -3.22
CA THR C 337 27.66 17.49 -2.38
C THR C 337 27.94 18.76 -3.19
N SER C 338 28.53 18.64 -4.38
CA SER C 338 28.75 19.78 -5.24
C SER C 338 27.74 19.84 -6.39
N TYR C 339 26.64 19.12 -6.27
CA TYR C 339 25.61 19.13 -7.29
C TYR C 339 24.95 20.50 -7.39
N LYS C 340 24.79 20.99 -8.62
CA LYS C 340 24.25 22.33 -8.86
C LYS C 340 22.73 22.30 -8.76
N PHE C 341 22.21 22.49 -7.54
CA PHE C 341 20.78 22.70 -7.33
C PHE C 341 20.47 24.19 -7.58
N THR D 16 1.12 -17.71 -28.65
CA THR D 16 1.10 -17.29 -27.25
C THR D 16 2.48 -17.52 -26.64
N GLU D 17 3.26 -16.45 -26.58
CA GLU D 17 4.63 -16.49 -26.11
C GLU D 17 4.80 -15.44 -25.03
N SER D 18 5.79 -15.65 -24.15
CA SER D 18 6.16 -14.60 -23.22
C SER D 18 6.99 -13.56 -23.94
N VAL D 19 7.12 -12.37 -23.34
CA VAL D 19 7.93 -11.35 -23.97
C VAL D 19 9.37 -11.84 -24.12
N LEU D 20 9.86 -12.62 -23.16
CA LEU D 20 11.25 -13.10 -23.27
C LEU D 20 11.39 -14.18 -24.35
N GLU D 21 10.49 -15.16 -24.35
CA GLU D 21 10.47 -16.16 -25.41
C GLU D 21 10.45 -15.51 -26.79
N SER D 22 9.62 -14.46 -26.94
CA SER D 22 9.53 -13.74 -28.21
C SER D 22 10.87 -13.18 -28.64
N ILE D 23 11.74 -12.81 -27.71
CA ILE D 23 12.97 -12.14 -28.06
C ILE D 23 14.09 -13.14 -28.33
N ILE D 24 14.13 -14.24 -27.58
CA ILE D 24 15.22 -15.20 -27.79
C ILE D 24 14.86 -16.27 -28.81
N SER D 25 13.61 -16.31 -29.29
CA SER D 25 13.23 -17.24 -30.33
C SER D 25 14.22 -17.17 -31.47
N PRO D 26 14.66 -18.30 -32.01
CA PRO D 26 14.05 -19.62 -31.82
C PRO D 26 14.60 -20.48 -30.68
N VAL D 27 15.40 -19.90 -29.81
CA VAL D 27 15.80 -20.60 -28.59
C VAL D 27 14.61 -20.65 -27.64
N THR D 28 14.37 -21.83 -27.07
CA THR D 28 13.26 -21.98 -26.14
C THR D 28 13.64 -21.51 -24.72
N MET D 29 12.63 -21.17 -23.93
CA MET D 29 12.92 -20.81 -22.54
C MET D 29 13.58 -21.97 -21.78
N SER D 30 13.14 -23.20 -22.03
CA SER D 30 13.76 -24.36 -21.38
C SER D 30 15.25 -24.43 -21.72
N GLU D 31 15.60 -24.19 -22.98
CA GLU D 31 16.99 -24.21 -23.38
C GLU D 31 17.76 -23.10 -22.68
N PHE D 32 17.17 -21.93 -22.58
CA PHE D 32 17.85 -20.85 -21.88
C PHE D 32 18.10 -21.26 -20.44
N LEU D 33 17.11 -21.86 -19.77
CA LEU D 33 17.25 -22.14 -18.33
C LEU D 33 18.20 -23.31 -18.07
N GLU D 34 18.32 -24.23 -19.01
CA GLU D 34 19.15 -25.42 -18.80
C GLU D 34 20.57 -25.24 -19.34
N GLU D 35 20.75 -24.48 -20.41
CA GLU D 35 22.06 -24.35 -21.04
C GLU D 35 22.77 -23.03 -20.78
N TYR D 36 22.07 -21.95 -20.50
CA TYR D 36 22.72 -20.65 -20.39
C TYR D 36 22.61 -20.13 -18.97
N TRP D 37 21.43 -19.69 -18.53
CA TRP D 37 21.17 -19.25 -17.18
C TRP D 37 21.62 -20.30 -16.19
N PRO D 38 22.35 -19.94 -15.11
CA PRO D 38 22.86 -18.61 -14.72
C PRO D 38 24.37 -18.45 -14.94
N VAL D 39 24.91 -19.23 -15.87
CA VAL D 39 26.34 -19.48 -15.97
C VAL D 39 27.00 -19.11 -17.32
N LYS D 40 26.24 -19.18 -18.41
CA LYS D 40 26.84 -19.06 -19.73
C LYS D 40 26.16 -17.97 -20.55
N PRO D 41 26.93 -17.09 -21.21
CA PRO D 41 26.32 -16.00 -21.95
C PRO D 41 25.57 -16.47 -23.18
N LEU D 42 24.57 -15.71 -23.56
CA LEU D 42 23.82 -16.02 -24.78
C LEU D 42 23.74 -14.78 -25.64
N VAL D 43 23.96 -14.90 -26.94
CA VAL D 43 23.79 -13.77 -27.86
C VAL D 43 22.61 -14.08 -28.79
N ALA D 44 21.59 -13.26 -28.78
CA ALA D 44 20.39 -13.53 -29.58
C ALA D 44 20.22 -12.35 -30.53
N ARG D 45 20.34 -12.61 -31.85
CA ARG D 45 20.28 -11.52 -32.82
C ARG D 45 18.94 -11.50 -33.56
N GLY D 46 18.53 -10.30 -33.98
CA GLY D 46 17.27 -10.17 -34.69
C GLY D 46 16.94 -8.70 -34.88
N GLU D 47 15.73 -8.49 -35.39
CA GLU D 47 15.29 -7.12 -35.63
C GLU D 47 14.96 -6.43 -34.30
N VAL D 48 15.30 -5.13 -34.23
CA VAL D 48 15.03 -4.40 -33.00
C VAL D 48 13.51 -4.32 -32.71
N GLU D 49 12.67 -4.51 -33.73
CA GLU D 49 11.24 -4.38 -33.53
C GLU D 49 10.70 -5.41 -32.53
N ARG D 50 11.38 -6.53 -32.37
CA ARG D 50 10.86 -7.51 -31.43
C ARG D 50 11.04 -7.07 -29.99
N PHE D 51 11.94 -6.11 -29.75
CA PHE D 51 12.04 -5.50 -28.41
C PHE D 51 10.79 -4.69 -28.00
N THR D 52 9.94 -4.32 -28.97
CA THR D 52 8.83 -3.43 -28.64
C THR D 52 7.82 -4.10 -27.74
N SER D 53 7.89 -5.41 -27.56
N SER D 53 7.89 -5.42 -27.55
CA SER D 53 6.99 -6.04 -26.61
CA SER D 53 6.99 -6.05 -26.60
C SER D 53 7.43 -5.84 -25.16
C SER D 53 7.43 -5.84 -25.16
N ILE D 54 8.58 -5.23 -24.92
CA ILE D 54 8.99 -4.88 -23.57
C ILE D 54 8.18 -3.66 -23.14
N PRO D 55 7.42 -3.69 -22.04
CA PRO D 55 6.57 -2.51 -21.72
C PRO D 55 7.42 -1.28 -21.49
N GLY D 56 7.12 -0.20 -22.22
CA GLY D 56 7.86 1.03 -22.09
C GLY D 56 9.02 1.20 -23.07
N PHE D 57 9.28 0.21 -23.91
CA PHE D 57 10.43 0.27 -24.81
C PHE D 57 10.41 1.52 -25.66
N GLU D 58 9.26 1.92 -26.20
CA GLU D 58 9.24 3.10 -27.04
C GLU D 58 9.75 4.35 -26.32
N LYS D 59 9.54 4.42 -25.01
CA LYS D 59 9.95 5.57 -24.23
C LYS D 59 11.44 5.60 -23.97
N VAL D 60 12.17 4.51 -24.25
CA VAL D 60 13.61 4.50 -24.01
C VAL D 60 14.37 4.12 -25.28
N ARG D 61 13.72 4.29 -26.45
CA ARG D 61 14.24 3.81 -27.74
C ARG D 61 15.30 4.71 -28.34
N THR D 62 15.39 5.95 -27.89
CA THR D 62 16.41 6.87 -28.32
C THR D 62 16.92 7.60 -27.08
N LEU D 63 18.12 8.17 -27.20
CA LEU D 63 18.68 8.94 -26.09
C LEU D 63 17.78 10.15 -25.78
N GLU D 64 17.20 10.79 -26.83
CA GLU D 64 16.29 11.93 -26.64
C GLU D 64 15.05 11.51 -25.85
N ASN D 65 14.50 10.34 -26.17
CA ASN D 65 13.35 9.83 -25.42
C ASN D 65 13.69 9.57 -23.96
N VAL D 66 14.85 8.93 -23.71
CA VAL D 66 15.27 8.66 -22.33
C VAL D 66 15.37 9.95 -21.54
N LEU D 67 16.01 10.95 -22.14
CA LEU D 67 16.16 12.24 -21.47
C LEU D 67 14.84 12.92 -21.25
N ALA D 68 13.85 12.71 -22.14
CA ALA D 68 12.55 13.31 -21.96
C ALA D 68 11.88 12.75 -20.71
N ILE D 69 12.17 11.51 -20.32
CA ILE D 69 11.44 10.92 -19.19
C ILE D 69 12.25 10.77 -17.89
N TYR D 70 13.57 10.85 -17.98
CA TYR D 70 14.41 10.47 -16.83
C TYR D 70 14.65 11.63 -15.87
N ASN D 71 13.83 11.70 -14.85
CA ASN D 71 13.90 12.78 -13.86
C ASN D 71 14.62 12.34 -12.60
N ASN D 72 15.94 12.19 -12.73
CA ASN D 72 16.79 11.70 -11.65
C ASN D 72 18.24 12.00 -12.00
N PRO D 73 19.17 11.83 -11.04
CA PRO D 73 20.60 12.03 -11.33
C PRO D 73 21.13 10.90 -12.20
N VAL D 74 22.12 11.25 -13.01
CA VAL D 74 22.73 10.37 -14.00
C VAL D 74 24.17 10.11 -13.58
N MET D 75 24.60 8.85 -13.59
CA MET D 75 26.02 8.60 -13.32
C MET D 75 26.86 8.76 -14.60
N VAL D 76 28.01 9.43 -14.49
CA VAL D 76 28.98 9.53 -15.58
C VAL D 76 30.30 8.90 -15.18
N VAL D 77 30.84 8.07 -16.07
CA VAL D 77 32.02 7.29 -15.75
C VAL D 77 33.00 7.37 -16.91
N GLY D 78 34.23 7.73 -16.61
CA GLY D 78 35.26 7.53 -17.62
C GLY D 78 36.52 8.31 -17.37
N ASP D 79 37.44 8.23 -18.36
CA ASP D 79 38.75 8.86 -18.26
C ASP D 79 38.66 10.36 -18.09
N ALA D 80 37.67 11.01 -18.73
CA ALA D 80 37.49 12.43 -18.53
C ALA D 80 37.21 12.76 -17.07
N VAL D 81 36.52 11.87 -16.35
CA VAL D 81 36.29 12.10 -14.94
C VAL D 81 37.58 11.93 -14.16
N ILE D 82 38.35 10.89 -14.48
CA ILE D 82 39.65 10.70 -13.83
C ILE D 82 40.52 11.94 -14.01
N GLU D 83 40.62 12.42 -15.25
CA GLU D 83 41.44 13.60 -15.53
C GLU D 83 40.88 14.82 -14.82
N GLU D 84 39.55 14.89 -14.74
CA GLU D 84 38.87 16.02 -14.12
C GLU D 84 39.10 16.03 -12.61
N SER D 85 38.93 14.88 -11.99
CA SER D 85 39.03 14.70 -10.55
C SER D 85 40.47 14.65 -10.07
N GLU D 86 41.45 14.92 -10.94
CA GLU D 86 42.86 14.74 -10.62
C GLU D 86 43.13 13.33 -10.07
N GLY D 87 42.36 12.35 -10.56
CA GLY D 87 42.56 10.97 -10.20
C GLY D 87 41.86 10.49 -8.94
N ILE D 88 41.02 11.32 -8.33
CA ILE D 88 40.30 10.89 -7.13
C ILE D 88 39.26 9.84 -7.48
N THR D 89 38.53 10.06 -8.57
CA THR D 89 37.44 9.16 -8.89
C THR D 89 37.29 9.05 -10.40
N ASP D 90 36.59 7.97 -10.81
CA ASP D 90 36.20 7.80 -12.20
C ASP D 90 34.70 8.03 -12.44
N ARG D 91 33.96 8.52 -11.46
CA ARG D 91 32.55 8.74 -11.72
C ARG D 91 31.95 9.85 -10.86
N PHE D 92 31.06 10.62 -11.48
CA PHE D 92 30.27 11.62 -10.77
C PHE D 92 28.78 11.26 -10.91
N LEU D 93 27.95 11.80 -10.00
CA LEU D 93 26.49 11.77 -10.13
C LEU D 93 26.04 13.19 -10.42
N VAL D 94 25.34 13.43 -11.55
CA VAL D 94 25.11 14.79 -12.05
C VAL D 94 23.70 14.95 -12.61
N SER D 95 23.34 16.18 -12.95
CA SER D 95 22.04 16.37 -13.61
C SER D 95 22.08 15.75 -15.01
N PRO D 96 20.90 15.41 -15.57
CA PRO D 96 20.87 14.95 -16.98
C PRO D 96 21.51 15.93 -17.97
N ALA D 97 21.28 17.23 -17.80
CA ALA D 97 21.94 18.19 -18.68
C ALA D 97 23.47 18.10 -18.58
N GLU D 98 23.99 18.11 -17.34
CA GLU D 98 25.44 18.07 -17.20
C GLU D 98 25.94 16.77 -17.77
N ALA D 99 25.13 15.72 -17.63
CA ALA D 99 25.55 14.41 -18.11
C ALA D 99 25.82 14.46 -19.60
N LEU D 100 25.01 15.22 -20.33
CA LEU D 100 25.26 15.40 -21.76
C LEU D 100 26.57 16.13 -22.02
N GLU D 101 27.00 16.99 -21.09
CA GLU D 101 28.33 17.59 -21.29
C GLU D 101 29.41 16.54 -21.20
N TRP D 102 29.28 15.64 -20.21
CA TRP D 102 30.25 14.55 -20.03
C TRP D 102 30.19 13.54 -21.17
N TYR D 103 28.98 13.24 -21.63
CA TYR D 103 28.76 12.37 -22.78
C TYR D 103 29.60 12.81 -24.00
N GLU D 104 29.63 14.11 -24.25
CA GLU D 104 30.46 14.57 -25.36
C GLU D 104 31.96 14.33 -25.14
N LYS D 105 32.40 14.18 -23.88
CA LYS D 105 33.79 13.87 -23.60
C LYS D 105 34.04 12.36 -23.44
N GLY D 106 33.10 11.55 -23.87
CA GLY D 106 33.30 10.12 -23.91
C GLY D 106 33.07 9.42 -22.60
N ALA D 107 32.43 10.11 -21.65
CA ALA D 107 32.03 9.44 -20.44
C ALA D 107 30.80 8.61 -20.70
N ALA D 108 30.72 7.46 -20.05
CA ALA D 108 29.58 6.58 -20.18
C ALA D 108 28.51 7.07 -19.21
N LEU D 109 27.28 7.09 -19.70
CA LEU D 109 26.14 7.54 -18.94
C LEU D 109 25.33 6.33 -18.50
N GLU D 110 24.96 6.33 -17.21
N GLU D 110 24.96 6.32 -17.21
CA GLU D 110 24.13 5.30 -16.61
CA GLU D 110 24.14 5.28 -16.61
C GLU D 110 22.88 5.95 -16.04
C GLU D 110 22.89 5.91 -16.02
N PHE D 111 21.74 5.59 -16.60
CA PHE D 111 20.43 6.00 -16.14
C PHE D 111 19.84 4.87 -15.30
N ASP D 112 20.23 4.82 -14.04
CA ASP D 112 19.85 3.75 -13.12
C ASP D 112 18.39 3.86 -12.69
N PHE D 113 17.79 2.69 -12.44
CA PHE D 113 16.38 2.61 -12.04
C PHE D 113 15.50 3.37 -13.05
N THR D 114 15.80 3.16 -14.32
CA THR D 114 14.92 3.65 -15.36
C THR D 114 13.51 3.14 -15.23
N ASP D 115 13.30 1.99 -14.54
CA ASP D 115 11.96 1.52 -14.25
C ASP D 115 11.11 2.48 -13.42
N LEU D 116 11.70 3.42 -12.67
CA LEU D 116 10.85 4.43 -12.03
C LEU D 116 10.07 5.26 -13.05
N PHE D 117 10.60 5.40 -14.28
CA PHE D 117 10.09 6.34 -15.29
C PHE D 117 9.34 5.65 -16.42
N ILE D 118 9.45 4.33 -16.56
CA ILE D 118 8.58 3.47 -17.36
C ILE D 118 8.06 2.42 -16.37
N PRO D 119 7.24 2.82 -15.40
CA PRO D 119 6.87 1.87 -14.31
C PRO D 119 6.07 0.65 -14.79
N GLN D 120 5.55 0.68 -16.02
CA GLN D 120 4.91 -0.51 -16.57
C GLN D 120 5.91 -1.67 -16.74
N VAL D 121 7.21 -1.36 -16.87
CA VAL D 121 8.17 -2.42 -17.04
C VAL D 121 8.32 -3.21 -15.76
N ARG D 122 7.96 -2.62 -14.60
CA ARG D 122 8.14 -3.30 -13.33
C ARG D 122 7.30 -4.54 -13.30
N ARG D 123 6.10 -4.48 -13.91
CA ARG D 123 5.25 -5.67 -13.99
C ARG D 123 6.05 -6.78 -14.63
N TRP D 124 6.65 -6.45 -15.78
CA TRP D 124 7.29 -7.45 -16.61
C TRP D 124 8.51 -8.02 -15.90
N ILE D 125 9.26 -7.15 -15.22
CA ILE D 125 10.47 -7.58 -14.54
C ILE D 125 10.12 -8.58 -13.46
N GLU D 126 9.00 -8.34 -12.73
CA GLU D 126 8.61 -9.25 -11.67
C GLU D 126 8.23 -10.57 -12.28
N LYS D 127 7.53 -10.52 -13.42
CA LYS D 127 7.22 -11.72 -14.20
C LYS D 127 8.50 -12.47 -14.59
N LEU D 128 9.45 -11.77 -15.20
CA LEU D 128 10.71 -12.41 -15.59
C LEU D 128 11.39 -13.05 -14.39
N LYS D 129 11.33 -12.36 -13.22
CA LYS D 129 11.99 -12.88 -12.03
C LYS D 129 11.42 -14.22 -11.68
N ALA D 130 10.09 -14.36 -11.71
CA ALA D 130 9.45 -15.66 -11.46
C ALA D 130 9.77 -16.68 -12.56
N GLU D 131 9.86 -16.25 -13.81
CA GLU D 131 10.16 -17.19 -14.90
C GLU D 131 11.58 -17.77 -14.77
N LEU D 132 12.49 -16.97 -14.28
CA LEU D 132 13.86 -17.40 -14.01
C LEU D 132 14.00 -18.12 -12.67
N ARG D 133 12.91 -18.29 -11.92
CA ARG D 133 12.90 -18.98 -10.62
C ARG D 133 13.82 -18.32 -9.59
N LEU D 134 13.93 -17.02 -9.65
CA LEU D 134 14.66 -16.25 -8.65
C LEU D 134 13.80 -16.10 -7.40
N PRO D 135 14.42 -16.07 -6.21
CA PRO D 135 13.65 -15.74 -4.99
C PRO D 135 12.87 -14.45 -5.20
N ALA D 136 11.68 -14.38 -4.60
CA ALA D 136 10.86 -13.16 -4.68
C ALA D 136 11.60 -11.89 -4.26
N GLY D 137 12.47 -11.98 -3.27
CA GLY D 137 13.16 -10.85 -2.73
C GLY D 137 14.33 -10.35 -3.53
N THR D 138 14.66 -11.02 -4.63
CA THR D 138 15.81 -10.67 -5.43
C THR D 138 15.68 -9.23 -5.92
N SER D 139 16.79 -8.52 -5.90
CA SER D 139 16.78 -7.15 -6.45
C SER D 139 16.60 -7.16 -7.97
N SER D 140 15.92 -6.13 -8.49
CA SER D 140 15.71 -6.08 -9.92
C SER D 140 15.41 -4.67 -10.35
N LYS D 141 15.85 -4.33 -11.54
CA LYS D 141 15.68 -2.96 -12.04
C LYS D 141 15.97 -2.92 -13.53
N ALA D 142 15.65 -1.78 -14.13
CA ALA D 142 16.07 -1.45 -15.48
C ALA D 142 17.13 -0.36 -15.42
N ILE D 143 18.13 -0.43 -16.31
CA ILE D 143 19.19 0.59 -16.42
C ILE D 143 19.41 0.89 -17.88
N VAL D 144 19.56 2.20 -18.26
CA VAL D 144 19.96 2.58 -19.65
C VAL D 144 21.43 3.01 -19.62
N TYR D 145 22.20 2.51 -20.58
CA TYR D 145 23.58 2.89 -20.79
C TYR D 145 23.74 3.59 -22.14
N ALA D 146 24.40 4.75 -22.15
CA ALA D 146 24.64 5.51 -23.38
C ALA D 146 26.10 5.92 -23.42
N ALA D 147 26.73 5.83 -24.59
CA ALA D 147 28.12 6.25 -24.68
C ALA D 147 28.49 6.48 -26.14
N LYS D 148 29.54 7.28 -26.28
CA LYS D 148 30.11 7.53 -27.59
C LYS D 148 31.59 7.82 -27.44
N ASN D 149 32.25 8.06 -28.56
CA ASN D 149 33.64 8.53 -28.61
C ASN D 149 34.61 7.64 -27.83
N GLY D 150 34.36 6.35 -27.86
CA GLY D 150 35.22 5.40 -27.18
C GLY D 150 34.93 5.14 -25.74
N GLY D 151 33.91 5.79 -25.19
CA GLY D 151 33.52 5.59 -23.82
C GLY D 151 32.96 4.20 -23.54
N GLY D 152 32.95 3.88 -22.25
CA GLY D 152 32.46 2.62 -21.74
C GLY D 152 33.08 2.32 -20.39
N PHE D 153 33.02 1.05 -20.02
CA PHE D 153 33.53 0.56 -18.75
C PHE D 153 34.75 -0.32 -18.97
N LYS D 154 35.79 -0.05 -18.19
CA LYS D 154 36.98 -0.87 -18.14
C LYS D 154 36.68 -2.24 -17.49
N ALA D 155 37.63 -3.16 -17.63
CA ALA D 155 37.47 -4.52 -17.14
C ALA D 155 37.03 -4.57 -15.69
N HIS D 156 35.94 -5.29 -15.45
CA HIS D 156 35.46 -5.50 -14.10
C HIS D 156 34.59 -6.75 -14.08
N PHE D 157 34.14 -7.10 -12.86
CA PHE D 157 33.01 -8.01 -12.76
C PHE D 157 31.99 -7.46 -11.77
N ASP D 158 30.79 -8.02 -11.84
CA ASP D 158 29.66 -7.60 -11.02
C ASP D 158 29.13 -8.80 -10.24
N ALA D 159 28.38 -8.52 -9.19
CA ALA D 159 27.63 -9.54 -8.47
C ALA D 159 26.22 -9.68 -8.98
N TYR D 160 25.89 -9.02 -10.08
CA TYR D 160 24.57 -9.05 -10.70
C TYR D 160 24.66 -9.72 -12.08
N THR D 161 23.52 -10.18 -12.58
CA THR D 161 23.39 -10.69 -13.94
C THR D 161 22.48 -9.76 -14.71
N ASN D 162 22.68 -9.70 -16.00
CA ASN D 162 21.97 -8.75 -16.85
C ASN D 162 21.42 -9.40 -18.13
N LEU D 163 20.21 -8.97 -18.52
CA LEU D 163 19.67 -9.15 -19.86
C LEU D 163 19.84 -7.80 -20.54
N ILE D 164 20.62 -7.77 -21.62
CA ILE D 164 21.06 -6.52 -22.25
C ILE D 164 20.47 -6.45 -23.65
N PHE D 165 19.72 -5.39 -23.94
CA PHE D 165 19.05 -5.19 -25.23
C PHE D 165 19.72 -4.00 -25.91
N GLN D 166 20.51 -4.28 -26.96
CA GLN D 166 21.23 -3.23 -27.68
C GLN D 166 20.26 -2.51 -28.60
N ILE D 167 20.11 -1.20 -28.45
CA ILE D 167 19.06 -0.47 -29.16
C ILE D 167 19.62 0.36 -30.30
N GLN D 168 20.68 1.13 -30.04
CA GLN D 168 21.29 2.00 -31.05
C GLN D 168 22.79 1.73 -31.07
N GLY D 169 23.34 1.74 -32.30
CA GLY D 169 24.78 1.69 -32.48
C GLY D 169 25.38 0.31 -32.29
N GLU D 170 26.68 0.26 -32.54
CA GLU D 170 27.48 -0.96 -32.44
C GLU D 170 28.41 -0.82 -31.24
N LYS D 171 28.30 -1.74 -30.31
CA LYS D 171 29.03 -1.66 -29.06
C LYS D 171 29.93 -2.89 -28.93
N THR D 172 31.18 -2.67 -28.62
CA THR D 172 32.15 -3.77 -28.48
C THR D 172 32.23 -4.24 -27.03
N TRP D 173 31.88 -5.49 -26.80
CA TRP D 173 31.96 -6.14 -25.50
C TRP D 173 33.14 -7.09 -25.52
N LYS D 174 33.85 -7.14 -24.40
CA LYS D 174 34.81 -8.18 -24.11
C LYS D 174 34.25 -9.01 -22.96
N LEU D 175 34.32 -10.34 -23.11
CA LEU D 175 33.83 -11.29 -22.12
C LEU D 175 34.90 -12.35 -21.84
N ALA D 176 35.21 -12.52 -20.58
CA ALA D 176 36.20 -13.54 -20.23
C ALA D 176 35.74 -14.31 -19.00
N LYS D 177 35.98 -15.61 -19.03
CA LYS D 177 35.69 -16.44 -17.88
C LYS D 177 36.52 -16.01 -16.68
N ASN D 178 35.90 -16.02 -15.51
CA ASN D 178 36.54 -15.53 -14.29
C ASN D 178 37.17 -16.74 -13.64
N GLU D 179 38.50 -16.79 -13.67
CA GLU D 179 39.26 -17.84 -12.99
C GLU D 179 39.62 -17.47 -11.56
N ASN D 180 39.35 -16.25 -11.18
CA ASN D 180 39.74 -15.78 -9.87
C ASN D 180 38.64 -15.95 -8.84
N VAL D 181 37.37 -15.87 -9.22
CA VAL D 181 36.32 -15.96 -8.21
C VAL D 181 35.11 -16.59 -8.83
N SER D 182 34.58 -17.64 -8.17
CA SER D 182 33.28 -18.19 -8.53
C SER D 182 32.23 -17.49 -7.69
N ASN D 183 31.10 -17.15 -8.30
CA ASN D 183 29.96 -16.56 -7.59
C ASN D 183 30.37 -15.38 -6.71
N PRO D 184 30.93 -14.33 -7.29
CA PRO D 184 31.34 -13.17 -6.47
C PRO D 184 30.10 -12.49 -5.93
N MET D 185 30.20 -11.99 -4.71
CA MET D 185 29.11 -11.31 -4.06
C MET D 185 29.34 -9.82 -3.93
N GLN D 186 30.34 -9.29 -4.60
CA GLN D 186 30.51 -7.85 -4.71
C GLN D 186 31.19 -7.55 -6.05
N HIS D 187 31.20 -6.28 -6.42
CA HIS D 187 31.79 -5.76 -7.67
C HIS D 187 33.29 -5.71 -7.50
N TYR D 188 34.00 -5.87 -8.60
CA TYR D 188 35.42 -5.56 -8.58
C TYR D 188 35.88 -4.96 -9.90
N ASP D 189 36.64 -3.86 -9.80
CA ASP D 189 37.27 -3.26 -10.97
C ASP D 189 38.70 -3.78 -11.06
N LEU D 190 39.07 -4.31 -12.23
CA LEU D 190 40.42 -4.83 -12.43
C LEU D 190 41.50 -3.78 -12.21
N SER D 191 41.15 -2.49 -12.30
CA SER D 191 42.09 -1.40 -12.06
C SER D 191 42.70 -1.44 -10.67
N GLU D 192 42.08 -2.11 -9.71
CA GLU D 192 42.57 -2.10 -8.29
C GLU D 192 43.60 -3.19 -8.01
N ALA D 193 43.60 -4.28 -8.77
CA ALA D 193 44.55 -5.40 -8.62
C ALA D 193 45.97 -4.85 -8.48
N TYR D 195 45.08 -4.90 -4.93
CA TYR D 195 44.27 -4.73 -3.73
C TYR D 195 42.84 -5.27 -3.92
N TYR D 196 42.44 -6.20 -3.06
CA TYR D 196 41.07 -6.74 -3.04
C TYR D 196 40.32 -6.42 -1.74
N PRO D 197 39.05 -6.00 -1.81
CA PRO D 197 38.25 -5.78 -0.59
C PRO D 197 38.13 -7.05 0.27
N ASP D 198 37.81 -6.84 1.55
CA ASP D 198 38.06 -7.87 2.56
C ASP D 198 37.33 -9.18 2.25
N ASP D 199 36.00 -9.12 2.11
CA ASP D 199 35.26 -10.33 1.79
C ASP D 199 35.82 -10.97 0.53
N LEU D 200 35.93 -10.18 -0.55
CA LEU D 200 36.46 -10.72 -1.80
C LEU D 200 37.82 -11.37 -1.56
N GLN D 201 38.69 -10.73 -0.78
CA GLN D 201 40.02 -11.26 -0.50
C GLN D 201 39.93 -12.66 0.07
N SER D 202 38.89 -12.95 0.85
CA SER D 202 38.77 -14.28 1.46
C SER D 202 38.51 -15.42 0.46
N TYR D 203 38.06 -15.13 -0.77
CA TYR D 203 37.80 -16.20 -1.73
C TYR D 203 38.38 -15.90 -3.11
N TRP D 204 39.20 -14.88 -3.24
CA TRP D 204 39.96 -14.65 -4.46
C TRP D 204 41.07 -15.70 -4.63
N LYS D 205 41.08 -16.33 -5.79
CA LYS D 205 42.18 -17.24 -6.09
C LYS D 205 43.05 -16.75 -7.25
N GLY D 206 44.35 -17.04 -7.17
CA GLY D 206 45.20 -16.88 -8.35
C GLY D 206 45.55 -15.43 -8.71
N ASP D 207 46.07 -15.29 -9.92
CA ASP D 207 46.62 -14.03 -10.38
C ASP D 207 45.61 -13.29 -11.28
N PRO D 208 45.51 -11.99 -11.21
CA PRO D 208 44.50 -11.28 -11.99
C PRO D 208 44.75 -11.37 -13.49
N PRO D 209 43.72 -11.16 -14.31
CA PRO D 209 43.96 -10.99 -15.75
C PRO D 209 44.58 -9.64 -16.04
N LYS D 210 45.17 -9.53 -17.24
CA LYS D 210 45.67 -8.25 -17.71
C LYS D 210 44.52 -7.30 -18.05
N GLU D 211 44.83 -5.99 -17.97
CA GLU D 211 43.79 -4.95 -17.99
C GLU D 211 42.97 -4.98 -19.27
N ASP D 212 43.58 -5.35 -20.38
CA ASP D 212 42.89 -5.40 -21.68
C ASP D 212 42.18 -6.73 -21.93
N LEU D 213 42.17 -7.63 -20.96
CA LEU D 213 41.48 -8.91 -21.08
C LEU D 213 41.92 -9.61 -22.34
N PRO D 214 43.20 -9.90 -22.52
CA PRO D 214 43.71 -10.40 -23.81
C PRO D 214 43.08 -11.70 -24.29
N ASP D 215 42.66 -12.60 -23.39
CA ASP D 215 42.06 -13.86 -23.85
C ASP D 215 40.53 -13.81 -23.92
N ALA D 216 39.96 -12.61 -23.87
CA ALA D 216 38.52 -12.49 -23.89
C ALA D 216 37.93 -12.76 -25.29
N GLU D 217 36.68 -13.21 -25.29
CA GLU D 217 35.88 -13.22 -26.50
C GLU D 217 35.44 -11.80 -26.81
N ILE D 218 35.54 -11.39 -28.06
CA ILE D 218 35.06 -10.07 -28.46
C ILE D 218 33.72 -10.22 -29.17
N VAL D 219 32.70 -9.52 -28.70
CA VAL D 219 31.34 -9.64 -29.23
C VAL D 219 30.89 -8.24 -29.63
N ASN D 220 30.56 -8.04 -30.89
CA ASN D 220 29.93 -6.80 -31.32
C ASN D 220 28.40 -6.88 -31.20
N LEU D 221 27.87 -6.06 -30.31
CA LEU D 221 26.43 -5.98 -30.13
C LEU D 221 25.92 -4.89 -31.05
N THR D 222 24.99 -5.24 -31.92
CA THR D 222 24.28 -4.34 -32.79
C THR D 222 22.79 -4.22 -32.42
N PRO D 223 22.10 -3.25 -33.01
CA PRO D 223 20.68 -3.05 -32.67
C PRO D 223 19.92 -4.34 -32.88
N GLY D 224 19.09 -4.70 -31.89
CA GLY D 224 18.36 -5.97 -31.97
C GLY D 224 19.09 -7.13 -31.33
N THR D 225 20.32 -6.91 -30.90
CA THR D 225 21.04 -7.98 -30.22
C THR D 225 20.71 -7.95 -28.74
N MET D 226 20.36 -9.10 -28.20
CA MET D 226 20.23 -9.27 -26.77
C MET D 226 21.40 -10.11 -26.29
N LEU D 227 22.09 -9.62 -25.27
CA LEU D 227 23.16 -10.37 -24.62
C LEU D 227 22.69 -10.75 -23.24
N TYR D 228 22.70 -12.02 -22.90
CA TYR D 228 22.58 -12.46 -21.51
C TYR D 228 23.99 -12.54 -20.93
N LEU D 229 24.19 -11.84 -19.80
CA LEU D 229 25.49 -11.70 -19.17
C LEU D 229 25.43 -12.31 -17.77
N PRO D 230 26.02 -13.49 -17.56
CA PRO D 230 25.96 -14.11 -16.24
C PRO D 230 26.79 -13.31 -15.24
N ARG D 231 26.36 -13.33 -13.99
CA ARG D 231 27.18 -12.80 -12.90
C ARG D 231 28.60 -13.38 -12.88
N GLY D 232 29.54 -12.50 -12.61
CA GLY D 232 30.90 -12.83 -12.36
C GLY D 232 31.81 -12.80 -13.57
N LEU D 233 31.27 -12.86 -14.80
CA LEU D 233 32.12 -12.84 -15.98
C LEU D 233 32.85 -11.53 -16.04
N TRP D 234 34.12 -11.61 -16.33
CA TRP D 234 34.88 -10.39 -16.60
C TRP D 234 34.34 -9.73 -17.86
N HIS D 235 34.11 -8.42 -17.84
CA HIS D 235 33.69 -7.78 -19.07
C HIS D 235 34.12 -6.32 -19.13
N SER D 236 34.15 -5.81 -20.36
CA SER D 236 34.43 -4.39 -20.60
C SER D 236 33.67 -3.96 -21.85
N THR D 237 33.47 -2.66 -22.00
CA THR D 237 32.69 -2.15 -23.11
C THR D 237 33.36 -0.95 -23.72
N LYS D 238 33.13 -0.79 -25.03
CA LYS D 238 33.62 0.39 -25.75
C LYS D 238 32.64 0.72 -26.86
N SER D 239 32.32 2.00 -26.96
CA SER D 239 31.42 2.53 -27.97
C SER D 239 32.18 3.56 -28.78
N ASP D 240 32.64 3.17 -29.97
CA ASP D 240 33.36 4.10 -30.84
C ASP D 240 32.43 5.15 -31.43
N GLN D 241 31.23 4.74 -31.81
CA GLN D 241 30.12 5.62 -32.15
C GLN D 241 29.05 5.56 -31.05
N ALA D 242 28.04 6.41 -31.22
CA ALA D 242 26.98 6.53 -30.21
C ALA D 242 26.26 5.19 -30.05
N THR D 243 25.99 4.83 -28.82
CA THR D 243 25.27 3.61 -28.53
C THR D 243 24.27 3.89 -27.40
N LEU D 244 23.31 2.98 -27.37
CA LEU D 244 22.26 3.01 -26.38
C LEU D 244 21.83 1.58 -26.16
N ALA D 245 21.68 1.21 -24.89
CA ALA D 245 21.23 -0.13 -24.53
C ALA D 245 20.40 -0.09 -23.27
N LEU D 246 19.43 -0.99 -23.20
CA LEU D 246 18.58 -1.18 -22.02
C LEU D 246 18.96 -2.49 -21.35
N ASN D 247 19.31 -2.42 -20.05
CA ASN D 247 19.62 -3.59 -19.28
C ASN D 247 18.50 -3.85 -18.29
N ILE D 248 18.14 -5.11 -18.11
CA ILE D 248 17.37 -5.61 -16.98
C ILE D 248 18.39 -6.33 -16.10
N THR D 249 18.51 -5.86 -14.86
CA THR D 249 19.57 -6.23 -13.93
C THR D 249 18.98 -6.96 -12.74
N PHE D 250 19.43 -8.18 -12.51
CA PHE D 250 18.97 -8.98 -11.39
C PHE D 250 20.07 -9.25 -10.37
N GLY D 251 19.68 -9.22 -9.11
CA GLY D 251 20.60 -9.69 -8.09
C GLY D 251 20.72 -11.20 -8.18
N GLN D 252 21.63 -11.73 -7.41
CA GLN D 252 21.91 -13.17 -7.39
C GLN D 252 22.00 -13.57 -5.94
N PRO D 253 20.87 -13.70 -5.23
CA PRO D 253 20.91 -14.04 -3.80
C PRO D 253 21.50 -15.43 -3.64
N ALA D 254 22.45 -15.53 -2.70
CA ALA D 254 23.12 -16.77 -2.38
C ALA D 254 22.32 -17.55 -1.35
N TRP D 255 22.54 -18.86 -1.31
CA TRP D 255 22.00 -19.65 -0.19
C TRP D 255 22.36 -19.00 1.16
N LEU D 256 23.60 -18.49 1.29
CA LEU D 256 23.99 -17.86 2.55
C LEU D 256 23.04 -16.75 2.95
N ASP D 257 22.61 -15.93 1.99
CA ASP D 257 21.68 -14.85 2.26
C ASP D 257 20.40 -15.40 2.86
N LEU D 258 19.80 -16.40 2.20
CA LEU D 258 18.54 -16.96 2.69
C LEU D 258 18.69 -17.64 4.06
N MET D 259 19.78 -18.37 4.25
CA MET D 259 20.01 -19.05 5.52
C MET D 259 20.21 -18.05 6.65
N LEU D 260 21.03 -17.00 6.44
CA LEU D 260 21.18 -16.01 7.51
C LEU D 260 19.87 -15.25 7.77
N ALA D 261 19.06 -14.99 6.73
CA ALA D 261 17.74 -14.40 6.95
C ALA D 261 16.89 -15.31 7.85
N ALA D 262 16.89 -16.59 7.55
CA ALA D 262 16.05 -17.52 8.29
C ALA D 262 16.54 -17.63 9.74
N LEU D 263 17.86 -17.58 9.92
CA LEU D 263 18.42 -17.68 11.27
C LEU D 263 18.09 -16.43 12.07
N ARG D 264 18.17 -15.27 11.40
CA ARG D 264 17.89 -14.02 12.07
C ARG D 264 16.43 -13.98 12.50
N LYS D 265 15.54 -14.49 11.66
CA LYS D 265 14.13 -14.63 12.03
C LYS D 265 13.97 -15.46 13.27
N LYS D 266 14.77 -16.53 13.42
CA LYS D 266 14.65 -17.34 14.64
C LYS D 266 15.12 -16.60 15.88
N LEU D 267 16.13 -15.73 15.75
CA LEU D 267 16.82 -15.14 16.91
C LEU D 267 16.30 -13.78 17.29
N ILE D 268 15.69 -13.06 16.36
CA ILE D 268 15.36 -11.66 16.63
C ILE D 268 14.30 -11.52 17.71
N SER D 269 13.53 -12.55 17.99
CA SER D 269 12.53 -12.50 19.04
C SER D 269 13.16 -12.53 20.43
N ASP D 270 14.42 -12.96 20.56
CA ASP D 270 15.09 -13.16 21.84
C ASP D 270 15.73 -11.83 22.23
N ASN D 271 15.21 -11.18 23.28
CA ASN D 271 15.73 -9.86 23.67
C ASN D 271 17.24 -9.90 23.96
N ARG D 272 17.81 -11.05 24.34
CA ARG D 272 19.25 -11.09 24.59
C ARG D 272 20.02 -10.71 23.33
N PHE D 273 19.53 -11.15 22.17
CA PHE D 273 20.20 -10.91 20.90
C PHE D 273 19.95 -9.49 20.40
N ARG D 274 18.88 -8.82 20.86
CA ARG D 274 18.57 -7.46 20.44
C ARG D 274 19.29 -6.39 21.26
N GLU D 275 19.86 -6.76 22.40
CA GLU D 275 20.58 -5.79 23.23
C GLU D 275 21.68 -5.10 22.44
N LEU D 276 21.93 -3.83 22.80
CA LEU D 276 23.00 -3.06 22.17
C LEU D 276 24.37 -3.74 22.33
N ALA D 277 25.10 -3.84 21.22
CA ALA D 277 26.48 -4.32 21.26
C ALA D 277 27.41 -3.25 21.81
N VAL D 278 28.53 -3.72 22.34
CA VAL D 278 29.47 -2.90 23.09
C VAL D 278 30.85 -3.11 22.52
N ASN D 279 31.59 -2.02 22.30
CA ASN D 279 33.01 -2.09 21.96
C ASN D 279 33.76 -2.46 23.26
N HIS D 280 34.32 -3.67 23.30
CA HIS D 280 35.05 -4.07 24.51
C HIS D 280 36.38 -3.36 24.70
N GLN D 281 36.81 -2.56 23.74
CA GLN D 281 38.16 -1.98 23.78
C GLN D 281 38.41 -1.18 25.07
N SER D 282 37.45 -0.36 25.48
CA SER D 282 37.70 0.56 26.58
C SER D 282 37.54 -0.07 27.96
N LEU D 283 37.09 -1.32 28.04
CA LEU D 283 36.67 -1.90 29.31
C LEU D 283 37.85 -2.46 30.11
N HIS D 284 37.64 -2.60 31.41
CA HIS D 284 38.61 -3.28 32.25
C HIS D 284 38.53 -4.79 32.03
N GLU D 285 39.58 -5.48 32.46
CA GLU D 285 39.71 -6.91 32.15
C GLU D 285 38.54 -7.71 32.72
N SER D 286 38.10 -7.36 33.94
CA SER D 286 36.97 -8.05 34.56
C SER D 286 35.74 -7.96 33.66
N SER D 287 35.39 -6.73 33.26
CA SER D 287 34.21 -6.51 32.43
C SER D 287 34.36 -7.16 31.06
N LYS D 288 35.57 -7.16 30.49
CA LYS D 288 35.78 -7.90 29.24
C LYS D 288 35.42 -9.38 29.40
N SER D 289 35.95 -10.03 30.45
CA SER D 289 35.66 -11.45 30.64
C SER D 289 34.19 -11.72 30.89
N GLU D 290 33.53 -10.83 31.64
CA GLU D 290 32.08 -10.95 31.79
C GLU D 290 31.37 -10.83 30.44
N LEU D 291 31.82 -9.90 29.58
CA LEU D 291 31.19 -9.80 28.26
C LEU D 291 31.42 -11.08 27.48
N ASN D 292 32.59 -11.67 27.63
CA ASN D 292 32.96 -12.91 26.93
C ASN D 292 31.98 -14.01 27.35
N GLY D 293 31.69 -14.08 28.64
CA GLY D 293 30.75 -15.07 29.18
C GLY D 293 29.36 -14.82 28.65
N TYR D 294 28.93 -13.56 28.57
CA TYR D 294 27.60 -13.20 28.06
C TYR D 294 27.53 -13.68 26.60
N LEU D 295 28.56 -13.40 25.82
CA LEU D 295 28.59 -13.76 24.41
C LEU D 295 28.67 -15.27 24.25
N GLU D 296 29.33 -15.93 25.17
CA GLU D 296 29.26 -17.37 25.23
C GLU D 296 27.82 -17.83 25.40
N SER D 297 26.98 -17.24 26.25
N SER D 297 27.00 -17.21 26.40
CA SER D 297 25.63 -17.78 26.24
CA SER D 297 25.60 -17.69 26.35
C SER D 297 24.98 -17.61 24.85
C SER D 297 25.00 -17.59 24.90
N LEU D 298 25.21 -16.45 24.24
CA LEU D 298 24.57 -16.19 22.93
C LEU D 298 25.06 -17.11 21.80
N ILE D 299 26.37 -17.42 21.79
CA ILE D 299 26.94 -18.32 20.78
C ILE D 299 26.28 -19.69 20.86
N GLN D 300 26.11 -20.20 22.10
CA GLN D 300 25.50 -21.51 22.23
C GLN D 300 24.07 -21.50 21.71
N THR D 301 23.30 -20.47 22.06
CA THR D 301 21.91 -20.38 21.56
C THR D 301 21.83 -20.18 20.03
N LEU D 302 22.70 -19.36 19.47
CA LEU D 302 22.72 -19.21 18.02
C LEU D 302 23.02 -20.54 17.35
N SER D 303 23.97 -21.31 17.90
CA SER D 303 24.36 -22.60 17.31
C SER D 303 23.19 -23.58 17.36
N GLU D 304 22.48 -23.61 18.47
CA GLU D 304 21.37 -24.56 18.56
C GLU D 304 20.25 -24.18 17.63
N ASN D 305 20.01 -22.91 17.39
CA ASN D 305 19.01 -22.51 16.41
C ASN D 305 19.45 -22.78 14.99
N ALA D 306 20.73 -22.66 14.71
CA ALA D 306 21.24 -23.08 13.42
C ALA D 306 21.02 -24.56 13.21
N GLU D 307 21.26 -25.36 14.26
CA GLU D 307 21.12 -26.80 14.13
C GLU D 307 19.68 -27.20 13.84
N THR D 308 18.68 -26.40 14.20
CA THR D 308 17.29 -26.73 13.96
C THR D 308 16.75 -26.10 12.68
N LEU D 309 17.61 -25.48 11.88
CA LEU D 309 17.16 -24.91 10.61
C LEU D 309 16.72 -26.02 9.66
N THR D 310 15.65 -25.75 8.92
CA THR D 310 15.12 -26.72 7.94
C THR D 310 15.18 -26.14 6.53
N PRO D 311 15.23 -26.97 5.48
CA PRO D 311 15.06 -26.46 4.11
C PRO D 311 13.83 -25.59 3.98
N GLU D 312 12.72 -25.96 4.64
CA GLU D 312 11.49 -25.19 4.50
C GLU D 312 11.61 -23.79 5.08
N GLN D 313 12.30 -23.61 6.20
CA GLN D 313 12.49 -22.26 6.75
C GLN D 313 13.36 -21.41 5.84
N ILE D 314 14.39 -22.02 5.25
CA ILE D 314 15.20 -21.35 4.25
C ILE D 314 14.34 -20.89 3.07
N PHE D 315 13.52 -21.78 2.53
CA PHE D 315 12.66 -21.36 1.43
C PHE D 315 11.68 -20.28 1.89
N GLN D 316 11.24 -20.33 3.13
CA GLN D 316 10.29 -19.35 3.62
C GLN D 316 10.87 -17.95 3.74
N SER D 317 12.20 -17.82 3.78
N SER D 317 12.19 -17.78 3.70
CA SER D 317 12.78 -16.48 3.77
CA SER D 317 12.77 -16.44 3.74
C SER D 317 13.13 -15.97 2.35
C SER D 317 13.09 -15.93 2.34
N GLN D 318 12.58 -16.57 1.30
CA GLN D 318 12.90 -16.14 -0.06
C GLN D 318 12.39 -14.75 -0.39
N ASP D 319 11.46 -14.21 0.40
CA ASP D 319 10.92 -12.87 0.17
C ASP D 319 11.59 -11.81 1.03
N SER D 320 12.68 -12.16 1.70
CA SER D 320 13.43 -11.15 2.42
C SER D 320 14.23 -10.25 1.48
N ASP D 321 14.66 -9.13 2.04
CA ASP D 321 15.43 -8.14 1.29
C ASP D 321 16.90 -8.55 1.35
N PHE D 322 17.38 -9.20 0.28
CA PHE D 322 18.76 -9.64 0.28
C PHE D 322 19.73 -8.58 -0.19
N ASP D 323 19.24 -7.44 -0.66
CA ASP D 323 20.09 -6.37 -1.18
C ASP D 323 19.55 -5.02 -0.68
N PRO D 324 19.71 -4.76 0.60
CA PRO D 324 19.25 -3.47 1.14
C PRO D 324 19.93 -2.26 0.51
N TYR D 325 21.11 -2.44 -0.06
CA TYR D 325 21.74 -1.35 -0.79
C TYR D 325 20.92 -0.95 -2.02
N GLN D 326 20.57 -1.92 -2.85
CA GLN D 326 19.74 -1.61 -4.00
C GLN D 326 18.38 -1.05 -3.58
N SER D 327 17.75 -1.68 -2.59
CA SER D 327 16.42 -1.22 -2.16
C SER D 327 16.45 0.20 -1.60
N THR D 328 17.53 0.56 -0.91
CA THR D 328 17.62 1.92 -0.38
C THR D 328 17.83 2.92 -1.52
N GLN D 329 18.66 2.54 -2.51
CA GLN D 329 18.84 3.40 -3.68
C GLN D 329 17.53 3.63 -4.41
N LEU D 330 16.69 2.60 -4.53
CA LEU D 330 15.40 2.76 -5.19
C LEU D 330 14.53 3.76 -4.45
N VAL D 331 14.46 3.60 -3.13
CA VAL D 331 13.60 4.48 -2.34
C VAL D 331 14.11 5.91 -2.41
N PHE D 332 15.42 6.08 -2.27
CA PHE D 332 15.99 7.42 -2.32
C PHE D 332 15.72 8.09 -3.68
N ARG D 333 15.93 7.37 -4.79
CA ARG D 333 15.66 7.92 -6.11
C ARG D 333 14.18 8.23 -6.34
N GLN D 334 13.30 7.40 -5.79
CA GLN D 334 11.87 7.72 -5.84
C GLN D 334 11.58 9.02 -5.09
N LEU D 335 12.20 9.21 -3.92
CA LEU D 335 11.97 10.43 -3.15
C LEU D 335 12.51 11.66 -3.89
N LEU D 336 13.56 11.49 -4.67
CA LEU D 336 14.17 12.59 -5.41
C LEU D 336 13.36 13.02 -6.60
N THR D 337 12.40 12.22 -7.01
CA THR D 337 11.67 12.64 -8.22
C THR D 337 10.89 13.93 -7.99
N SER D 338 10.78 14.40 -6.74
CA SER D 338 10.05 15.64 -6.50
C SER D 338 10.89 16.85 -6.87
N TYR D 339 12.17 16.65 -7.08
CA TYR D 339 13.06 17.69 -7.60
C TYR D 339 13.10 17.59 -9.11
N LYS D 340 13.05 18.74 -9.78
CA LYS D 340 13.01 18.77 -11.24
C LYS D 340 14.43 18.67 -11.79
N PHE D 341 14.85 17.45 -12.10
CA PHE D 341 16.07 17.23 -12.84
C PHE D 341 15.78 17.47 -14.33
#